data_1TP6
# 
_entry.id   1TP6 
# 
_audit_conform.dict_name       mmcif_pdbx.dic 
_audit_conform.dict_version    5.386 
_audit_conform.dict_location   http://mmcif.pdb.org/dictionaries/ascii/mmcif_pdbx.dic 
# 
loop_
_database_2.database_id 
_database_2.database_code 
_database_2.pdbx_database_accession 
_database_2.pdbx_DOI 
PDB   1TP6         pdb_00001tp6 10.2210/pdb1tp6/pdb 
RCSB  RCSB022812   ?            ?                   
WWPDB D_1000022812 ?            ?                   
# 
loop_
_pdbx_audit_revision_history.ordinal 
_pdbx_audit_revision_history.data_content_type 
_pdbx_audit_revision_history.major_revision 
_pdbx_audit_revision_history.minor_revision 
_pdbx_audit_revision_history.revision_date 
1 'Structure model' 1 0 2004-08-03 
2 'Structure model' 1 1 2008-04-30 
3 'Structure model' 1 2 2011-07-13 
4 'Structure model' 1 3 2024-02-14 
# 
_pdbx_audit_revision_details.ordinal             1 
_pdbx_audit_revision_details.revision_ordinal    1 
_pdbx_audit_revision_details.data_content_type   'Structure model' 
_pdbx_audit_revision_details.provider            repository 
_pdbx_audit_revision_details.type                'Initial release' 
_pdbx_audit_revision_details.description         ? 
_pdbx_audit_revision_details.details             ? 
# 
loop_
_pdbx_audit_revision_group.ordinal 
_pdbx_audit_revision_group.revision_ordinal 
_pdbx_audit_revision_group.data_content_type 
_pdbx_audit_revision_group.group 
1 2 'Structure model' 'Version format compliance' 
2 3 'Structure model' 'Version format compliance' 
3 4 'Structure model' 'Data collection'           
4 4 'Structure model' 'Database references'       
# 
loop_
_pdbx_audit_revision_category.ordinal 
_pdbx_audit_revision_category.revision_ordinal 
_pdbx_audit_revision_category.data_content_type 
_pdbx_audit_revision_category.category 
1 4 'Structure model' chem_comp_atom 
2 4 'Structure model' chem_comp_bond 
3 4 'Structure model' database_2     
# 
loop_
_pdbx_audit_revision_item.ordinal 
_pdbx_audit_revision_item.revision_ordinal 
_pdbx_audit_revision_item.data_content_type 
_pdbx_audit_revision_item.item 
1 4 'Structure model' '_database_2.pdbx_DOI'                
2 4 'Structure model' '_database_2.pdbx_database_accession' 
# 
_pdbx_database_status.status_code                     REL 
_pdbx_database_status.entry_id                        1TP6 
_pdbx_database_status.recvd_initial_deposition_date   2004-06-15 
_pdbx_database_status.deposit_site                    RCSB 
_pdbx_database_status.process_site                    RCSB 
_pdbx_database_status.SG_entry                        Y 
_pdbx_database_status.status_code_sf                  REL 
_pdbx_database_status.pdb_format_compatible           Y 
_pdbx_database_status.status_code_mr                  ? 
_pdbx_database_status.status_code_cs                  ? 
_pdbx_database_status.status_code_nmr_data            ? 
_pdbx_database_status.methods_development_category    ? 
# 
_pdbx_database_related.db_name        TargetDB 
_pdbx_database_related.db_id          APC5545 
_pdbx_database_related.details        . 
_pdbx_database_related.content_type   unspecified 
# 
loop_
_audit_author.name 
_audit_author.pdbx_ordinal 
'Zhang, R.'                                     1 
'Xu, L.X.'                                      2 
'savchenko, A.'                                 3 
'Edwards, A.'                                   4 
'Joachimiak, A.'                                5 
'Midwest Center for Structural Genomics (MCSG)' 6 
# 
_citation.id                        primary 
_citation.title                     '1.5A crystal structure of a hypothetical protein PA1314 from Pseudomonas aeruginosa' 
_citation.journal_abbrev            'To be Published' 
_citation.journal_volume            ? 
_citation.page_first                ? 
_citation.page_last                 ? 
_citation.year                      ? 
_citation.journal_id_ASTM           ? 
_citation.country                   ? 
_citation.journal_id_ISSN           ? 
_citation.journal_id_CSD            0353 
_citation.book_publisher            ? 
_citation.pdbx_database_id_PubMed   ? 
_citation.pdbx_database_id_DOI      ? 
# 
loop_
_citation_author.citation_id 
_citation_author.name 
_citation_author.ordinal 
_citation_author.identifier_ORCID 
primary 'Zhang, R.'      1 ? 
primary 'Xu, L.X.'       2 ? 
primary 'Savchenko, A.'  3 ? 
primary 'Edwards, A.'    4 ? 
primary 'Joachimiak, A.' 5 ? 
# 
loop_
_entity.id 
_entity.type 
_entity.src_method 
_entity.pdbx_description 
_entity.formula_weight 
_entity.pdbx_number_of_molecules 
_entity.pdbx_ec 
_entity.pdbx_mutation 
_entity.pdbx_fragment 
_entity.details 
1 polymer man 'hypothetical protein PA1314' 14234.001 1   ? ? ? ? 
2 water   nat water                         18.015    143 ? ? ? ? 
# 
_entity_poly.entity_id                      1 
_entity_poly.type                           'polypeptide(L)' 
_entity_poly.nstd_linkage                   no 
_entity_poly.nstd_monomer                   no 
_entity_poly.pdbx_seq_one_letter_code       
;MTCAYRREIHHAHVAIRDWLAGDSRADALDALMARFAEDFSMVTPHGVVLDKTALGELFRSKGGTRPGLRIEIDGESLLA
SGVDGATLAYREIQSDAAGRSERLSTVVLHRDDEGRLYWRHLQETFCG
;
_entity_poly.pdbx_seq_one_letter_code_can   
;MTCAYRREIHHAHVAIRDWLAGDSRADALDALMARFAEDFSMVTPHGVVLDKTALGELFRSKGGTRPGLRIEIDGESLLA
SGVDGATLAYREIQSDAAGRSERLSTVVLHRDDEGRLYWRHLQETFCG
;
_entity_poly.pdbx_strand_id                 A 
_entity_poly.pdbx_target_identifier         APC5545 
# 
_pdbx_entity_nonpoly.entity_id   2 
_pdbx_entity_nonpoly.name        water 
_pdbx_entity_nonpoly.comp_id     HOH 
# 
loop_
_entity_poly_seq.entity_id 
_entity_poly_seq.num 
_entity_poly_seq.mon_id 
_entity_poly_seq.hetero 
1 1   MET n 
1 2   THR n 
1 3   CYS n 
1 4   ALA n 
1 5   TYR n 
1 6   ARG n 
1 7   ARG n 
1 8   GLU n 
1 9   ILE n 
1 10  HIS n 
1 11  HIS n 
1 12  ALA n 
1 13  HIS n 
1 14  VAL n 
1 15  ALA n 
1 16  ILE n 
1 17  ARG n 
1 18  ASP n 
1 19  TRP n 
1 20  LEU n 
1 21  ALA n 
1 22  GLY n 
1 23  ASP n 
1 24  SER n 
1 25  ARG n 
1 26  ALA n 
1 27  ASP n 
1 28  ALA n 
1 29  LEU n 
1 30  ASP n 
1 31  ALA n 
1 32  LEU n 
1 33  MET n 
1 34  ALA n 
1 35  ARG n 
1 36  PHE n 
1 37  ALA n 
1 38  GLU n 
1 39  ASP n 
1 40  PHE n 
1 41  SER n 
1 42  MET n 
1 43  VAL n 
1 44  THR n 
1 45  PRO n 
1 46  HIS n 
1 47  GLY n 
1 48  VAL n 
1 49  VAL n 
1 50  LEU n 
1 51  ASP n 
1 52  LYS n 
1 53  THR n 
1 54  ALA n 
1 55  LEU n 
1 56  GLY n 
1 57  GLU n 
1 58  LEU n 
1 59  PHE n 
1 60  ARG n 
1 61  SER n 
1 62  LYS n 
1 63  GLY n 
1 64  GLY n 
1 65  THR n 
1 66  ARG n 
1 67  PRO n 
1 68  GLY n 
1 69  LEU n 
1 70  ARG n 
1 71  ILE n 
1 72  GLU n 
1 73  ILE n 
1 74  ASP n 
1 75  GLY n 
1 76  GLU n 
1 77  SER n 
1 78  LEU n 
1 79  LEU n 
1 80  ALA n 
1 81  SER n 
1 82  GLY n 
1 83  VAL n 
1 84  ASP n 
1 85  GLY n 
1 86  ALA n 
1 87  THR n 
1 88  LEU n 
1 89  ALA n 
1 90  TYR n 
1 91  ARG n 
1 92  GLU n 
1 93  ILE n 
1 94  GLN n 
1 95  SER n 
1 96  ASP n 
1 97  ALA n 
1 98  ALA n 
1 99  GLY n 
1 100 ARG n 
1 101 SER n 
1 102 GLU n 
1 103 ARG n 
1 104 LEU n 
1 105 SER n 
1 106 THR n 
1 107 VAL n 
1 108 VAL n 
1 109 LEU n 
1 110 HIS n 
1 111 ARG n 
1 112 ASP n 
1 113 ASP n 
1 114 GLU n 
1 115 GLY n 
1 116 ARG n 
1 117 LEU n 
1 118 TYR n 
1 119 TRP n 
1 120 ARG n 
1 121 HIS n 
1 122 LEU n 
1 123 GLN n 
1 124 GLU n 
1 125 THR n 
1 126 PHE n 
1 127 CYS n 
1 128 GLY n 
# 
_entity_src_gen.entity_id                          1 
_entity_src_gen.pdbx_src_id                        1 
_entity_src_gen.pdbx_alt_source_flag               sample 
_entity_src_gen.pdbx_seq_type                      ? 
_entity_src_gen.pdbx_beg_seq_num                   ? 
_entity_src_gen.pdbx_end_seq_num                   ? 
_entity_src_gen.gene_src_common_name               ? 
_entity_src_gen.gene_src_genus                     Pseudomonas 
_entity_src_gen.pdbx_gene_src_gene                 ? 
_entity_src_gen.gene_src_species                   'Pseudomonas aeruginosa' 
_entity_src_gen.gene_src_strain                    PA01 
_entity_src_gen.gene_src_tissue                    ? 
_entity_src_gen.gene_src_tissue_fraction           ? 
_entity_src_gen.gene_src_details                   ? 
_entity_src_gen.pdbx_gene_src_fragment             ? 
_entity_src_gen.pdbx_gene_src_scientific_name      'Pseudomonas aeruginosa PAO1' 
_entity_src_gen.pdbx_gene_src_ncbi_taxonomy_id     208964 
_entity_src_gen.pdbx_gene_src_variant              ? 
_entity_src_gen.pdbx_gene_src_cell_line            ? 
_entity_src_gen.pdbx_gene_src_atcc                 ? 
_entity_src_gen.pdbx_gene_src_organ                ? 
_entity_src_gen.pdbx_gene_src_organelle            ? 
_entity_src_gen.pdbx_gene_src_cell                 ? 
_entity_src_gen.pdbx_gene_src_cellular_location    ? 
_entity_src_gen.host_org_common_name               ? 
_entity_src_gen.pdbx_host_org_scientific_name      'Escherichia coli BL21(DE3)' 
_entity_src_gen.pdbx_host_org_ncbi_taxonomy_id     469008 
_entity_src_gen.host_org_genus                     Escherichia 
_entity_src_gen.pdbx_host_org_gene                 ? 
_entity_src_gen.pdbx_host_org_organ                ? 
_entity_src_gen.host_org_species                   'Escherichia coli' 
_entity_src_gen.pdbx_host_org_tissue               ? 
_entity_src_gen.pdbx_host_org_tissue_fraction      ? 
_entity_src_gen.pdbx_host_org_strain               'BL21 (DE3)' 
_entity_src_gen.pdbx_host_org_variant              ? 
_entity_src_gen.pdbx_host_org_cell_line            ? 
_entity_src_gen.pdbx_host_org_atcc                 ? 
_entity_src_gen.pdbx_host_org_culture_collection   ? 
_entity_src_gen.pdbx_host_org_cell                 ? 
_entity_src_gen.pdbx_host_org_organelle            ? 
_entity_src_gen.pdbx_host_org_cellular_location    ? 
_entity_src_gen.pdbx_host_org_vector_type          plasmid 
_entity_src_gen.pdbx_host_org_vector               ? 
_entity_src_gen.host_org_details                   ? 
_entity_src_gen.expression_system_id               ? 
_entity_src_gen.plasmid_name                       pET15b 
_entity_src_gen.plasmid_details                    ? 
_entity_src_gen.pdbx_description                   ? 
# 
loop_
_chem_comp.id 
_chem_comp.type 
_chem_comp.mon_nstd_flag 
_chem_comp.name 
_chem_comp.pdbx_synonyms 
_chem_comp.formula 
_chem_comp.formula_weight 
ALA 'L-peptide linking' y ALANINE         ? 'C3 H7 N O2'     89.093  
ARG 'L-peptide linking' y ARGININE        ? 'C6 H15 N4 O2 1' 175.209 
ASP 'L-peptide linking' y 'ASPARTIC ACID' ? 'C4 H7 N O4'     133.103 
CYS 'L-peptide linking' y CYSTEINE        ? 'C3 H7 N O2 S'   121.158 
GLN 'L-peptide linking' y GLUTAMINE       ? 'C5 H10 N2 O3'   146.144 
GLU 'L-peptide linking' y 'GLUTAMIC ACID' ? 'C5 H9 N O4'     147.129 
GLY 'peptide linking'   y GLYCINE         ? 'C2 H5 N O2'     75.067  
HIS 'L-peptide linking' y HISTIDINE       ? 'C6 H10 N3 O2 1' 156.162 
HOH non-polymer         . WATER           ? 'H2 O'           18.015  
ILE 'L-peptide linking' y ISOLEUCINE      ? 'C6 H13 N O2'    131.173 
LEU 'L-peptide linking' y LEUCINE         ? 'C6 H13 N O2'    131.173 
LYS 'L-peptide linking' y LYSINE          ? 'C6 H15 N2 O2 1' 147.195 
MET 'L-peptide linking' y METHIONINE      ? 'C5 H11 N O2 S'  149.211 
PHE 'L-peptide linking' y PHENYLALANINE   ? 'C9 H11 N O2'    165.189 
PRO 'L-peptide linking' y PROLINE         ? 'C5 H9 N O2'     115.130 
SER 'L-peptide linking' y SERINE          ? 'C3 H7 N O3'     105.093 
THR 'L-peptide linking' y THREONINE       ? 'C4 H9 N O3'     119.119 
TRP 'L-peptide linking' y TRYPTOPHAN      ? 'C11 H12 N2 O2'  204.225 
TYR 'L-peptide linking' y TYROSINE        ? 'C9 H11 N O3'    181.189 
VAL 'L-peptide linking' y VALINE          ? 'C5 H11 N O2'    117.146 
# 
loop_
_pdbx_poly_seq_scheme.asym_id 
_pdbx_poly_seq_scheme.entity_id 
_pdbx_poly_seq_scheme.seq_id 
_pdbx_poly_seq_scheme.mon_id 
_pdbx_poly_seq_scheme.ndb_seq_num 
_pdbx_poly_seq_scheme.pdb_seq_num 
_pdbx_poly_seq_scheme.auth_seq_num 
_pdbx_poly_seq_scheme.pdb_mon_id 
_pdbx_poly_seq_scheme.auth_mon_id 
_pdbx_poly_seq_scheme.pdb_strand_id 
_pdbx_poly_seq_scheme.pdb_ins_code 
_pdbx_poly_seq_scheme.hetero 
A 1 1   MET 1   1   ?   ?   ?   A . n 
A 1 2   THR 2   2   ?   ?   ?   A . n 
A 1 3   CYS 3   3   3   CYS CYS A . n 
A 1 4   ALA 4   4   4   ALA ALA A . n 
A 1 5   TYR 5   5   5   TYR TYR A . n 
A 1 6   ARG 6   6   6   ARG ARG A . n 
A 1 7   ARG 7   7   7   ARG ARG A . n 
A 1 8   GLU 8   8   8   GLU GLU A . n 
A 1 9   ILE 9   9   9   ILE ILE A . n 
A 1 10  HIS 10  10  10  HIS HIS A . n 
A 1 11  HIS 11  11  11  HIS HIS A . n 
A 1 12  ALA 12  12  12  ALA ALA A . n 
A 1 13  HIS 13  13  13  HIS HIS A . n 
A 1 14  VAL 14  14  14  VAL VAL A . n 
A 1 15  ALA 15  15  15  ALA ALA A . n 
A 1 16  ILE 16  16  16  ILE ILE A . n 
A 1 17  ARG 17  17  17  ARG ARG A . n 
A 1 18  ASP 18  18  18  ASP ASP A . n 
A 1 19  TRP 19  19  19  TRP TRP A . n 
A 1 20  LEU 20  20  20  LEU LEU A . n 
A 1 21  ALA 21  21  21  ALA ALA A . n 
A 1 22  GLY 22  22  22  GLY GLY A . n 
A 1 23  ASP 23  23  23  ASP ASP A . n 
A 1 24  SER 24  24  24  SER SER A . n 
A 1 25  ARG 25  25  25  ARG ARG A . n 
A 1 26  ALA 26  26  26  ALA ALA A . n 
A 1 27  ASP 27  27  27  ASP ASP A . n 
A 1 28  ALA 28  28  28  ALA ALA A . n 
A 1 29  LEU 29  29  29  LEU LEU A . n 
A 1 30  ASP 30  30  30  ASP ASP A . n 
A 1 31  ALA 31  31  31  ALA ALA A . n 
A 1 32  LEU 32  32  32  LEU LEU A . n 
A 1 33  MET 33  33  33  MET MET A . n 
A 1 34  ALA 34  34  34  ALA ALA A . n 
A 1 35  ARG 35  35  35  ARG ARG A . n 
A 1 36  PHE 36  36  36  PHE PHE A . n 
A 1 37  ALA 37  37  37  ALA ALA A . n 
A 1 38  GLU 38  38  38  GLU GLU A . n 
A 1 39  ASP 39  39  39  ASP ASP A . n 
A 1 40  PHE 40  40  40  PHE PHE A . n 
A 1 41  SER 41  41  41  SER SER A . n 
A 1 42  MET 42  42  42  MET MET A . n 
A 1 43  VAL 43  43  43  VAL VAL A . n 
A 1 44  THR 44  44  44  THR THR A . n 
A 1 45  PRO 45  45  45  PRO PRO A . n 
A 1 46  HIS 46  46  46  HIS HIS A . n 
A 1 47  GLY 47  47  47  GLY GLY A . n 
A 1 48  VAL 48  48  48  VAL VAL A . n 
A 1 49  VAL 49  49  49  VAL VAL A . n 
A 1 50  LEU 50  50  50  LEU LEU A . n 
A 1 51  ASP 51  51  51  ASP ASP A . n 
A 1 52  LYS 52  52  52  LYS LYS A . n 
A 1 53  THR 53  53  53  THR THR A . n 
A 1 54  ALA 54  54  54  ALA ALA A . n 
A 1 55  LEU 55  55  55  LEU LEU A . n 
A 1 56  GLY 56  56  56  GLY GLY A . n 
A 1 57  GLU 57  57  57  GLU GLU A . n 
A 1 58  LEU 58  58  58  LEU LEU A . n 
A 1 59  PHE 59  59  59  PHE PHE A . n 
A 1 60  ARG 60  60  60  ARG ARG A . n 
A 1 61  SER 61  61  61  SER SER A . n 
A 1 62  LYS 62  62  62  LYS LYS A . n 
A 1 63  GLY 63  63  63  GLY GLY A . n 
A 1 64  GLY 64  64  64  GLY GLY A . n 
A 1 65  THR 65  65  65  THR THR A . n 
A 1 66  ARG 66  66  66  ARG ARG A . n 
A 1 67  PRO 67  67  67  PRO PRO A . n 
A 1 68  GLY 68  68  68  GLY GLY A . n 
A 1 69  LEU 69  69  69  LEU LEU A . n 
A 1 70  ARG 70  70  70  ARG ARG A . n 
A 1 71  ILE 71  71  71  ILE ILE A . n 
A 1 72  GLU 72  72  72  GLU GLU A . n 
A 1 73  ILE 73  73  73  ILE ILE A . n 
A 1 74  ASP 74  74  74  ASP ASP A . n 
A 1 75  GLY 75  75  75  GLY GLY A . n 
A 1 76  GLU 76  76  76  GLU GLU A . n 
A 1 77  SER 77  77  77  SER SER A . n 
A 1 78  LEU 78  78  78  LEU LEU A . n 
A 1 79  LEU 79  79  79  LEU LEU A . n 
A 1 80  ALA 80  80  80  ALA ALA A . n 
A 1 81  SER 81  81  81  SER SER A . n 
A 1 82  GLY 82  82  82  GLY GLY A . n 
A 1 83  VAL 83  83  83  VAL VAL A . n 
A 1 84  ASP 84  84  84  ASP ASP A . n 
A 1 85  GLY 85  85  85  GLY GLY A . n 
A 1 86  ALA 86  86  86  ALA ALA A . n 
A 1 87  THR 87  87  87  THR THR A . n 
A 1 88  LEU 88  88  88  LEU LEU A . n 
A 1 89  ALA 89  89  89  ALA ALA A . n 
A 1 90  TYR 90  90  90  TYR TYR A . n 
A 1 91  ARG 91  91  91  ARG ARG A . n 
A 1 92  GLU 92  92  92  GLU GLU A . n 
A 1 93  ILE 93  93  93  ILE ILE A . n 
A 1 94  GLN 94  94  94  GLN GLN A . n 
A 1 95  SER 95  95  95  SER SER A . n 
A 1 96  ASP 96  96  96  ASP ASP A . n 
A 1 97  ALA 97  97  97  ALA ALA A . n 
A 1 98  ALA 98  98  98  ALA ALA A . n 
A 1 99  GLY 99  99  99  GLY GLY A . n 
A 1 100 ARG 100 100 100 ARG ARG A . n 
A 1 101 SER 101 101 101 SER SER A . n 
A 1 102 GLU 102 102 102 GLU GLU A . n 
A 1 103 ARG 103 103 103 ARG ARG A . n 
A 1 104 LEU 104 104 104 LEU LEU A . n 
A 1 105 SER 105 105 105 SER SER A . n 
A 1 106 THR 106 106 106 THR THR A . n 
A 1 107 VAL 107 107 107 VAL VAL A . n 
A 1 108 VAL 108 108 108 VAL VAL A . n 
A 1 109 LEU 109 109 109 LEU LEU A . n 
A 1 110 HIS 110 110 110 HIS HIS A . n 
A 1 111 ARG 111 111 111 ARG ARG A . n 
A 1 112 ASP 112 112 112 ASP ASP A . n 
A 1 113 ASP 113 113 113 ASP ASP A . n 
A 1 114 GLU 114 114 114 GLU GLU A . n 
A 1 115 GLY 115 115 115 GLY GLY A . n 
A 1 116 ARG 116 116 116 ARG ARG A . n 
A 1 117 LEU 117 117 117 LEU LEU A . n 
A 1 118 TYR 118 118 118 TYR TYR A . n 
A 1 119 TRP 119 119 119 TRP TRP A . n 
A 1 120 ARG 120 120 120 ARG ARG A . n 
A 1 121 HIS 121 121 121 HIS HIS A . n 
A 1 122 LEU 122 122 122 LEU LEU A . n 
A 1 123 GLN 123 123 123 GLN GLN A . n 
A 1 124 GLU 124 124 124 GLU GLU A . n 
A 1 125 THR 125 125 125 THR THR A . n 
A 1 126 PHE 126 126 126 PHE PHE A . n 
A 1 127 CYS 127 127 127 CYS CYS A . n 
A 1 128 GLY 128 128 128 GLY GLY A . n 
# 
loop_
_pdbx_nonpoly_scheme.asym_id 
_pdbx_nonpoly_scheme.entity_id 
_pdbx_nonpoly_scheme.mon_id 
_pdbx_nonpoly_scheme.ndb_seq_num 
_pdbx_nonpoly_scheme.pdb_seq_num 
_pdbx_nonpoly_scheme.auth_seq_num 
_pdbx_nonpoly_scheme.pdb_mon_id 
_pdbx_nonpoly_scheme.auth_mon_id 
_pdbx_nonpoly_scheme.pdb_strand_id 
_pdbx_nonpoly_scheme.pdb_ins_code 
B 2 HOH 1   525 525 HOH TIP A . 
B 2 HOH 2   526 526 HOH TIP A . 
B 2 HOH 3   527 527 HOH TIP A . 
B 2 HOH 4   528 528 HOH TIP A . 
B 2 HOH 5   529 529 HOH TIP A . 
B 2 HOH 6   530 530 HOH TIP A . 
B 2 HOH 7   531 531 HOH TIP A . 
B 2 HOH 8   532 532 HOH TIP A . 
B 2 HOH 9   533 533 HOH TIP A . 
B 2 HOH 10  534 534 HOH TIP A . 
B 2 HOH 11  535 535 HOH TIP A . 
B 2 HOH 12  536 536 HOH TIP A . 
B 2 HOH 13  537 537 HOH TIP A . 
B 2 HOH 14  538 538 HOH TIP A . 
B 2 HOH 15  539 539 HOH TIP A . 
B 2 HOH 16  540 540 HOH TIP A . 
B 2 HOH 17  541 541 HOH TIP A . 
B 2 HOH 18  542 542 HOH TIP A . 
B 2 HOH 19  543 543 HOH TIP A . 
B 2 HOH 20  544 544 HOH TIP A . 
B 2 HOH 21  545 545 HOH TIP A . 
B 2 HOH 22  546 546 HOH TIP A . 
B 2 HOH 23  547 547 HOH TIP A . 
B 2 HOH 24  548 548 HOH TIP A . 
B 2 HOH 25  549 549 HOH TIP A . 
B 2 HOH 26  550 550 HOH TIP A . 
B 2 HOH 27  551 551 HOH TIP A . 
B 2 HOH 28  552 552 HOH TIP A . 
B 2 HOH 29  553 553 HOH TIP A . 
B 2 HOH 30  554 554 HOH TIP A . 
B 2 HOH 31  555 555 HOH TIP A . 
B 2 HOH 32  556 556 HOH TIP A . 
B 2 HOH 33  557 557 HOH TIP A . 
B 2 HOH 34  558 558 HOH TIP A . 
B 2 HOH 35  559 559 HOH TIP A . 
B 2 HOH 36  560 560 HOH TIP A . 
B 2 HOH 37  561 561 HOH TIP A . 
B 2 HOH 38  562 562 HOH TIP A . 
B 2 HOH 39  563 563 HOH TIP A . 
B 2 HOH 40  564 564 HOH TIP A . 
B 2 HOH 41  565 565 HOH TIP A . 
B 2 HOH 42  566 566 HOH TIP A . 
B 2 HOH 43  567 567 HOH TIP A . 
B 2 HOH 44  568 568 HOH TIP A . 
B 2 HOH 45  569 569 HOH TIP A . 
B 2 HOH 46  570 570 HOH TIP A . 
B 2 HOH 47  571 571 HOH TIP A . 
B 2 HOH 48  572 572 HOH TIP A . 
B 2 HOH 49  573 573 HOH TIP A . 
B 2 HOH 50  574 574 HOH TIP A . 
B 2 HOH 51  575 575 HOH TIP A . 
B 2 HOH 52  576 576 HOH TIP A . 
B 2 HOH 53  577 577 HOH TIP A . 
B 2 HOH 54  578 578 HOH TIP A . 
B 2 HOH 55  579 579 HOH TIP A . 
B 2 HOH 56  580 580 HOH TIP A . 
B 2 HOH 57  581 581 HOH TIP A . 
B 2 HOH 58  582 582 HOH TIP A . 
B 2 HOH 59  583 583 HOH TIP A . 
B 2 HOH 60  584 584 HOH TIP A . 
B 2 HOH 61  585 585 HOH TIP A . 
B 2 HOH 62  586 586 HOH TIP A . 
B 2 HOH 63  587 587 HOH TIP A . 
B 2 HOH 64  588 588 HOH TIP A . 
B 2 HOH 65  589 589 HOH TIP A . 
B 2 HOH 66  590 590 HOH TIP A . 
B 2 HOH 67  591 591 HOH TIP A . 
B 2 HOH 68  592 592 HOH TIP A . 
B 2 HOH 69  593 593 HOH TIP A . 
B 2 HOH 70  594 594 HOH TIP A . 
B 2 HOH 71  595 595 HOH TIP A . 
B 2 HOH 72  596 596 HOH TIP A . 
B 2 HOH 73  597 597 HOH TIP A . 
B 2 HOH 74  598 598 HOH TIP A . 
B 2 HOH 75  599 599 HOH TIP A . 
B 2 HOH 76  600 600 HOH TIP A . 
B 2 HOH 77  601 601 HOH TIP A . 
B 2 HOH 78  602 602 HOH TIP A . 
B 2 HOH 79  603 603 HOH TIP A . 
B 2 HOH 80  604 604 HOH TIP A . 
B 2 HOH 81  605 605 HOH TIP A . 
B 2 HOH 82  606 606 HOH TIP A . 
B 2 HOH 83  607 607 HOH TIP A . 
B 2 HOH 84  608 608 HOH TIP A . 
B 2 HOH 85  609 609 HOH TIP A . 
B 2 HOH 86  610 610 HOH TIP A . 
B 2 HOH 87  611 611 HOH TIP A . 
B 2 HOH 88  612 612 HOH TIP A . 
B 2 HOH 89  613 613 HOH TIP A . 
B 2 HOH 90  614 614 HOH TIP A . 
B 2 HOH 91  615 615 HOH TIP A . 
B 2 HOH 92  616 616 HOH TIP A . 
B 2 HOH 93  617 617 HOH TIP A . 
B 2 HOH 94  618 618 HOH TIP A . 
B 2 HOH 95  619 619 HOH TIP A . 
B 2 HOH 96  620 620 HOH TIP A . 
B 2 HOH 97  621 621 HOH TIP A . 
B 2 HOH 98  622 622 HOH TIP A . 
B 2 HOH 99  623 623 HOH TIP A . 
B 2 HOH 100 624 624 HOH TIP A . 
B 2 HOH 101 625 625 HOH TIP A . 
B 2 HOH 102 626 626 HOH TIP A . 
B 2 HOH 103 627 627 HOH TIP A . 
B 2 HOH 104 628 628 HOH TIP A . 
B 2 HOH 105 629 629 HOH TIP A . 
B 2 HOH 106 630 630 HOH TIP A . 
B 2 HOH 107 631 631 HOH TIP A . 
B 2 HOH 108 632 632 HOH TIP A . 
B 2 HOH 109 633 633 HOH TIP A . 
B 2 HOH 110 634 634 HOH TIP A . 
B 2 HOH 111 635 635 HOH TIP A . 
B 2 HOH 112 636 636 HOH TIP A . 
B 2 HOH 113 637 637 HOH TIP A . 
B 2 HOH 114 638 638 HOH TIP A . 
B 2 HOH 115 639 639 HOH TIP A . 
B 2 HOH 116 640 640 HOH TIP A . 
B 2 HOH 117 641 641 HOH TIP A . 
B 2 HOH 118 642 642 HOH TIP A . 
B 2 HOH 119 643 643 HOH TIP A . 
B 2 HOH 120 644 644 HOH TIP A . 
B 2 HOH 121 645 645 HOH TIP A . 
B 2 HOH 122 646 646 HOH TIP A . 
B 2 HOH 123 647 647 HOH TIP A . 
B 2 HOH 124 648 648 HOH TIP A . 
B 2 HOH 125 649 649 HOH TIP A . 
B 2 HOH 126 650 650 HOH TIP A . 
B 2 HOH 127 651 651 HOH TIP A . 
B 2 HOH 128 652 652 HOH TIP A . 
B 2 HOH 129 653 653 HOH TIP A . 
B 2 HOH 130 654 654 HOH TIP A . 
B 2 HOH 131 655 655 HOH TIP A . 
B 2 HOH 132 656 656 HOH TIP A . 
B 2 HOH 133 657 657 HOH TIP A . 
B 2 HOH 134 658 658 HOH TIP A . 
B 2 HOH 135 659 659 HOH TIP A . 
B 2 HOH 136 660 660 HOH TIP A . 
B 2 HOH 137 661 661 HOH TIP A . 
B 2 HOH 138 662 662 HOH TIP A . 
B 2 HOH 139 663 663 HOH TIP A . 
B 2 HOH 140 664 664 HOH TIP A . 
B 2 HOH 141 665 665 HOH TIP A . 
B 2 HOH 142 666 666 HOH TIP A . 
B 2 HOH 143 667 667 HOH TIP A . 
# 
loop_
_software.name 
_software.classification 
_software.version 
_software.citation_id 
_software.pdbx_ordinal 
SBC-Collect 'data collection' . ? 1 
HKL-2000    'data reduction'  . ? 2 
CNS         refinement        . ? 3 
HKL-2000    'data scaling'    . ? 4 
CNS         phasing           . ? 5 
# 
_cell.entry_id           1TP6 
_cell.length_a           96.802 
_cell.length_b           36.309 
_cell.length_c           29.570 
_cell.angle_alpha        90.00 
_cell.angle_beta         100.71 
_cell.angle_gamma        90.00 
_cell.Z_PDB              4 
_cell.pdbx_unique_axis   ? 
# 
_symmetry.entry_id                         1TP6 
_symmetry.space_group_name_H-M             'C 1 2 1' 
_symmetry.pdbx_full_space_group_name_H-M   ? 
_symmetry.cell_setting                     ? 
_symmetry.Int_Tables_number                5 
_symmetry.space_group_name_Hall            ? 
# 
_exptl.entry_id          1TP6 
_exptl.method            'X-RAY DIFFRACTION' 
_exptl.crystals_number   1 
# 
_exptl_crystal.id                    1 
_exptl_crystal.density_meas          ? 
_exptl_crystal.density_Matthews      1.741 
_exptl_crystal.density_percent_sol   27 
_exptl_crystal.description           ? 
_exptl_crystal.F_000                 ? 
_exptl_crystal.preparation           ? 
# 
_exptl_crystal_grow.crystal_id      1 
_exptl_crystal_grow.method          'VAPOR DIFFUSION, HANGING DROP' 
_exptl_crystal_grow.temp            298 
_exptl_crystal_grow.temp_details    ? 
_exptl_crystal_grow.pH              4.2 
_exptl_crystal_grow.pdbx_details    
'0.1 M Sodium Acetate, 0.2 M Sodium Citrate, 4% Glycerol, 25% PEG 3350, pH 4.2, VAPOR DIFFUSION, HANGING DROP, temperature 298K' 
_exptl_crystal_grow.pdbx_pH_range   . 
# 
_diffrn.id                     1 
_diffrn.ambient_temp           100 
_diffrn.ambient_temp_details   ? 
_diffrn.crystal_id             1 
# 
_diffrn_detector.diffrn_id              1 
_diffrn_detector.detector               CCD 
_diffrn_detector.type                   SBC-3 
_diffrn_detector.pdbx_collection_date   2004-05-29 
_diffrn_detector.details                mirrors 
# 
_diffrn_radiation.diffrn_id                        1 
_diffrn_radiation.wavelength_id                    1 
_diffrn_radiation.pdbx_monochromatic_or_laue_m_l   M 
_diffrn_radiation.monochromator                    'Si 111 channel' 
_diffrn_radiation.pdbx_diffrn_protocol             MAD 
_diffrn_radiation.pdbx_scattering_type             x-ray 
# 
loop_
_diffrn_radiation_wavelength.id 
_diffrn_radiation_wavelength.wavelength 
_diffrn_radiation_wavelength.wt 
1 0.9795  1.0 
2 0.9797  1.0 
3 0.94656 1.0 
# 
_diffrn_source.diffrn_id                   1 
_diffrn_source.source                      SYNCHROTRON 
_diffrn_source.type                        'APS BEAMLINE 19-BM' 
_diffrn_source.pdbx_synchrotron_site       APS 
_diffrn_source.pdbx_synchrotron_beamline   19-BM 
_diffrn_source.pdbx_wavelength             ? 
_diffrn_source.pdbx_wavelength_list        0.9795,0.9797,0.94656 
# 
_reflns.entry_id                     1TP6 
_reflns.observed_criterion_sigma_F   2.0 
_reflns.observed_criterion_sigma_I   4.0 
_reflns.d_resolution_high            1.5 
_reflns.d_resolution_low             50 
_reflns.number_all                   31652 
_reflns.number_obs                   30861 
_reflns.percent_possible_obs         97.5 
_reflns.pdbx_Rmerge_I_obs            0.043 
_reflns.pdbx_Rsym_value              ? 
_reflns.pdbx_netI_over_sigmaI        35.07 
_reflns.B_iso_Wilson_estimate        13.6 
_reflns.pdbx_redundancy              4.4 
_reflns.R_free_details               ? 
_reflns.limit_h_max                  ? 
_reflns.limit_h_min                  ? 
_reflns.limit_k_max                  ? 
_reflns.limit_k_min                  ? 
_reflns.limit_l_max                  ? 
_reflns.limit_l_min                  ? 
_reflns.observed_criterion_F_max     ? 
_reflns.observed_criterion_F_min     ? 
_reflns.pdbx_chi_squared             ? 
_reflns.pdbx_scaling_rejects         ? 
_reflns.pdbx_diffrn_id               1 
_reflns.pdbx_ordinal                 1 
# 
_reflns_shell.d_res_high             1.5 
_reflns_shell.d_res_low              1.55 
_reflns_shell.percent_possible_all   80.7 
_reflns_shell.Rmerge_I_obs           0.252 
_reflns_shell.pdbx_Rsym_value        ? 
_reflns_shell.meanI_over_sigI_obs    3.80 
_reflns_shell.pdbx_redundancy        2.7 
_reflns_shell.percent_possible_obs   ? 
_reflns_shell.number_unique_all      3202 
_reflns_shell.number_measured_all    ? 
_reflns_shell.number_measured_obs    ? 
_reflns_shell.number_unique_obs      ? 
_reflns_shell.pdbx_chi_squared       ? 
_reflns_shell.pdbx_diffrn_id         ? 
_reflns_shell.pdbx_ordinal           1 
# 
_refine.entry_id                                 1TP6 
_refine.ls_d_res_high                            1.50 
_refine.ls_d_res_low                             29.06 
_refine.pdbx_ls_sigma_F                          0 
_refine.pdbx_ls_sigma_I                          ? 
_refine.ls_number_reflns_all                     31731 
_refine.ls_number_reflns_obs                     30081 
_refine.ls_number_reflns_R_free                  1485 
_refine.ls_percent_reflns_obs                    94.8 
_refine.ls_R_factor_all                          0.195 
_refine.ls_R_factor_obs                          0.195 
_refine.ls_R_factor_R_work                       0.185 
_refine.ls_R_factor_R_free                       0.226 
_refine.ls_redundancy_reflns_obs                 ? 
_refine.pdbx_data_cutoff_high_absF               ? 
_refine.pdbx_data_cutoff_low_absF                ? 
_refine.ls_number_parameters                     ? 
_refine.ls_number_restraints                     ? 
_refine.ls_percent_reflns_R_free                 ? 
_refine.ls_R_factor_R_free_error                 ? 
_refine.ls_R_factor_R_free_error_details         ? 
_refine.pdbx_method_to_determine_struct          MAD 
_refine.pdbx_starting_model                      ? 
_refine.pdbx_ls_cross_valid_method               THROUGHOUT 
_refine.pdbx_R_Free_selection_details            RANDOM 
_refine.pdbx_stereochem_target_val_spec_case     ? 
_refine.pdbx_stereochemistry_target_values       'Engh & Huber' 
_refine.solvent_model_details                    ? 
_refine.solvent_model_param_bsol                 ? 
_refine.solvent_model_param_ksol                 ? 
_refine.occupancy_max                            ? 
_refine.occupancy_min                            ? 
_refine.pdbx_isotropic_thermal_model             restrained 
_refine.B_iso_mean                               16.2 
_refine.aniso_B[1][1]                            0.65 
_refine.aniso_B[1][2]                            0.00 
_refine.aniso_B[1][3]                            -2.22 
_refine.aniso_B[2][2]                            -2.60 
_refine.aniso_B[2][3]                            0.00 
_refine.aniso_B[3][3]                            1.95 
_refine.details                                  ? 
_refine.B_iso_min                                ? 
_refine.B_iso_max                                ? 
_refine.correlation_coeff_Fo_to_Fc               ? 
_refine.correlation_coeff_Fo_to_Fc_free          ? 
_refine.pdbx_solvent_vdw_probe_radii             ? 
_refine.pdbx_solvent_ion_probe_radii             ? 
_refine.pdbx_solvent_shrinkage_radii             ? 
_refine.overall_SU_R_Cruickshank_DPI             ? 
_refine.overall_SU_R_free                        ? 
_refine.overall_SU_B                             ? 
_refine.overall_SU_ML                            ? 
_refine.pdbx_overall_ESU_R                       ? 
_refine.pdbx_overall_ESU_R_Free                  ? 
_refine.pdbx_data_cutoff_high_rms_absF           ? 
_refine.ls_wR_factor_R_free                      ? 
_refine.ls_wR_factor_R_work                      ? 
_refine.overall_FOM_free_R_set                   ? 
_refine.overall_FOM_work_R_set                   ? 
_refine.pdbx_refine_id                           'X-RAY DIFFRACTION' 
_refine.pdbx_diffrn_id                           1 
_refine.pdbx_TLS_residual_ADP_flag               ? 
_refine.pdbx_overall_phase_error                 ? 
_refine.pdbx_overall_SU_R_free_Cruickshank_DPI   ? 
_refine.pdbx_overall_SU_R_Blow_DPI               ? 
_refine.pdbx_overall_SU_R_free_Blow_DPI          ? 
# 
_refine_analyze.entry_id                        1TP6 
_refine_analyze.Luzzati_coordinate_error_obs    0.17 
_refine_analyze.Luzzati_sigma_a_obs             0.16 
_refine_analyze.Luzzati_d_res_low_obs           5.00 
_refine_analyze.Luzzati_coordinate_error_free   0.19 
_refine_analyze.Luzzati_sigma_a_free            0.13 
_refine_analyze.Luzzati_d_res_low_free          ? 
_refine_analyze.number_disordered_residues      ? 
_refine_analyze.occupancy_sum_non_hydrogen      ? 
_refine_analyze.occupancy_sum_hydrogen          ? 
_refine_analyze.pdbx_Luzzati_d_res_high_obs     ? 
_refine_analyze.pdbx_refine_id                  'X-RAY DIFFRACTION' 
# 
_refine_hist.pdbx_refine_id                   'X-RAY DIFFRACTION' 
_refine_hist.cycle_id                         LAST 
_refine_hist.pdbx_number_atoms_protein        984 
_refine_hist.pdbx_number_atoms_nucleic_acid   0 
_refine_hist.pdbx_number_atoms_ligand         0 
_refine_hist.number_atoms_solvent             143 
_refine_hist.number_atoms_total               1127 
_refine_hist.d_res_high                       1.50 
_refine_hist.d_res_low                        29.06 
# 
loop_
_refine_ls_restr.type 
_refine_ls_restr.dev_ideal 
_refine_ls_restr.dev_ideal_target 
_refine_ls_restr.weight 
_refine_ls_restr.number 
_refine_ls_restr.pdbx_refine_id 
_refine_ls_restr.pdbx_restraint_function 
c_bond_d           0.007 ? ? ? 'X-RAY DIFFRACTION' ? 
c_angle_deg        1.1   ? ? ? 'X-RAY DIFFRACTION' ? 
c_dihedral_angle_d 23.7  ? ? ? 'X-RAY DIFFRACTION' ? 
c_improper_angle_d 0.71  ? ? ? 'X-RAY DIFFRACTION' ? 
# 
_refine_ls_shell.pdbx_total_number_of_bins_used   ? 
_refine_ls_shell.d_res_high                       1.50 
_refine_ls_shell.d_res_low                        1.59 
_refine_ls_shell.number_reflns_R_work             ? 
_refine_ls_shell.R_factor_R_work                  0.231 
_refine_ls_shell.percent_reflns_obs               77.5 
_refine_ls_shell.R_factor_R_free                  0.258 
_refine_ls_shell.R_factor_R_free_error            0.017 
_refine_ls_shell.percent_reflns_R_free            ? 
_refine_ls_shell.number_reflns_R_free             189 
_refine_ls_shell.number_reflns_obs                3901 
_refine_ls_shell.redundancy_reflns_obs            ? 
_refine_ls_shell.number_reflns_all                ? 
_refine_ls_shell.pdbx_refine_id                   'X-RAY DIFFRACTION' 
_refine_ls_shell.R_factor_all                     ? 
# 
_struct.entry_id                  1TP6 
_struct.title                     
'1.5 A Crystal Structure of a NTF-2 Like Protein of Unknown Function PA1314 from Pseudomonas aeruginosa' 
_struct.pdbx_model_details        ? 
_struct.pdbx_CASP_flag            ? 
_struct.pdbx_model_type_details   ? 
# 
_struct_keywords.entry_id        1TP6 
_struct_keywords.pdbx_keywords   'structural genomics, unknown function' 
_struct_keywords.text            
;Structural Genomics, Pseudomonas aeruginosa, alpha-beta sandwich, PSI, Protein Structure Initiative, Midwest Center for Structural Genomics, MCSG, unknown function
;
# 
loop_
_struct_asym.id 
_struct_asym.pdbx_blank_PDB_chainid_flag 
_struct_asym.pdbx_modified 
_struct_asym.entity_id 
_struct_asym.details 
A N N 1 ? 
B N N 2 ? 
# 
_struct_ref.id                         1 
_struct_ref.db_name                    UNP 
_struct_ref.db_code                    Q9I430_PSEAE 
_struct_ref.pdbx_db_accession          Q9I430 
_struct_ref.entity_id                  1 
_struct_ref.pdbx_seq_one_letter_code   
;MTCAYRREIHHAHVAIRDWLAGDSRADALDALMARFAEDFSMVTPHGVVLDKTALGELFRSKGGTRPGLRIEIDGESLLA
SGVDGATLAYREIQSDAAGRSERLSTVVLHRDDEGRLYWRHLQETFCG
;
_struct_ref.pdbx_align_begin           1 
_struct_ref.pdbx_db_isoform            ? 
# 
_struct_ref_seq.align_id                      1 
_struct_ref_seq.ref_id                        1 
_struct_ref_seq.pdbx_PDB_id_code              1TP6 
_struct_ref_seq.pdbx_strand_id                A 
_struct_ref_seq.seq_align_beg                 1 
_struct_ref_seq.pdbx_seq_align_beg_ins_code   ? 
_struct_ref_seq.seq_align_end                 128 
_struct_ref_seq.pdbx_seq_align_end_ins_code   ? 
_struct_ref_seq.pdbx_db_accession             Q9I430 
_struct_ref_seq.db_align_beg                  1 
_struct_ref_seq.pdbx_db_align_beg_ins_code    ? 
_struct_ref_seq.db_align_end                  128 
_struct_ref_seq.pdbx_db_align_end_ins_code    ? 
_struct_ref_seq.pdbx_auth_seq_align_beg       1 
_struct_ref_seq.pdbx_auth_seq_align_end       128 
# 
_pdbx_struct_assembly.id                   1 
_pdbx_struct_assembly.details              author_defined_assembly 
_pdbx_struct_assembly.method_details       ? 
_pdbx_struct_assembly.oligomeric_details   monomeric 
_pdbx_struct_assembly.oligomeric_count     1 
# 
_pdbx_struct_assembly_gen.assembly_id       1 
_pdbx_struct_assembly_gen.oper_expression   1 
_pdbx_struct_assembly_gen.asym_id_list      A,B 
# 
_pdbx_struct_oper_list.id                   1 
_pdbx_struct_oper_list.type                 'identity operation' 
_pdbx_struct_oper_list.name                 1_555 
_pdbx_struct_oper_list.symmetry_operation   x,y,z 
_pdbx_struct_oper_list.matrix[1][1]         1.0000000000 
_pdbx_struct_oper_list.matrix[1][2]         0.0000000000 
_pdbx_struct_oper_list.matrix[1][3]         0.0000000000 
_pdbx_struct_oper_list.vector[1]            0.0000000000 
_pdbx_struct_oper_list.matrix[2][1]         0.0000000000 
_pdbx_struct_oper_list.matrix[2][2]         1.0000000000 
_pdbx_struct_oper_list.matrix[2][3]         0.0000000000 
_pdbx_struct_oper_list.vector[2]            0.0000000000 
_pdbx_struct_oper_list.matrix[3][1]         0.0000000000 
_pdbx_struct_oper_list.matrix[3][2]         0.0000000000 
_pdbx_struct_oper_list.matrix[3][3]         1.0000000000 
_pdbx_struct_oper_list.vector[3]            0.0000000000 
# 
_struct_biol.id                    1 
_struct_biol.details               
;This protein existed as monomer.  
The deposited coords. represents the monomer in the asymmtric unit.
;
_struct_biol.pdbx_parent_biol_id   ? 
# 
loop_
_struct_conf.conf_type_id 
_struct_conf.id 
_struct_conf.pdbx_PDB_helix_id 
_struct_conf.beg_label_comp_id 
_struct_conf.beg_label_asym_id 
_struct_conf.beg_label_seq_id 
_struct_conf.pdbx_beg_PDB_ins_code 
_struct_conf.end_label_comp_id 
_struct_conf.end_label_asym_id 
_struct_conf.end_label_seq_id 
_struct_conf.pdbx_end_PDB_ins_code 
_struct_conf.beg_auth_comp_id 
_struct_conf.beg_auth_asym_id 
_struct_conf.beg_auth_seq_id 
_struct_conf.end_auth_comp_id 
_struct_conf.end_auth_asym_id 
_struct_conf.end_auth_seq_id 
_struct_conf.pdbx_PDB_helix_class 
_struct_conf.details 
_struct_conf.pdbx_PDB_helix_length 
HELX_P HELX_P1 1 CYS A 3  ? GLY A 22 ? CYS A 3  GLY A 22 1 ? 20 
HELX_P HELX_P2 2 ASP A 27 ? ALA A 34 ? ASP A 27 ALA A 34 1 ? 8  
HELX_P HELX_P3 3 LYS A 52 ? GLY A 63 ? LYS A 52 GLY A 63 1 ? 12 
# 
_struct_conf_type.id          HELX_P 
_struct_conf_type.criteria    ? 
_struct_conf_type.reference   ? 
# 
_struct_sheet.id               A 
_struct_sheet.type             ? 
_struct_sheet.number_strands   6 
_struct_sheet.details          ? 
# 
loop_
_struct_sheet_order.sheet_id 
_struct_sheet_order.range_id_1 
_struct_sheet_order.range_id_2 
_struct_sheet_order.offset 
_struct_sheet_order.sense 
A 1 2 ? anti-parallel 
A 2 3 ? parallel      
A 3 4 ? anti-parallel 
A 4 5 ? anti-parallel 
A 5 6 ? anti-parallel 
# 
loop_
_struct_sheet_range.sheet_id 
_struct_sheet_range.id 
_struct_sheet_range.beg_label_comp_id 
_struct_sheet_range.beg_label_asym_id 
_struct_sheet_range.beg_label_seq_id 
_struct_sheet_range.pdbx_beg_PDB_ins_code 
_struct_sheet_range.end_label_comp_id 
_struct_sheet_range.end_label_asym_id 
_struct_sheet_range.end_label_seq_id 
_struct_sheet_range.pdbx_end_PDB_ins_code 
_struct_sheet_range.beg_auth_comp_id 
_struct_sheet_range.beg_auth_asym_id 
_struct_sheet_range.beg_auth_seq_id 
_struct_sheet_range.end_auth_comp_id 
_struct_sheet_range.end_auth_asym_id 
_struct_sheet_range.end_auth_seq_id 
A 1 VAL A 49  ? ASP A 51  ? VAL A 49  ASP A 51  
A 2 PHE A 36  ? VAL A 43  ? PHE A 36  VAL A 43  
A 3 LEU A 117 ? PHE A 126 ? LEU A 117 PHE A 126 
A 4 GLY A 99  ? ARG A 111 ? GLY A 99  ARG A 111 
A 5 GLY A 85  ? ASP A 96  ? GLY A 85  ASP A 96  
A 6 ARG A 70  ? GLY A 82  ? ARG A 70  GLY A 82  
# 
loop_
_pdbx_struct_sheet_hbond.sheet_id 
_pdbx_struct_sheet_hbond.range_id_1 
_pdbx_struct_sheet_hbond.range_id_2 
_pdbx_struct_sheet_hbond.range_1_label_atom_id 
_pdbx_struct_sheet_hbond.range_1_label_comp_id 
_pdbx_struct_sheet_hbond.range_1_label_asym_id 
_pdbx_struct_sheet_hbond.range_1_label_seq_id 
_pdbx_struct_sheet_hbond.range_1_PDB_ins_code 
_pdbx_struct_sheet_hbond.range_1_auth_atom_id 
_pdbx_struct_sheet_hbond.range_1_auth_comp_id 
_pdbx_struct_sheet_hbond.range_1_auth_asym_id 
_pdbx_struct_sheet_hbond.range_1_auth_seq_id 
_pdbx_struct_sheet_hbond.range_2_label_atom_id 
_pdbx_struct_sheet_hbond.range_2_label_comp_id 
_pdbx_struct_sheet_hbond.range_2_label_asym_id 
_pdbx_struct_sheet_hbond.range_2_label_seq_id 
_pdbx_struct_sheet_hbond.range_2_PDB_ins_code 
_pdbx_struct_sheet_hbond.range_2_auth_atom_id 
_pdbx_struct_sheet_hbond.range_2_auth_comp_id 
_pdbx_struct_sheet_hbond.range_2_auth_asym_id 
_pdbx_struct_sheet_hbond.range_2_auth_seq_id 
A 1 2 O LEU A 50  ? O LEU A 50  N MET A 42  ? N MET A 42  
A 2 3 N ALA A 37  ? N ALA A 37  O TRP A 119 ? O TRP A 119 
A 3 4 O TYR A 118 ? O TYR A 118 N HIS A 110 ? N HIS A 110 
A 4 5 O SER A 105 ? O SER A 105 N TYR A 90  ? N TYR A 90  
A 5 6 O ARG A 91  ? O ARG A 91  N ASP A 74  ? N ASP A 74  
# 
_pdbx_SG_project.id                    1 
_pdbx_SG_project.project_name          'PSI, Protein Structure Initiative' 
_pdbx_SG_project.full_name_of_center   'Midwest Center for Structural Genomics' 
_pdbx_SG_project.initial_of_center     MCSG 
# 
loop_
_pdbx_unobs_or_zero_occ_residues.id 
_pdbx_unobs_or_zero_occ_residues.PDB_model_num 
_pdbx_unobs_or_zero_occ_residues.polymer_flag 
_pdbx_unobs_or_zero_occ_residues.occupancy_flag 
_pdbx_unobs_or_zero_occ_residues.auth_asym_id 
_pdbx_unobs_or_zero_occ_residues.auth_comp_id 
_pdbx_unobs_or_zero_occ_residues.auth_seq_id 
_pdbx_unobs_or_zero_occ_residues.PDB_ins_code 
_pdbx_unobs_or_zero_occ_residues.label_asym_id 
_pdbx_unobs_or_zero_occ_residues.label_comp_id 
_pdbx_unobs_or_zero_occ_residues.label_seq_id 
1 1 Y 1 A MET 1 ? A MET 1 
2 1 Y 1 A THR 2 ? A THR 2 
# 
loop_
_chem_comp_atom.comp_id 
_chem_comp_atom.atom_id 
_chem_comp_atom.type_symbol 
_chem_comp_atom.pdbx_aromatic_flag 
_chem_comp_atom.pdbx_stereo_config 
_chem_comp_atom.pdbx_ordinal 
ALA N    N N N 1   
ALA CA   C N S 2   
ALA C    C N N 3   
ALA O    O N N 4   
ALA CB   C N N 5   
ALA OXT  O N N 6   
ALA H    H N N 7   
ALA H2   H N N 8   
ALA HA   H N N 9   
ALA HB1  H N N 10  
ALA HB2  H N N 11  
ALA HB3  H N N 12  
ALA HXT  H N N 13  
ARG N    N N N 14  
ARG CA   C N S 15  
ARG C    C N N 16  
ARG O    O N N 17  
ARG CB   C N N 18  
ARG CG   C N N 19  
ARG CD   C N N 20  
ARG NE   N N N 21  
ARG CZ   C N N 22  
ARG NH1  N N N 23  
ARG NH2  N N N 24  
ARG OXT  O N N 25  
ARG H    H N N 26  
ARG H2   H N N 27  
ARG HA   H N N 28  
ARG HB2  H N N 29  
ARG HB3  H N N 30  
ARG HG2  H N N 31  
ARG HG3  H N N 32  
ARG HD2  H N N 33  
ARG HD3  H N N 34  
ARG HE   H N N 35  
ARG HH11 H N N 36  
ARG HH12 H N N 37  
ARG HH21 H N N 38  
ARG HH22 H N N 39  
ARG HXT  H N N 40  
ASP N    N N N 41  
ASP CA   C N S 42  
ASP C    C N N 43  
ASP O    O N N 44  
ASP CB   C N N 45  
ASP CG   C N N 46  
ASP OD1  O N N 47  
ASP OD2  O N N 48  
ASP OXT  O N N 49  
ASP H    H N N 50  
ASP H2   H N N 51  
ASP HA   H N N 52  
ASP HB2  H N N 53  
ASP HB3  H N N 54  
ASP HD2  H N N 55  
ASP HXT  H N N 56  
CYS N    N N N 57  
CYS CA   C N R 58  
CYS C    C N N 59  
CYS O    O N N 60  
CYS CB   C N N 61  
CYS SG   S N N 62  
CYS OXT  O N N 63  
CYS H    H N N 64  
CYS H2   H N N 65  
CYS HA   H N N 66  
CYS HB2  H N N 67  
CYS HB3  H N N 68  
CYS HG   H N N 69  
CYS HXT  H N N 70  
GLN N    N N N 71  
GLN CA   C N S 72  
GLN C    C N N 73  
GLN O    O N N 74  
GLN CB   C N N 75  
GLN CG   C N N 76  
GLN CD   C N N 77  
GLN OE1  O N N 78  
GLN NE2  N N N 79  
GLN OXT  O N N 80  
GLN H    H N N 81  
GLN H2   H N N 82  
GLN HA   H N N 83  
GLN HB2  H N N 84  
GLN HB3  H N N 85  
GLN HG2  H N N 86  
GLN HG3  H N N 87  
GLN HE21 H N N 88  
GLN HE22 H N N 89  
GLN HXT  H N N 90  
GLU N    N N N 91  
GLU CA   C N S 92  
GLU C    C N N 93  
GLU O    O N N 94  
GLU CB   C N N 95  
GLU CG   C N N 96  
GLU CD   C N N 97  
GLU OE1  O N N 98  
GLU OE2  O N N 99  
GLU OXT  O N N 100 
GLU H    H N N 101 
GLU H2   H N N 102 
GLU HA   H N N 103 
GLU HB2  H N N 104 
GLU HB3  H N N 105 
GLU HG2  H N N 106 
GLU HG3  H N N 107 
GLU HE2  H N N 108 
GLU HXT  H N N 109 
GLY N    N N N 110 
GLY CA   C N N 111 
GLY C    C N N 112 
GLY O    O N N 113 
GLY OXT  O N N 114 
GLY H    H N N 115 
GLY H2   H N N 116 
GLY HA2  H N N 117 
GLY HA3  H N N 118 
GLY HXT  H N N 119 
HIS N    N N N 120 
HIS CA   C N S 121 
HIS C    C N N 122 
HIS O    O N N 123 
HIS CB   C N N 124 
HIS CG   C Y N 125 
HIS ND1  N Y N 126 
HIS CD2  C Y N 127 
HIS CE1  C Y N 128 
HIS NE2  N Y N 129 
HIS OXT  O N N 130 
HIS H    H N N 131 
HIS H2   H N N 132 
HIS HA   H N N 133 
HIS HB2  H N N 134 
HIS HB3  H N N 135 
HIS HD1  H N N 136 
HIS HD2  H N N 137 
HIS HE1  H N N 138 
HIS HE2  H N N 139 
HIS HXT  H N N 140 
HOH O    O N N 141 
HOH H1   H N N 142 
HOH H2   H N N 143 
ILE N    N N N 144 
ILE CA   C N S 145 
ILE C    C N N 146 
ILE O    O N N 147 
ILE CB   C N S 148 
ILE CG1  C N N 149 
ILE CG2  C N N 150 
ILE CD1  C N N 151 
ILE OXT  O N N 152 
ILE H    H N N 153 
ILE H2   H N N 154 
ILE HA   H N N 155 
ILE HB   H N N 156 
ILE HG12 H N N 157 
ILE HG13 H N N 158 
ILE HG21 H N N 159 
ILE HG22 H N N 160 
ILE HG23 H N N 161 
ILE HD11 H N N 162 
ILE HD12 H N N 163 
ILE HD13 H N N 164 
ILE HXT  H N N 165 
LEU N    N N N 166 
LEU CA   C N S 167 
LEU C    C N N 168 
LEU O    O N N 169 
LEU CB   C N N 170 
LEU CG   C N N 171 
LEU CD1  C N N 172 
LEU CD2  C N N 173 
LEU OXT  O N N 174 
LEU H    H N N 175 
LEU H2   H N N 176 
LEU HA   H N N 177 
LEU HB2  H N N 178 
LEU HB3  H N N 179 
LEU HG   H N N 180 
LEU HD11 H N N 181 
LEU HD12 H N N 182 
LEU HD13 H N N 183 
LEU HD21 H N N 184 
LEU HD22 H N N 185 
LEU HD23 H N N 186 
LEU HXT  H N N 187 
LYS N    N N N 188 
LYS CA   C N S 189 
LYS C    C N N 190 
LYS O    O N N 191 
LYS CB   C N N 192 
LYS CG   C N N 193 
LYS CD   C N N 194 
LYS CE   C N N 195 
LYS NZ   N N N 196 
LYS OXT  O N N 197 
LYS H    H N N 198 
LYS H2   H N N 199 
LYS HA   H N N 200 
LYS HB2  H N N 201 
LYS HB3  H N N 202 
LYS HG2  H N N 203 
LYS HG3  H N N 204 
LYS HD2  H N N 205 
LYS HD3  H N N 206 
LYS HE2  H N N 207 
LYS HE3  H N N 208 
LYS HZ1  H N N 209 
LYS HZ2  H N N 210 
LYS HZ3  H N N 211 
LYS HXT  H N N 212 
MET N    N N N 213 
MET CA   C N S 214 
MET C    C N N 215 
MET O    O N N 216 
MET CB   C N N 217 
MET CG   C N N 218 
MET SD   S N N 219 
MET CE   C N N 220 
MET OXT  O N N 221 
MET H    H N N 222 
MET H2   H N N 223 
MET HA   H N N 224 
MET HB2  H N N 225 
MET HB3  H N N 226 
MET HG2  H N N 227 
MET HG3  H N N 228 
MET HE1  H N N 229 
MET HE2  H N N 230 
MET HE3  H N N 231 
MET HXT  H N N 232 
PHE N    N N N 233 
PHE CA   C N S 234 
PHE C    C N N 235 
PHE O    O N N 236 
PHE CB   C N N 237 
PHE CG   C Y N 238 
PHE CD1  C Y N 239 
PHE CD2  C Y N 240 
PHE CE1  C Y N 241 
PHE CE2  C Y N 242 
PHE CZ   C Y N 243 
PHE OXT  O N N 244 
PHE H    H N N 245 
PHE H2   H N N 246 
PHE HA   H N N 247 
PHE HB2  H N N 248 
PHE HB3  H N N 249 
PHE HD1  H N N 250 
PHE HD2  H N N 251 
PHE HE1  H N N 252 
PHE HE2  H N N 253 
PHE HZ   H N N 254 
PHE HXT  H N N 255 
PRO N    N N N 256 
PRO CA   C N S 257 
PRO C    C N N 258 
PRO O    O N N 259 
PRO CB   C N N 260 
PRO CG   C N N 261 
PRO CD   C N N 262 
PRO OXT  O N N 263 
PRO H    H N N 264 
PRO HA   H N N 265 
PRO HB2  H N N 266 
PRO HB3  H N N 267 
PRO HG2  H N N 268 
PRO HG3  H N N 269 
PRO HD2  H N N 270 
PRO HD3  H N N 271 
PRO HXT  H N N 272 
SER N    N N N 273 
SER CA   C N S 274 
SER C    C N N 275 
SER O    O N N 276 
SER CB   C N N 277 
SER OG   O N N 278 
SER OXT  O N N 279 
SER H    H N N 280 
SER H2   H N N 281 
SER HA   H N N 282 
SER HB2  H N N 283 
SER HB3  H N N 284 
SER HG   H N N 285 
SER HXT  H N N 286 
THR N    N N N 287 
THR CA   C N S 288 
THR C    C N N 289 
THR O    O N N 290 
THR CB   C N R 291 
THR OG1  O N N 292 
THR CG2  C N N 293 
THR OXT  O N N 294 
THR H    H N N 295 
THR H2   H N N 296 
THR HA   H N N 297 
THR HB   H N N 298 
THR HG1  H N N 299 
THR HG21 H N N 300 
THR HG22 H N N 301 
THR HG23 H N N 302 
THR HXT  H N N 303 
TRP N    N N N 304 
TRP CA   C N S 305 
TRP C    C N N 306 
TRP O    O N N 307 
TRP CB   C N N 308 
TRP CG   C Y N 309 
TRP CD1  C Y N 310 
TRP CD2  C Y N 311 
TRP NE1  N Y N 312 
TRP CE2  C Y N 313 
TRP CE3  C Y N 314 
TRP CZ2  C Y N 315 
TRP CZ3  C Y N 316 
TRP CH2  C Y N 317 
TRP OXT  O N N 318 
TRP H    H N N 319 
TRP H2   H N N 320 
TRP HA   H N N 321 
TRP HB2  H N N 322 
TRP HB3  H N N 323 
TRP HD1  H N N 324 
TRP HE1  H N N 325 
TRP HE3  H N N 326 
TRP HZ2  H N N 327 
TRP HZ3  H N N 328 
TRP HH2  H N N 329 
TRP HXT  H N N 330 
TYR N    N N N 331 
TYR CA   C N S 332 
TYR C    C N N 333 
TYR O    O N N 334 
TYR CB   C N N 335 
TYR CG   C Y N 336 
TYR CD1  C Y N 337 
TYR CD2  C Y N 338 
TYR CE1  C Y N 339 
TYR CE2  C Y N 340 
TYR CZ   C Y N 341 
TYR OH   O N N 342 
TYR OXT  O N N 343 
TYR H    H N N 344 
TYR H2   H N N 345 
TYR HA   H N N 346 
TYR HB2  H N N 347 
TYR HB3  H N N 348 
TYR HD1  H N N 349 
TYR HD2  H N N 350 
TYR HE1  H N N 351 
TYR HE2  H N N 352 
TYR HH   H N N 353 
TYR HXT  H N N 354 
VAL N    N N N 355 
VAL CA   C N S 356 
VAL C    C N N 357 
VAL O    O N N 358 
VAL CB   C N N 359 
VAL CG1  C N N 360 
VAL CG2  C N N 361 
VAL OXT  O N N 362 
VAL H    H N N 363 
VAL H2   H N N 364 
VAL HA   H N N 365 
VAL HB   H N N 366 
VAL HG11 H N N 367 
VAL HG12 H N N 368 
VAL HG13 H N N 369 
VAL HG21 H N N 370 
VAL HG22 H N N 371 
VAL HG23 H N N 372 
VAL HXT  H N N 373 
# 
loop_
_chem_comp_bond.comp_id 
_chem_comp_bond.atom_id_1 
_chem_comp_bond.atom_id_2 
_chem_comp_bond.value_order 
_chem_comp_bond.pdbx_aromatic_flag 
_chem_comp_bond.pdbx_stereo_config 
_chem_comp_bond.pdbx_ordinal 
ALA N   CA   sing N N 1   
ALA N   H    sing N N 2   
ALA N   H2   sing N N 3   
ALA CA  C    sing N N 4   
ALA CA  CB   sing N N 5   
ALA CA  HA   sing N N 6   
ALA C   O    doub N N 7   
ALA C   OXT  sing N N 8   
ALA CB  HB1  sing N N 9   
ALA CB  HB2  sing N N 10  
ALA CB  HB3  sing N N 11  
ALA OXT HXT  sing N N 12  
ARG N   CA   sing N N 13  
ARG N   H    sing N N 14  
ARG N   H2   sing N N 15  
ARG CA  C    sing N N 16  
ARG CA  CB   sing N N 17  
ARG CA  HA   sing N N 18  
ARG C   O    doub N N 19  
ARG C   OXT  sing N N 20  
ARG CB  CG   sing N N 21  
ARG CB  HB2  sing N N 22  
ARG CB  HB3  sing N N 23  
ARG CG  CD   sing N N 24  
ARG CG  HG2  sing N N 25  
ARG CG  HG3  sing N N 26  
ARG CD  NE   sing N N 27  
ARG CD  HD2  sing N N 28  
ARG CD  HD3  sing N N 29  
ARG NE  CZ   sing N N 30  
ARG NE  HE   sing N N 31  
ARG CZ  NH1  sing N N 32  
ARG CZ  NH2  doub N N 33  
ARG NH1 HH11 sing N N 34  
ARG NH1 HH12 sing N N 35  
ARG NH2 HH21 sing N N 36  
ARG NH2 HH22 sing N N 37  
ARG OXT HXT  sing N N 38  
ASP N   CA   sing N N 39  
ASP N   H    sing N N 40  
ASP N   H2   sing N N 41  
ASP CA  C    sing N N 42  
ASP CA  CB   sing N N 43  
ASP CA  HA   sing N N 44  
ASP C   O    doub N N 45  
ASP C   OXT  sing N N 46  
ASP CB  CG   sing N N 47  
ASP CB  HB2  sing N N 48  
ASP CB  HB3  sing N N 49  
ASP CG  OD1  doub N N 50  
ASP CG  OD2  sing N N 51  
ASP OD2 HD2  sing N N 52  
ASP OXT HXT  sing N N 53  
CYS N   CA   sing N N 54  
CYS N   H    sing N N 55  
CYS N   H2   sing N N 56  
CYS CA  C    sing N N 57  
CYS CA  CB   sing N N 58  
CYS CA  HA   sing N N 59  
CYS C   O    doub N N 60  
CYS C   OXT  sing N N 61  
CYS CB  SG   sing N N 62  
CYS CB  HB2  sing N N 63  
CYS CB  HB3  sing N N 64  
CYS SG  HG   sing N N 65  
CYS OXT HXT  sing N N 66  
GLN N   CA   sing N N 67  
GLN N   H    sing N N 68  
GLN N   H2   sing N N 69  
GLN CA  C    sing N N 70  
GLN CA  CB   sing N N 71  
GLN CA  HA   sing N N 72  
GLN C   O    doub N N 73  
GLN C   OXT  sing N N 74  
GLN CB  CG   sing N N 75  
GLN CB  HB2  sing N N 76  
GLN CB  HB3  sing N N 77  
GLN CG  CD   sing N N 78  
GLN CG  HG2  sing N N 79  
GLN CG  HG3  sing N N 80  
GLN CD  OE1  doub N N 81  
GLN CD  NE2  sing N N 82  
GLN NE2 HE21 sing N N 83  
GLN NE2 HE22 sing N N 84  
GLN OXT HXT  sing N N 85  
GLU N   CA   sing N N 86  
GLU N   H    sing N N 87  
GLU N   H2   sing N N 88  
GLU CA  C    sing N N 89  
GLU CA  CB   sing N N 90  
GLU CA  HA   sing N N 91  
GLU C   O    doub N N 92  
GLU C   OXT  sing N N 93  
GLU CB  CG   sing N N 94  
GLU CB  HB2  sing N N 95  
GLU CB  HB3  sing N N 96  
GLU CG  CD   sing N N 97  
GLU CG  HG2  sing N N 98  
GLU CG  HG3  sing N N 99  
GLU CD  OE1  doub N N 100 
GLU CD  OE2  sing N N 101 
GLU OE2 HE2  sing N N 102 
GLU OXT HXT  sing N N 103 
GLY N   CA   sing N N 104 
GLY N   H    sing N N 105 
GLY N   H2   sing N N 106 
GLY CA  C    sing N N 107 
GLY CA  HA2  sing N N 108 
GLY CA  HA3  sing N N 109 
GLY C   O    doub N N 110 
GLY C   OXT  sing N N 111 
GLY OXT HXT  sing N N 112 
HIS N   CA   sing N N 113 
HIS N   H    sing N N 114 
HIS N   H2   sing N N 115 
HIS CA  C    sing N N 116 
HIS CA  CB   sing N N 117 
HIS CA  HA   sing N N 118 
HIS C   O    doub N N 119 
HIS C   OXT  sing N N 120 
HIS CB  CG   sing N N 121 
HIS CB  HB2  sing N N 122 
HIS CB  HB3  sing N N 123 
HIS CG  ND1  sing Y N 124 
HIS CG  CD2  doub Y N 125 
HIS ND1 CE1  doub Y N 126 
HIS ND1 HD1  sing N N 127 
HIS CD2 NE2  sing Y N 128 
HIS CD2 HD2  sing N N 129 
HIS CE1 NE2  sing Y N 130 
HIS CE1 HE1  sing N N 131 
HIS NE2 HE2  sing N N 132 
HIS OXT HXT  sing N N 133 
HOH O   H1   sing N N 134 
HOH O   H2   sing N N 135 
ILE N   CA   sing N N 136 
ILE N   H    sing N N 137 
ILE N   H2   sing N N 138 
ILE CA  C    sing N N 139 
ILE CA  CB   sing N N 140 
ILE CA  HA   sing N N 141 
ILE C   O    doub N N 142 
ILE C   OXT  sing N N 143 
ILE CB  CG1  sing N N 144 
ILE CB  CG2  sing N N 145 
ILE CB  HB   sing N N 146 
ILE CG1 CD1  sing N N 147 
ILE CG1 HG12 sing N N 148 
ILE CG1 HG13 sing N N 149 
ILE CG2 HG21 sing N N 150 
ILE CG2 HG22 sing N N 151 
ILE CG2 HG23 sing N N 152 
ILE CD1 HD11 sing N N 153 
ILE CD1 HD12 sing N N 154 
ILE CD1 HD13 sing N N 155 
ILE OXT HXT  sing N N 156 
LEU N   CA   sing N N 157 
LEU N   H    sing N N 158 
LEU N   H2   sing N N 159 
LEU CA  C    sing N N 160 
LEU CA  CB   sing N N 161 
LEU CA  HA   sing N N 162 
LEU C   O    doub N N 163 
LEU C   OXT  sing N N 164 
LEU CB  CG   sing N N 165 
LEU CB  HB2  sing N N 166 
LEU CB  HB3  sing N N 167 
LEU CG  CD1  sing N N 168 
LEU CG  CD2  sing N N 169 
LEU CG  HG   sing N N 170 
LEU CD1 HD11 sing N N 171 
LEU CD1 HD12 sing N N 172 
LEU CD1 HD13 sing N N 173 
LEU CD2 HD21 sing N N 174 
LEU CD2 HD22 sing N N 175 
LEU CD2 HD23 sing N N 176 
LEU OXT HXT  sing N N 177 
LYS N   CA   sing N N 178 
LYS N   H    sing N N 179 
LYS N   H2   sing N N 180 
LYS CA  C    sing N N 181 
LYS CA  CB   sing N N 182 
LYS CA  HA   sing N N 183 
LYS C   O    doub N N 184 
LYS C   OXT  sing N N 185 
LYS CB  CG   sing N N 186 
LYS CB  HB2  sing N N 187 
LYS CB  HB3  sing N N 188 
LYS CG  CD   sing N N 189 
LYS CG  HG2  sing N N 190 
LYS CG  HG3  sing N N 191 
LYS CD  CE   sing N N 192 
LYS CD  HD2  sing N N 193 
LYS CD  HD3  sing N N 194 
LYS CE  NZ   sing N N 195 
LYS CE  HE2  sing N N 196 
LYS CE  HE3  sing N N 197 
LYS NZ  HZ1  sing N N 198 
LYS NZ  HZ2  sing N N 199 
LYS NZ  HZ3  sing N N 200 
LYS OXT HXT  sing N N 201 
MET N   CA   sing N N 202 
MET N   H    sing N N 203 
MET N   H2   sing N N 204 
MET CA  C    sing N N 205 
MET CA  CB   sing N N 206 
MET CA  HA   sing N N 207 
MET C   O    doub N N 208 
MET C   OXT  sing N N 209 
MET CB  CG   sing N N 210 
MET CB  HB2  sing N N 211 
MET CB  HB3  sing N N 212 
MET CG  SD   sing N N 213 
MET CG  HG2  sing N N 214 
MET CG  HG3  sing N N 215 
MET SD  CE   sing N N 216 
MET CE  HE1  sing N N 217 
MET CE  HE2  sing N N 218 
MET CE  HE3  sing N N 219 
MET OXT HXT  sing N N 220 
PHE N   CA   sing N N 221 
PHE N   H    sing N N 222 
PHE N   H2   sing N N 223 
PHE CA  C    sing N N 224 
PHE CA  CB   sing N N 225 
PHE CA  HA   sing N N 226 
PHE C   O    doub N N 227 
PHE C   OXT  sing N N 228 
PHE CB  CG   sing N N 229 
PHE CB  HB2  sing N N 230 
PHE CB  HB3  sing N N 231 
PHE CG  CD1  doub Y N 232 
PHE CG  CD2  sing Y N 233 
PHE CD1 CE1  sing Y N 234 
PHE CD1 HD1  sing N N 235 
PHE CD2 CE2  doub Y N 236 
PHE CD2 HD2  sing N N 237 
PHE CE1 CZ   doub Y N 238 
PHE CE1 HE1  sing N N 239 
PHE CE2 CZ   sing Y N 240 
PHE CE2 HE2  sing N N 241 
PHE CZ  HZ   sing N N 242 
PHE OXT HXT  sing N N 243 
PRO N   CA   sing N N 244 
PRO N   CD   sing N N 245 
PRO N   H    sing N N 246 
PRO CA  C    sing N N 247 
PRO CA  CB   sing N N 248 
PRO CA  HA   sing N N 249 
PRO C   O    doub N N 250 
PRO C   OXT  sing N N 251 
PRO CB  CG   sing N N 252 
PRO CB  HB2  sing N N 253 
PRO CB  HB3  sing N N 254 
PRO CG  CD   sing N N 255 
PRO CG  HG2  sing N N 256 
PRO CG  HG3  sing N N 257 
PRO CD  HD2  sing N N 258 
PRO CD  HD3  sing N N 259 
PRO OXT HXT  sing N N 260 
SER N   CA   sing N N 261 
SER N   H    sing N N 262 
SER N   H2   sing N N 263 
SER CA  C    sing N N 264 
SER CA  CB   sing N N 265 
SER CA  HA   sing N N 266 
SER C   O    doub N N 267 
SER C   OXT  sing N N 268 
SER CB  OG   sing N N 269 
SER CB  HB2  sing N N 270 
SER CB  HB3  sing N N 271 
SER OG  HG   sing N N 272 
SER OXT HXT  sing N N 273 
THR N   CA   sing N N 274 
THR N   H    sing N N 275 
THR N   H2   sing N N 276 
THR CA  C    sing N N 277 
THR CA  CB   sing N N 278 
THR CA  HA   sing N N 279 
THR C   O    doub N N 280 
THR C   OXT  sing N N 281 
THR CB  OG1  sing N N 282 
THR CB  CG2  sing N N 283 
THR CB  HB   sing N N 284 
THR OG1 HG1  sing N N 285 
THR CG2 HG21 sing N N 286 
THR CG2 HG22 sing N N 287 
THR CG2 HG23 sing N N 288 
THR OXT HXT  sing N N 289 
TRP N   CA   sing N N 290 
TRP N   H    sing N N 291 
TRP N   H2   sing N N 292 
TRP CA  C    sing N N 293 
TRP CA  CB   sing N N 294 
TRP CA  HA   sing N N 295 
TRP C   O    doub N N 296 
TRP C   OXT  sing N N 297 
TRP CB  CG   sing N N 298 
TRP CB  HB2  sing N N 299 
TRP CB  HB3  sing N N 300 
TRP CG  CD1  doub Y N 301 
TRP CG  CD2  sing Y N 302 
TRP CD1 NE1  sing Y N 303 
TRP CD1 HD1  sing N N 304 
TRP CD2 CE2  doub Y N 305 
TRP CD2 CE3  sing Y N 306 
TRP NE1 CE2  sing Y N 307 
TRP NE1 HE1  sing N N 308 
TRP CE2 CZ2  sing Y N 309 
TRP CE3 CZ3  doub Y N 310 
TRP CE3 HE3  sing N N 311 
TRP CZ2 CH2  doub Y N 312 
TRP CZ2 HZ2  sing N N 313 
TRP CZ3 CH2  sing Y N 314 
TRP CZ3 HZ3  sing N N 315 
TRP CH2 HH2  sing N N 316 
TRP OXT HXT  sing N N 317 
TYR N   CA   sing N N 318 
TYR N   H    sing N N 319 
TYR N   H2   sing N N 320 
TYR CA  C    sing N N 321 
TYR CA  CB   sing N N 322 
TYR CA  HA   sing N N 323 
TYR C   O    doub N N 324 
TYR C   OXT  sing N N 325 
TYR CB  CG   sing N N 326 
TYR CB  HB2  sing N N 327 
TYR CB  HB3  sing N N 328 
TYR CG  CD1  doub Y N 329 
TYR CG  CD2  sing Y N 330 
TYR CD1 CE1  sing Y N 331 
TYR CD1 HD1  sing N N 332 
TYR CD2 CE2  doub Y N 333 
TYR CD2 HD2  sing N N 334 
TYR CE1 CZ   doub Y N 335 
TYR CE1 HE1  sing N N 336 
TYR CE2 CZ   sing Y N 337 
TYR CE2 HE2  sing N N 338 
TYR CZ  OH   sing N N 339 
TYR OH  HH   sing N N 340 
TYR OXT HXT  sing N N 341 
VAL N   CA   sing N N 342 
VAL N   H    sing N N 343 
VAL N   H2   sing N N 344 
VAL CA  C    sing N N 345 
VAL CA  CB   sing N N 346 
VAL CA  HA   sing N N 347 
VAL C   O    doub N N 348 
VAL C   OXT  sing N N 349 
VAL CB  CG1  sing N N 350 
VAL CB  CG2  sing N N 351 
VAL CB  HB   sing N N 352 
VAL CG1 HG11 sing N N 353 
VAL CG1 HG12 sing N N 354 
VAL CG1 HG13 sing N N 355 
VAL CG2 HG21 sing N N 356 
VAL CG2 HG22 sing N N 357 
VAL CG2 HG23 sing N N 358 
VAL OXT HXT  sing N N 359 
# 
_atom_sites.entry_id                    1TP6 
_atom_sites.fract_transf_matrix[1][1]   -0.00666315 
_atom_sites.fract_transf_matrix[1][2]   -0.00250262 
_atom_sites.fract_transf_matrix[1][3]   0.00773734 
_atom_sites.fract_transf_matrix[2][1]   0.01837962 
_atom_sites.fract_transf_matrix[2][2]   -0.01788360 
_atom_sites.fract_transf_matrix[2][3]   0.01004355 
_atom_sites.fract_transf_matrix[3][1]   0.00917150 
_atom_sites.fract_transf_matrix[3][2]   0.02290344 
_atom_sites.fract_transf_matrix[3][3]   0.02399822 
_atom_sites.fract_transf_vector[1]      0.132048 
_atom_sites.fract_transf_vector[2]      0.411034 
_atom_sites.fract_transf_vector[3]      0.177279 
# 
loop_
_atom_type.symbol 
C 
N 
O 
S 
# 
loop_
_atom_site.group_PDB 
_atom_site.id 
_atom_site.type_symbol 
_atom_site.label_atom_id 
_atom_site.label_alt_id 
_atom_site.label_comp_id 
_atom_site.label_asym_id 
_atom_site.label_entity_id 
_atom_site.label_seq_id 
_atom_site.pdbx_PDB_ins_code 
_atom_site.Cartn_x 
_atom_site.Cartn_y 
_atom_site.Cartn_z 
_atom_site.occupancy 
_atom_site.B_iso_or_equiv 
_atom_site.pdbx_formal_charge 
_atom_site.auth_seq_id 
_atom_site.auth_comp_id 
_atom_site.auth_asym_id 
_atom_site.auth_atom_id 
_atom_site.pdbx_PDB_model_num 
ATOM   1    N N   . CYS A 1 3   ? -1.248  16.774  0.204   1.00 26.01 ? 3   CYS A N   1 
ATOM   2    C CA  . CYS A 1 3   ? -2.368  16.638  -0.766  1.00 23.31 ? 3   CYS A CA  1 
ATOM   3    C C   . CYS A 1 3   ? -3.105  15.316  -0.550  1.00 21.02 ? 3   CYS A C   1 
ATOM   4    O O   . CYS A 1 3   ? -2.683  14.477  0.251   1.00 18.64 ? 3   CYS A O   1 
ATOM   5    C CB  . CYS A 1 3   ? -1.835  16.702  -2.203  1.00 25.11 ? 3   CYS A CB  1 
ATOM   6    S SG  . CYS A 1 3   ? -0.942  15.215  -2.783  1.00 31.90 ? 3   CYS A SG  1 
ATOM   7    N N   . ALA A 1 4   ? -4.204  15.141  -1.278  1.00 18.52 ? 4   ALA A N   1 
ATOM   8    C CA  . ALA A 1 4   ? -5.025  13.937  -1.188  1.00 16.39 ? 4   ALA A CA  1 
ATOM   9    C C   . ALA A 1 4   ? -4.285  12.668  -1.615  1.00 14.06 ? 4   ALA A C   1 
ATOM   10   O O   . ALA A 1 4   ? -4.471  11.604  -1.019  1.00 13.90 ? 4   ALA A O   1 
ATOM   11   C CB  . ALA A 1 4   ? -6.290  14.107  -2.034  1.00 15.99 ? 4   ALA A CB  1 
ATOM   12   N N   . TYR A 1 5   ? -3.455  12.775  -2.650  1.00 13.81 ? 5   TYR A N   1 
ATOM   13   C CA  . TYR A 1 5   ? -2.719  11.614  -3.133  1.00 12.50 ? 5   TYR A CA  1 
ATOM   14   C C   . TYR A 1 5   ? -1.686  11.177  -2.109  1.00 11.87 ? 5   TYR A C   1 
ATOM   15   O O   . TYR A 1 5   ? -1.582  9.989   -1.798  1.00 10.84 ? 5   TYR A O   1 
ATOM   16   C CB  . TYR A 1 5   ? -2.057  11.917  -4.477  1.00 13.30 ? 5   TYR A CB  1 
ATOM   17   C CG  . TYR A 1 5   ? -3.048  12.075  -5.617  1.00 12.55 ? 5   TYR A CG  1 
ATOM   18   C CD1 . TYR A 1 5   ? -3.998  11.085  -5.883  1.00 12.05 ? 5   TYR A CD1 1 
ATOM   19   C CD2 . TYR A 1 5   ? -3.038  13.216  -6.429  1.00 12.55 ? 5   TYR A CD2 1 
ATOM   20   C CE1 . TYR A 1 5   ? -4.911  11.227  -6.926  1.00 12.77 ? 5   TYR A CE1 1 
ATOM   21   C CE2 . TYR A 1 5   ? -3.949  13.367  -7.475  1.00 10.29 ? 5   TYR A CE2 1 
ATOM   22   C CZ  . TYR A 1 5   ? -4.882  12.370  -7.716  1.00 11.93 ? 5   TYR A CZ  1 
ATOM   23   O OH  . TYR A 1 5   ? -5.794  12.511  -8.747  1.00 13.16 ? 5   TYR A OH  1 
ATOM   24   N N   . ARG A 1 6   ? -0.936  12.141  -1.580  1.00 12.01 ? 6   ARG A N   1 
ATOM   25   C CA  . ARG A 1 6   ? 0.071   11.850  -0.562  1.00 13.17 ? 6   ARG A CA  1 
ATOM   26   C C   . ARG A 1 6   ? -0.630  11.247  0.661   1.00 11.35 ? 6   ARG A C   1 
ATOM   27   O O   . ARG A 1 6   ? -0.164  10.270  1.242   1.00 12.44 ? 6   ARG A O   1 
ATOM   28   C CB  . ARG A 1 6   ? 0.805   13.131  -0.151  1.00 15.66 ? 6   ARG A CB  1 
ATOM   29   C CG  . ARG A 1 6   ? 1.753   12.938  1.031   1.00 21.69 ? 6   ARG A CG  1 
ATOM   30   C CD  . ARG A 1 6   ? 2.266   14.261  1.587   1.00 24.43 ? 6   ARG A CD  1 
ATOM   31   N NE  . ARG A 1 6   ? 3.252   14.050  2.651   1.00 29.07 ? 6   ARG A NE  1 
ATOM   32   C CZ  . ARG A 1 6   ? 2.986   13.512  3.842   1.00 30.05 ? 6   ARG A CZ  1 
ATOM   33   N NH1 . ARG A 1 6   ? 1.750   13.123  4.147   1.00 29.76 ? 6   ARG A NH1 1 
ATOM   34   N NH2 . ARG A 1 6   ? 3.964   13.351  4.728   1.00 28.32 ? 6   ARG A NH2 1 
ATOM   35   N N   . ARG A 1 7   ? -1.763  11.830  1.033   1.00 10.95 ? 7   ARG A N   1 
ATOM   36   C CA  . ARG A 1 7   ? -2.535  11.355  2.171   1.00 10.74 ? 7   ARG A CA  1 
ATOM   37   C C   . ARG A 1 7   ? -2.999  9.906   1.995   1.00 10.92 ? 7   ARG A C   1 
ATOM   38   O O   . ARG A 1 7   ? -2.953  9.117   2.943   1.00 11.71 ? 7   ARG A O   1 
ATOM   39   C CB  . ARG A 1 7   ? -3.738  12.274  2.396   1.00 11.36 ? 7   ARG A CB  1 
ATOM   40   C CG  . ARG A 1 7   ? -4.675  11.814  3.496   1.00 14.46 ? 7   ARG A CG  1 
ATOM   41   C CD  . ARG A 1 7   ? -5.887  12.727  3.592   1.00 16.32 ? 7   ARG A CD  1 
ATOM   42   N NE  . ARG A 1 7   ? -5.530  14.055  4.082   1.00 17.67 ? 7   ARG A NE  1 
ATOM   43   C CZ  . ARG A 1 7   ? -6.390  15.063  4.196   1.00 20.23 ? 7   ARG A CZ  1 
ATOM   44   N NH1 . ARG A 1 7   ? -7.661  14.898  3.849   1.00 17.94 ? 7   ARG A NH1 1 
ATOM   45   N NH2 . ARG A 1 7   ? -5.985  16.232  4.670   1.00 21.30 ? 7   ARG A NH2 1 
ATOM   46   N N   . GLU A 1 8   ? -3.452  9.550   0.793   1.00 9.75  ? 8   GLU A N   1 
ATOM   47   C CA  . GLU A 1 8   ? -3.906  8.185   0.532   1.00 9.47  ? 8   GLU A CA  1 
ATOM   48   C C   . GLU A 1 8   ? -2.764  7.176   0.703   1.00 9.51  ? 8   GLU A C   1 
ATOM   49   O O   . GLU A 1 8   ? -2.951  6.095   1.270   1.00 9.56  ? 8   GLU A O   1 
ATOM   50   C CB  . GLU A 1 8   ? -4.481  8.078   -0.887  1.00 10.76 ? 8   GLU A CB  1 
ATOM   51   C CG  . GLU A 1 8   ? -4.914  6.663   -1.313  1.00 11.77 ? 8   GLU A CG  1 
ATOM   52   C CD  . GLU A 1 8   ? -5.874  5.998   -0.327  1.00 13.80 ? 8   GLU A CD  1 
ATOM   53   O OE1 . GLU A 1 8   ? -6.706  6.711   0.279   1.00 16.29 ? 8   GLU A OE1 1 
ATOM   54   O OE2 . GLU A 1 8   ? -5.810  4.761   -0.164  1.00 12.09 ? 8   GLU A OE2 1 
ATOM   55   N N   . ILE A 1 9   ? -1.584  7.524   0.201   1.00 8.92  ? 9   ILE A N   1 
ATOM   56   C CA  . ILE A 1 9   ? -0.429  6.639   0.319   1.00 8.98  ? 9   ILE A CA  1 
ATOM   57   C C   . ILE A 1 9   ? -0.119  6.415   1.799   1.00 9.02  ? 9   ILE A C   1 
ATOM   58   O O   . ILE A 1 9   ? 0.101   5.282   2.231   1.00 9.14  ? 9   ILE A O   1 
ATOM   59   C CB  . ILE A 1 9   ? 0.802   7.241   -0.400  1.00 9.40  ? 9   ILE A CB  1 
ATOM   60   C CG1 . ILE A 1 9   ? 0.536   7.292   -1.909  1.00 10.03 ? 9   ILE A CG1 1 
ATOM   61   C CG2 . ILE A 1 9   ? 2.051   6.406   -0.108  1.00 11.22 ? 9   ILE A CG2 1 
ATOM   62   C CD1 . ILE A 1 9   ? 1.592   8.038   -2.694  1.00 8.84  ? 9   ILE A CD1 1 
ATOM   63   N N   . HIS A 1 10  ? -0.119  7.494   2.580   1.00 8.75  ? 10  HIS A N   1 
ATOM   64   C CA  . HIS A 1 10  ? 0.149   7.376   4.010   1.00 9.74  ? 10  HIS A CA  1 
ATOM   65   C C   . HIS A 1 10  ? -0.926  6.586   4.759   1.00 8.72  ? 10  HIS A C   1 
ATOM   66   O O   . HIS A 1 10  ? -0.617  5.632   5.471   1.00 9.43  ? 10  HIS A O   1 
ATOM   67   C CB  . HIS A 1 10  ? 0.306   8.758   4.651   1.00 10.00 ? 10  HIS A CB  1 
ATOM   68   C CG  . HIS A 1 10  ? 1.688   9.322   4.538   1.00 10.82 ? 10  HIS A CG  1 
ATOM   69   N ND1 . HIS A 1 10  ? 2.218   9.772   3.348   1.00 13.07 ? 10  HIS A ND1 1 
ATOM   70   C CD2 . HIS A 1 10  ? 2.660   9.481   5.466   1.00 9.27  ? 10  HIS A CD2 1 
ATOM   71   C CE1 . HIS A 1 10  ? 3.457   10.185  3.549   1.00 10.75 ? 10  HIS A CE1 1 
ATOM   72   N NE2 . HIS A 1 10  ? 3.749   10.018  4.826   1.00 13.23 ? 10  HIS A NE2 1 
ATOM   73   N N   . HIS A 1 11  ? -2.187  6.978   4.594   1.00 9.98  ? 11  HIS A N   1 
ATOM   74   C CA  . HIS A 1 11  ? -3.292  6.298   5.274   1.00 9.57  ? 11  HIS A CA  1 
ATOM   75   C C   . HIS A 1 11  ? -3.413  4.813   4.943   1.00 9.82  ? 11  HIS A C   1 
ATOM   76   O O   . HIS A 1 11  ? -3.754  4.009   5.813   1.00 10.24 ? 11  HIS A O   1 
ATOM   77   C CB  . HIS A 1 11  ? -4.617  7.007   4.979   1.00 10.48 ? 11  HIS A CB  1 
ATOM   78   C CG  . HIS A 1 11  ? -4.744  8.334   5.656   1.00 13.59 ? 11  HIS A CG  1 
ATOM   79   N ND1 . HIS A 1 11  ? -5.911  9.067   5.652   1.00 14.85 ? 11  HIS A ND1 1 
ATOM   80   C CD2 . HIS A 1 11  ? -3.850  9.052   6.378   1.00 13.98 ? 11  HIS A CD2 1 
ATOM   81   C CE1 . HIS A 1 11  ? -5.732  10.177  6.345   1.00 15.27 ? 11  HIS A CE1 1 
ATOM   82   N NE2 . HIS A 1 11  ? -4.491  10.191  6.798   1.00 16.46 ? 11  HIS A NE2 1 
ATOM   83   N N   . ALA A 1 12  ? -3.143  4.449   3.692   1.00 9.85  ? 12  ALA A N   1 
ATOM   84   C CA  . ALA A 1 12  ? -3.212  3.046   3.298   1.00 10.41 ? 12  ALA A CA  1 
ATOM   85   C C   . ALA A 1 12  ? -2.152  2.260   4.070   1.00 10.16 ? 12  ALA A C   1 
ATOM   86   O O   . ALA A 1 12  ? -2.407  1.154   4.557   1.00 9.73  ? 12  ALA A O   1 
ATOM   87   C CB  . ALA A 1 12  ? -2.970  2.902   1.797   1.00 10.61 ? 12  ALA A CB  1 
ATOM   88   N N   . HIS A 1 13  ? -0.961  2.836   4.188   1.00 10.87 ? 13  HIS A N   1 
ATOM   89   C CA  . HIS A 1 13  ? 0.114   2.153   4.897   1.00 10.33 ? 13  HIS A CA  1 
ATOM   90   C C   . HIS A 1 13  ? -0.087  2.097   6.407   1.00 10.14 ? 13  HIS A C   1 
ATOM   91   O O   . HIS A 1 13  ? 0.403   1.176   7.056   1.00 10.64 ? 13  HIS A O   1 
ATOM   92   C CB  . HIS A 1 13  ? 1.458   2.771   4.504   1.00 11.15 ? 13  HIS A CB  1 
ATOM   93   C CG  . HIS A 1 13  ? 1.887   2.385   3.124   1.00 12.12 ? 13  HIS A CG  1 
ATOM   94   N ND1 . HIS A 1 13  ? 2.445   1.157   2.841   1.00 13.38 ? 13  HIS A ND1 1 
ATOM   95   C CD2 . HIS A 1 13  ? 1.713   3.003   1.930   1.00 11.29 ? 13  HIS A CD2 1 
ATOM   96   C CE1 . HIS A 1 13  ? 2.593   1.032   1.532   1.00 11.68 ? 13  HIS A CE1 1 
ATOM   97   N NE2 . HIS A 1 13  ? 2.153   2.138   0.957   1.00 13.73 ? 13  HIS A NE2 1 
ATOM   98   N N   . VAL A 1 14  ? -0.814  3.065   6.962   1.00 10.04 ? 14  VAL A N   1 
ATOM   99   C CA  . VAL A 1 14  ? -1.107  3.049   8.395   1.00 10.45 ? 14  VAL A CA  1 
ATOM   100  C C   . VAL A 1 14  ? -2.068  1.871   8.620   1.00 9.89  ? 14  VAL A C   1 
ATOM   101  O O   . VAL A 1 14  ? -1.943  1.129   9.596   1.00 10.68 ? 14  VAL A O   1 
ATOM   102  C CB  . VAL A 1 14  ? -1.781  4.371   8.862   1.00 10.64 ? 14  VAL A CB  1 
ATOM   103  C CG1 . VAL A 1 14  ? -2.351  4.200   10.264  1.00 11.89 ? 14  VAL A CG1 1 
ATOM   104  C CG2 . VAL A 1 14  ? -0.763  5.506   8.865   1.00 11.32 ? 14  VAL A CG2 1 
ATOM   105  N N   . ALA A 1 15  ? -3.015  1.697   7.701   1.00 8.98  ? 15  ALA A N   1 
ATOM   106  C CA  . ALA A 1 15  ? -3.975  0.597   7.795   1.00 9.17  ? 15  ALA A CA  1 
ATOM   107  C C   . ALA A 1 15  ? -3.243  -0.738  7.641   1.00 9.78  ? 15  ALA A C   1 
ATOM   108  O O   . ALA A 1 15  ? -3.531  -1.702  8.355   1.00 9.27  ? 15  ALA A O   1 
ATOM   109  C CB  . ALA A 1 15  ? -5.048  0.737   6.717   1.00 9.23  ? 15  ALA A CB  1 
ATOM   110  N N   . ILE A 1 16  ? -2.296  -0.789  6.705   1.00 8.46  ? 16  ILE A N   1 
ATOM   111  C CA  . ILE A 1 16  ? -1.520  -2.002  6.477   1.00 8.45  ? 16  ILE A CA  1 
ATOM   112  C C   . ILE A 1 16  ? -0.682  -2.316  7.712   1.00 8.75  ? 16  ILE A C   1 
ATOM   113  O O   . ILE A 1 16  ? -0.636  -3.460  8.175   1.00 8.46  ? 16  ILE A O   1 
ATOM   114  C CB  . ILE A 1 16  ? -0.594  -1.851  5.235   1.00 9.73  ? 16  ILE A CB  1 
ATOM   115  C CG1 . ILE A 1 16  ? -1.447  -1.818  3.962   1.00 7.89  ? 16  ILE A CG1 1 
ATOM   116  C CG2 . ILE A 1 16  ? 0.423   -2.988  5.189   1.00 8.67  ? 16  ILE A CG2 1 
ATOM   117  C CD1 . ILE A 1 16  ? -0.686  -1.406  2.713   1.00 9.68  ? 16  ILE A CD1 1 
ATOM   118  N N   . ARG A 1 17  ? -0.023  -1.296  8.252   1.00 8.77  ? 17  ARG A N   1 
ATOM   119  C CA  . ARG A 1 17  ? 0.807   -1.480  9.433   1.00 9.27  ? 17  ARG A CA  1 
ATOM   120  C C   . ARG A 1 17  ? -0.021  -2.023  10.601  1.00 9.00  ? 17  ARG A C   1 
ATOM   121  O O   . ARG A 1 17  ? 0.381   -2.982  11.259  1.00 8.26  ? 17  ARG A O   1 
ATOM   122  C CB  . ARG A 1 17  ? 1.445   -0.157  9.835   1.00 9.77  ? 17  ARG A CB  1 
ATOM   123  C CG  . ARG A 1 17  ? 2.366   -0.251  11.037  1.00 12.41 ? 17  ARG A CG  1 
ATOM   124  C CD  . ARG A 1 17  ? 2.430   1.091   11.726  1.00 15.94 ? 17  ARG A CD  1 
ATOM   125  N NE  . ARG A 1 17  ? 1.125   1.447   12.274  1.00 20.25 ? 17  ARG A NE  1 
ATOM   126  C CZ  . ARG A 1 17  ? 0.761   2.685   12.592  1.00 22.78 ? 17  ARG A CZ  1 
ATOM   127  N NH1 . ARG A 1 17  ? 1.606   3.694   12.410  1.00 22.24 ? 17  ARG A NH1 1 
ATOM   128  N NH2 . ARG A 1 17  ? -0.443  2.912   13.106  1.00 22.94 ? 17  ARG A NH2 1 
ATOM   129  N N   . ASP A 1 18  ? -1.177  -1.410  10.855  1.00 9.59  ? 18  ASP A N   1 
ATOM   130  C CA  . ASP A 1 18  ? -2.032  -1.850  11.958  1.00 11.58 ? 18  ASP A CA  1 
ATOM   131  C C   . ASP A 1 18  ? -2.480  -3.293  11.783  1.00 10.92 ? 18  ASP A C   1 
ATOM   132  O O   . ASP A 1 18  ? -2.547  -4.053  12.755  1.00 11.53 ? 18  ASP A O   1 
ATOM   133  C CB  . ASP A 1 18  ? -3.271  -0.958  12.092  1.00 12.52 ? 18  ASP A CB  1 
ATOM   134  C CG  . ASP A 1 18  ? -2.943  0.428   12.623  1.00 15.59 ? 18  ASP A CG  1 
ATOM   135  O OD1 . ASP A 1 18  ? -1.807  0.638   13.102  1.00 15.04 ? 18  ASP A OD1 1 
ATOM   136  O OD2 . ASP A 1 18  ? -3.835  1.306   12.573  1.00 17.97 ? 18  ASP A OD2 1 
ATOM   137  N N   . TRP A 1 19  ? -2.782  -3.673  10.544  1.00 10.02 ? 19  TRP A N   1 
ATOM   138  C CA  . TRP A 1 19  ? -3.217  -5.033  10.260  1.00 10.04 ? 19  TRP A CA  1 
ATOM   139  C C   . TRP A 1 19  ? -2.087  -6.040  10.512  1.00 10.19 ? 19  TRP A C   1 
ATOM   140  O O   . TRP A 1 19  ? -2.282  -7.049  11.189  1.00 10.02 ? 19  TRP A O   1 
ATOM   141  C CB  . TRP A 1 19  ? -3.713  -5.140  8.810   1.00 9.22  ? 19  TRP A CB  1 
ATOM   142  C CG  . TRP A 1 19  ? -4.091  -6.543  8.443   1.00 10.61 ? 19  TRP A CG  1 
ATOM   143  C CD1 . TRP A 1 19  ? -3.387  -7.402  7.642   1.00 10.78 ? 19  TRP A CD1 1 
ATOM   144  C CD2 . TRP A 1 19  ? -5.199  -7.293  8.956   1.00 10.37 ? 19  TRP A CD2 1 
ATOM   145  N NE1 . TRP A 1 19  ? -3.983  -8.639  7.635   1.00 11.26 ? 19  TRP A NE1 1 
ATOM   146  C CE2 . TRP A 1 19  ? -5.097  -8.600  8.432   1.00 11.18 ? 19  TRP A CE2 1 
ATOM   147  C CE3 . TRP A 1 19  ? -6.268  -6.987  9.811   1.00 10.02 ? 19  TRP A CE3 1 
ATOM   148  C CZ2 . TRP A 1 19  ? -6.023  -9.603  8.736   1.00 10.93 ? 19  TRP A CZ2 1 
ATOM   149  C CZ3 . TRP A 1 19  ? -7.188  -7.982  10.110  1.00 10.64 ? 19  TRP A CZ3 1 
ATOM   150  C CH2 . TRP A 1 19  ? -7.058  -9.276  9.573   1.00 11.51 ? 19  TRP A CH2 1 
ATOM   151  N N   . LEU A 1 20  ? -0.902  -5.759  9.975   1.00 10.00 ? 20  LEU A N   1 
ATOM   152  C CA  . LEU A 1 20  ? 0.236   -6.657  10.148  1.00 10.47 ? 20  LEU A CA  1 
ATOM   153  C C   . LEU A 1 20  ? 0.685   -6.751  11.604  1.00 10.35 ? 20  LEU A C   1 
ATOM   154  O O   . LEU A 1 20  ? 1.092   -7.814  12.064  1.00 11.55 ? 20  LEU A O   1 
ATOM   155  C CB  . LEU A 1 20  ? 1.407   -6.201  9.269   1.00 10.49 ? 20  LEU A CB  1 
ATOM   156  C CG  . LEU A 1 20  ? 1.144   -6.216  7.757   1.00 10.52 ? 20  LEU A CG  1 
ATOM   157  C CD1 . LEU A 1 20  ? 2.364   -5.704  7.003   1.00 11.87 ? 20  LEU A CD1 1 
ATOM   158  C CD2 . LEU A 1 20  ? 0.805   -7.628  7.314   1.00 11.84 ? 20  LEU A CD2 1 
ATOM   159  N N   . ALA A 1 21  ? 0.603   -5.640  12.329  1.00 10.96 ? 21  ALA A N   1 
ATOM   160  C CA  . ALA A 1 21  ? 1.019   -5.607  13.731  1.00 11.54 ? 21  ALA A CA  1 
ATOM   161  C C   . ALA A 1 21  ? -0.022  -6.169  14.699  1.00 13.33 ? 21  ALA A C   1 
ATOM   162  O O   . ALA A 1 21  ? 0.274   -6.399  15.870  1.00 13.31 ? 21  ALA A O   1 
ATOM   163  C CB  . ALA A 1 21  ? 1.375   -4.176  14.131  1.00 11.13 ? 21  ALA A CB  1 
ATOM   164  N N   . GLY A 1 22  ? -1.241  -6.385  14.218  1.00 14.08 ? 22  GLY A N   1 
ATOM   165  C CA  . GLY A 1 22  ? -2.280  -6.909  15.084  1.00 13.94 ? 22  GLY A CA  1 
ATOM   166  C C   . GLY A 1 22  ? -2.970  -5.823  15.892  1.00 15.58 ? 22  GLY A C   1 
ATOM   167  O O   . GLY A 1 22  ? -3.613  -6.124  16.894  1.00 16.10 ? 22  GLY A O   1 
ATOM   168  N N   . ASP A 1 23  ? -2.828  -4.564  15.472  1.00 16.79 ? 23  ASP A N   1 
ATOM   169  C CA  . ASP A 1 23  ? -3.462  -3.426  16.154  1.00 18.39 ? 23  ASP A CA  1 
ATOM   170  C C   . ASP A 1 23  ? -4.525  -2.833  15.238  1.00 20.22 ? 23  ASP A C   1 
ATOM   171  O O   . ASP A 1 23  ? -4.579  -1.617  15.056  1.00 21.12 ? 23  ASP A O   1 
ATOM   172  C CB  . ASP A 1 23  ? -2.452  -2.311  16.452  1.00 20.44 ? 23  ASP A CB  1 
ATOM   173  C CG  . ASP A 1 23  ? -1.311  -2.758  17.332  1.00 22.32 ? 23  ASP A CG  1 
ATOM   174  O OD1 . ASP A 1 23  ? -1.574  -3.423  18.351  1.00 25.74 ? 23  ASP A OD1 1 
ATOM   175  O OD2 . ASP A 1 23  ? -0.149  -2.426  17.014  1.00 25.15 ? 23  ASP A OD2 1 
ATOM   176  N N   . SER A 1 24  ? -5.370  -3.675  14.664  1.00 20.00 ? 24  SER A N   1 
ATOM   177  C CA  . SER A 1 24  ? -6.385  -3.194  13.740  1.00 21.96 ? 24  SER A CA  1 
ATOM   178  C C   . SER A 1 24  ? -7.789  -3.070  14.316  1.00 23.67 ? 24  SER A C   1 
ATOM   179  O O   . SER A 1 24  ? -8.130  -3.700  15.320  1.00 22.82 ? 24  SER A O   1 
ATOM   180  C CB  . SER A 1 24  ? -6.421  -4.104  12.517  1.00 21.12 ? 24  SER A CB  1 
ATOM   181  O OG  . SER A 1 24  ? -6.576  -5.455  12.921  1.00 25.16 ? 24  SER A OG  1 
ATOM   182  N N   . ARG A 1 25  ? -8.594  -2.246  13.652  1.00 25.65 ? 25  ARG A N   1 
ATOM   183  C CA  . ARG A 1 25  ? -9.980  -2.003  14.032  1.00 26.92 ? 25  ARG A CA  1 
ATOM   184  C C   . ARG A 1 25  ? -10.826 -3.224  13.674  1.00 26.81 ? 25  ARG A C   1 
ATOM   185  O O   . ARG A 1 25  ? -10.323 -4.199  13.110  1.00 26.37 ? 25  ARG A O   1 
ATOM   186  C CB  . ARG A 1 25  ? -10.508 -0.785  13.277  1.00 29.03 ? 25  ARG A CB  1 
ATOM   187  C CG  . ARG A 1 25  ? -10.351 -0.910  11.765  1.00 32.59 ? 25  ARG A CG  1 
ATOM   188  C CD  . ARG A 1 25  ? -11.107 0.171   11.016  1.00 37.08 ? 25  ARG A CD  1 
ATOM   189  N NE  . ARG A 1 25  ? -12.504 0.229   11.436  1.00 40.54 ? 25  ARG A NE  1 
ATOM   190  C CZ  . ARG A 1 25  ? -12.978 1.072   12.349  1.00 42.54 ? 25  ARG A CZ  1 
ATOM   191  N NH1 . ARG A 1 25  ? -12.166 1.943   12.934  1.00 43.66 ? 25  ARG A NH1 1 
ATOM   192  N NH2 . ARG A 1 25  ? -14.262 1.033   12.689  1.00 41.45 ? 25  ARG A NH2 1 
ATOM   193  N N   . ALA A 1 26  ? -12.113 -3.162  13.993  1.00 27.40 ? 26  ALA A N   1 
ATOM   194  C CA  . ALA A 1 26  ? -13.023 -4.265  13.698  1.00 27.62 ? 26  ALA A CA  1 
ATOM   195  C C   . ALA A 1 26  ? -13.288 -4.388  12.197  1.00 27.02 ? 26  ALA A C   1 
ATOM   196  O O   . ALA A 1 26  ? -13.608 -3.397  11.538  1.00 26.47 ? 26  ALA A O   1 
ATOM   197  C CB  . ALA A 1 26  ? -14.339 -4.062  14.441  1.00 28.74 ? 26  ALA A CB  1 
ATOM   198  N N   . ASP A 1 27  ? -13.149 -5.602  11.663  1.00 26.30 ? 27  ASP A N   1 
ATOM   199  C CA  . ASP A 1 27  ? -13.392 -5.847  10.242  1.00 25.62 ? 27  ASP A CA  1 
ATOM   200  C C   . ASP A 1 27  ? -12.379 -5.042  9.422   1.00 22.79 ? 27  ASP A C   1 
ATOM   201  O O   . ASP A 1 27  ? -12.677 -4.550  8.331   1.00 22.54 ? 27  ASP A O   1 
ATOM   202  C CB  . ASP A 1 27  ? -14.830 -5.428  9.904   1.00 29.48 ? 27  ASP A CB  1 
ATOM   203  C CG  . ASP A 1 27  ? -15.228 -5.768  8.481   1.00 33.88 ? 27  ASP A CG  1 
ATOM   204  O OD1 . ASP A 1 27  ? -15.204 -6.966  8.119   1.00 36.13 ? 27  ASP A OD1 1 
ATOM   205  O OD2 . ASP A 1 27  ? -15.572 -4.829  7.727   1.00 36.91 ? 27  ASP A OD2 1 
ATOM   206  N N   . ALA A 1 28  ? -11.168 -4.940  9.959   1.00 19.16 ? 28  ALA A N   1 
ATOM   207  C CA  . ALA A 1 28  ? -10.099 -4.171  9.339   1.00 17.01 ? 28  ALA A CA  1 
ATOM   208  C C   . ALA A 1 28  ? -9.661  -4.599  7.944   1.00 14.63 ? 28  ALA A C   1 
ATOM   209  O O   . ALA A 1 28  ? -9.471  -3.753  7.069   1.00 13.70 ? 28  ALA A O   1 
ATOM   210  C CB  . ALA A 1 28  ? -8.891  -4.145  10.267  1.00 15.76 ? 28  ALA A CB  1 
ATOM   211  N N   . LEU A 1 29  ? -9.495  -5.897  7.724   1.00 12.69 ? 29  LEU A N   1 
ATOM   212  C CA  . LEU A 1 29  ? -9.036  -6.348  6.418   1.00 11.67 ? 29  LEU A CA  1 
ATOM   213  C C   . LEU A 1 29  ? -9.943  -5.956  5.250   1.00 11.85 ? 29  LEU A C   1 
ATOM   214  O O   . LEU A 1 29  ? -9.452  -5.505  4.209   1.00 10.26 ? 29  LEU A O   1 
ATOM   215  C CB  . LEU A 1 29  ? -8.804  -7.861  6.421   1.00 12.41 ? 29  LEU A CB  1 
ATOM   216  C CG  . LEU A 1 29  ? -8.151  -8.426  5.151   1.00 13.40 ? 29  LEU A CG  1 
ATOM   217  C CD1 . LEU A 1 29  ? -6.954  -7.577  4.726   1.00 13.78 ? 29  LEU A CD1 1 
ATOM   218  C CD2 . LEU A 1 29  ? -7.722  -9.852  5.418   1.00 15.07 ? 29  LEU A CD2 1 
ATOM   219  N N   . ASP A 1 30  ? -11.256 -6.121  5.409   1.00 10.56 ? 30  ASP A N   1 
ATOM   220  C CA  . ASP A 1 30  ? -12.184 -5.764  4.333   1.00 11.30 ? 30  ASP A CA  1 
ATOM   221  C C   . ASP A 1 30  ? -12.092 -4.276  4.003   1.00 10.93 ? 30  ASP A C   1 
ATOM   222  O O   . ASP A 1 30  ? -12.067 -3.892  2.831   1.00 10.07 ? 30  ASP A O   1 
ATOM   223  C CB  . ASP A 1 30  ? -13.628 -6.113  4.708   1.00 12.52 ? 30  ASP A CB  1 
ATOM   224  C CG  . ASP A 1 30  ? -13.889 -7.610  4.713   1.00 15.78 ? 30  ASP A CG  1 
ATOM   225  O OD1 . ASP A 1 30  ? -13.140 -8.352  4.044   1.00 17.40 ? 30  ASP A OD1 1 
ATOM   226  O OD2 . ASP A 1 30  ? -14.860 -8.040  5.376   1.00 18.50 ? 30  ASP A OD2 1 
ATOM   227  N N   . ALA A 1 31  ? -12.046 -3.441  5.038   1.00 11.11 ? 31  ALA A N   1 
ATOM   228  C CA  . ALA A 1 31  ? -11.935 -2.003  4.844   1.00 10.53 ? 31  ALA A CA  1 
ATOM   229  C C   . ALA A 1 31  ? -10.640 -1.691  4.092   1.00 11.14 ? 31  ALA A C   1 
ATOM   230  O O   . ALA A 1 31  ? -10.611 -0.828  3.218   1.00 12.51 ? 31  ALA A O   1 
ATOM   231  C CB  . ALA A 1 31  ? -11.943 -1.294  6.191   1.00 13.51 ? 31  ALA A CB  1 
ATOM   232  N N   . LEU A 1 32  ? -9.567  -2.397  4.435   1.00 9.68  ? 32  LEU A N   1 
ATOM   233  C CA  . LEU A 1 32  ? -8.288  -2.178  3.767   1.00 10.31 ? 32  LEU A CA  1 
ATOM   234  C C   . LEU A 1 32  ? -8.382  -2.599  2.306   1.00 9.59  ? 32  LEU A C   1 
ATOM   235  O O   . LEU A 1 32  ? -7.996  -1.848  1.415   1.00 9.98  ? 32  LEU A O   1 
ATOM   236  C CB  . LEU A 1 32  ? -7.165  -2.964  4.455   1.00 11.42 ? 32  LEU A CB  1 
ATOM   237  C CG  . LEU A 1 32  ? -5.823  -3.001  3.709   1.00 11.71 ? 32  LEU A CG  1 
ATOM   238  C CD1 . LEU A 1 32  ? -5.273  -1.591  3.530   1.00 11.95 ? 32  LEU A CD1 1 
ATOM   239  C CD2 . LEU A 1 32  ? -4.838  -3.883  4.472   1.00 12.44 ? 32  LEU A CD2 1 
ATOM   240  N N   . MET A 1 33  ? -8.917  -3.790  2.053   1.00 9.34  ? 33  MET A N   1 
ATOM   241  C CA  . MET A 1 33  ? -9.010  -4.265  0.673   1.00 9.22  ? 33  MET A CA  1 
ATOM   242  C C   . MET A 1 33  ? -9.956  -3.427  -0.185  1.00 9.26  ? 33  MET A C   1 
ATOM   243  O O   . MET A 1 33  ? -9.855  -3.438  -1.420  1.00 9.32  ? 33  MET A O   1 
ATOM   244  C CB  . MET A 1 33  ? -9.400  -5.751  0.639   1.00 7.93  ? 33  MET A CB  1 
ATOM   245  C CG  . MET A 1 33  ? -8.331  -6.678  1.243   1.00 9.61  ? 33  MET A CG  1 
ATOM   246  S SD  . MET A 1 33  ? -6.635  -6.434  0.603   1.00 4.75  ? 33  MET A SD  1 
ATOM   247  C CE  . MET A 1 33  ? -6.051  -5.275  1.668   1.00 19.11 ? 33  MET A CE  1 
ATOM   248  N N   . ALA A 1 34  ? -10.855 -2.687  0.463   1.00 8.76  ? 34  ALA A N   1 
ATOM   249  C CA  . ALA A 1 34  ? -11.789 -1.826  -0.250  1.00 9.39  ? 34  ALA A CA  1 
ATOM   250  C C   . ALA A 1 34  ? -11.061 -0.626  -0.877  1.00 9.27  ? 34  ALA A C   1 
ATOM   251  O O   . ALA A 1 34  ? -11.628 0.093   -1.709  1.00 11.47 ? 34  ALA A O   1 
ATOM   252  C CB  . ALA A 1 34  ? -12.887 -1.343  0.698   1.00 10.64 ? 34  ALA A CB  1 
ATOM   253  N N   . ARG A 1 35  ? -9.808  -0.406  -0.482  1.00 7.78  ? 35  ARG A N   1 
ATOM   254  C CA  . ARG A 1 35  ? -9.028  0.703   -1.041  1.00 9.54  ? 35  ARG A CA  1 
ATOM   255  C C   . ARG A 1 35  ? -8.486  0.308   -2.413  1.00 9.31  ? 35  ARG A C   1 
ATOM   256  O O   . ARG A 1 35  ? -8.034  1.164   -3.179  1.00 10.16 ? 35  ARG A O   1 
ATOM   257  C CB  . ARG A 1 35  ? -7.840  1.057   -0.132  1.00 10.52 ? 35  ARG A CB  1 
ATOM   258  C CG  . ARG A 1 35  ? -8.198  1.237   1.339   1.00 12.12 ? 35  ARG A CG  1 
ATOM   259  C CD  . ARG A 1 35  ? -6.980  1.568   2.188   1.00 15.82 ? 35  ARG A CD  1 
ATOM   260  N NE  . ARG A 1 35  ? -6.666  2.986   2.108   1.00 21.81 ? 35  ARG A NE  1 
ATOM   261  C CZ  . ARG A 1 35  ? -6.914  3.873   3.070   1.00 21.23 ? 35  ARG A CZ  1 
ATOM   262  N NH1 . ARG A 1 35  ? -7.478  3.495   4.212   1.00 20.75 ? 35  ARG A NH1 1 
ATOM   263  N NH2 . ARG A 1 35  ? -6.612  5.149   2.878   1.00 22.71 ? 35  ARG A NH2 1 
ATOM   264  N N   . PHE A 1 36  ? -8.538  -0.988  -2.719  1.00 8.20  ? 36  PHE A N   1 
ATOM   265  C CA  . PHE A 1 36  ? -8.009  -1.501  -3.982  1.00 7.96  ? 36  PHE A CA  1 
ATOM   266  C C   . PHE A 1 36  ? -9.060  -1.694  -5.056  1.00 8.57  ? 36  PHE A C   1 
ATOM   267  O O   . PHE A 1 36  ? -10.131 -2.255  -4.808  1.00 8.69  ? 36  PHE A O   1 
ATOM   268  C CB  . PHE A 1 36  ? -7.265  -2.812  -3.719  1.00 7.72  ? 36  PHE A CB  1 
ATOM   269  C CG  . PHE A 1 36  ? -6.072  -2.642  -2.821  1.00 6.57  ? 36  PHE A CG  1 
ATOM   270  C CD1 . PHE A 1 36  ? -4.813  -2.387  -3.353  1.00 7.70  ? 36  PHE A CD1 1 
ATOM   271  C CD2 . PHE A 1 36  ? -6.225  -2.654  -1.438  1.00 8.02  ? 36  PHE A CD2 1 
ATOM   272  C CE1 . PHE A 1 36  ? -3.723  -2.141  -2.521  1.00 9.56  ? 36  PHE A CE1 1 
ATOM   273  C CE2 . PHE A 1 36  ? -5.145  -2.410  -0.595  1.00 9.38  ? 36  PHE A CE2 1 
ATOM   274  C CZ  . PHE A 1 36  ? -3.888  -2.149  -1.134  1.00 8.91  ? 36  PHE A CZ  1 
ATOM   275  N N   . ALA A 1 37  ? -8.750  -1.213  -6.256  1.00 8.48  ? 37  ALA A N   1 
ATOM   276  C CA  . ALA A 1 37  ? -9.664  -1.327  -7.382  1.00 9.24  ? 37  ALA A CA  1 
ATOM   277  C C   . ALA A 1 37  ? -9.854  -2.800  -7.750  1.00 9.18  ? 37  ALA A C   1 
ATOM   278  O O   . ALA A 1 37  ? -8.999  -3.644  -7.464  1.00 7.99  ? 37  ALA A O   1 
ATOM   279  C CB  . ALA A 1 37  ? -9.116  -0.553  -8.582  1.00 10.39 ? 37  ALA A CB  1 
ATOM   280  N N   . GLU A 1 38  ? -10.985 -3.097  -8.381  1.00 9.89  ? 38  GLU A N   1 
ATOM   281  C CA  . GLU A 1 38  ? -11.299 -4.457  -8.793  1.00 11.01 ? 38  GLU A CA  1 
ATOM   282  C C   . GLU A 1 38  ? -10.179 -5.014  -9.669  1.00 9.77  ? 38  GLU A C   1 
ATOM   283  O O   . GLU A 1 38  ? -9.778  -6.173  -9.528  1.00 10.13 ? 38  GLU A O   1 
ATOM   284  C CB  . GLU A 1 38  ? -12.611 -4.467  -9.579  1.00 13.22 ? 38  GLU A CB  1 
ATOM   285  C CG  . GLU A 1 38  ? -13.108 -5.852  -9.956  1.00 18.55 ? 38  GLU A CG  1 
ATOM   286  C CD  . GLU A 1 38  ? -14.232 -5.803  -10.976 1.00 21.29 ? 38  GLU A CD  1 
ATOM   287  O OE1 . GLU A 1 38  ? -15.074 -4.883  -10.894 1.00 23.60 ? 38  GLU A OE1 1 
ATOM   288  O OE2 . GLU A 1 38  ? -14.279 -6.690  -11.853 1.00 26.01 ? 38  GLU A OE2 1 
ATOM   289  N N   . ASP A 1 39  ? -9.672  -4.174  -10.568 1.00 10.29 ? 39  ASP A N   1 
ATOM   290  C CA  . ASP A 1 39  ? -8.614  -4.581  -11.488 1.00 11.35 ? 39  ASP A CA  1 
ATOM   291  C C   . ASP A 1 39  ? -7.191  -4.269  -11.013 1.00 11.42 ? 39  ASP A C   1 
ATOM   292  O O   . ASP A 1 39  ? -6.269  -4.167  -11.821 1.00 11.05 ? 39  ASP A O   1 
ATOM   293  C CB  . ASP A 1 39  ? -8.866  -3.957  -12.872 1.00 13.15 ? 39  ASP A CB  1 
ATOM   294  C CG  . ASP A 1 39  ? -8.954  -2.427  -12.837 1.00 15.35 ? 39  ASP A CG  1 
ATOM   295  O OD1 . ASP A 1 39  ? -9.094  -1.834  -11.740 1.00 15.28 ? 39  ASP A OD1 1 
ATOM   296  O OD2 . ASP A 1 39  ? -8.893  -1.815  -13.927 1.00 17.23 ? 39  ASP A OD2 1 
ATOM   297  N N   . PHE A 1 40  ? -7.019  -4.129  -9.700  1.00 9.69  ? 40  PHE A N   1 
ATOM   298  C CA  . PHE A 1 40  ? -5.708  -3.847  -9.117  1.00 10.25 ? 40  PHE A CA  1 
ATOM   299  C C   . PHE A 1 40  ? -4.707  -4.962  -9.404  1.00 10.72 ? 40  PHE A C   1 
ATOM   300  O O   . PHE A 1 40  ? -5.052  -6.149  -9.405  1.00 10.88 ? 40  PHE A O   1 
ATOM   301  C CB  . PHE A 1 40  ? -5.832  -3.692  -7.598  1.00 9.87  ? 40  PHE A CB  1 
ATOM   302  C CG  . PHE A 1 40  ? -4.509  -3.627  -6.878  1.00 9.70  ? 40  PHE A CG  1 
ATOM   303  C CD1 . PHE A 1 40  ? -3.763  -2.447  -6.865  1.00 8.97  ? 40  PHE A CD1 1 
ATOM   304  C CD2 . PHE A 1 40  ? -4.015  -4.747  -6.203  1.00 8.14  ? 40  PHE A CD2 1 
ATOM   305  C CE1 . PHE A 1 40  ? -2.541  -2.377  -6.185  1.00 8.22  ? 40  PHE A CE1 1 
ATOM   306  C CE2 . PHE A 1 40  ? -2.793  -4.693  -5.519  1.00 7.46  ? 40  PHE A CE2 1 
ATOM   307  C CZ  . PHE A 1 40  ? -2.054  -3.505  -5.507  1.00 8.26  ? 40  PHE A CZ  1 
ATOM   308  N N   . SER A 1 41  ? -3.462  -4.564  -9.635  1.00 10.54 ? 41  SER A N   1 
ATOM   309  C CA  . SER A 1 41  ? -2.375  -5.502  -9.889  1.00 12.32 ? 41  SER A CA  1 
ATOM   310  C C   . SER A 1 41  ? -1.123  -4.915  -9.254  1.00 10.36 ? 41  SER A C   1 
ATOM   311  O O   . SER A 1 41  ? -0.944  -3.699  -9.243  1.00 9.14  ? 41  SER A O   1 
ATOM   312  C CB  . SER A 1 41  ? -2.143  -5.688  -11.403 1.00 15.09 ? 41  SER A CB  1 
ATOM   313  O OG  . SER A 1 41  ? -1.769  -4.471  -12.044 1.00 20.16 ? 41  SER A OG  1 
ATOM   314  N N   . MET A 1 42  ? -0.268  -5.768  -8.703  1.00 9.89  ? 42  MET A N   1 
ATOM   315  C CA  . MET A 1 42  ? 0.966   -5.269  -8.129  1.00 10.00 ? 42  MET A CA  1 
ATOM   316  C C   . MET A 1 42  ? 2.129   -6.207  -8.409  1.00 10.04 ? 42  MET A C   1 
ATOM   317  O O   . MET A 1 42  ? 1.944   -7.392  -8.679  1.00 9.41  ? 42  MET A O   1 
ATOM   318  C CB  . MET A 1 42  ? 0.822   -5.015  -6.610  1.00 12.51 ? 42  MET A CB  1 
ATOM   319  C CG  . MET A 1 42  ? 1.086   -6.187  -5.663  1.00 13.34 ? 42  MET A CG  1 
ATOM   320  S SD  . MET A 1 42  ? 1.203   -5.682  -3.891  1.00 6.28  ? 42  MET A SD  1 
ATOM   321  C CE  . MET A 1 42  ? 2.865   -5.143  -3.811  1.00 14.50 ? 42  MET A CE  1 
ATOM   322  N N   . VAL A 1 43  ? 3.326   -5.640  -8.389  1.00 9.09  ? 43  VAL A N   1 
ATOM   323  C CA  . VAL A 1 43  ? 4.557   -6.388  -8.585  1.00 8.95  ? 43  VAL A CA  1 
ATOM   324  C C   . VAL A 1 43  ? 5.295   -6.206  -7.264  1.00 9.21  ? 43  VAL A C   1 
ATOM   325  O O   . VAL A 1 43  ? 5.645   -5.079  -6.893  1.00 8.48  ? 43  VAL A O   1 
ATOM   326  C CB  . VAL A 1 43  ? 5.410   -5.791  -9.735  1.00 9.42  ? 43  VAL A CB  1 
ATOM   327  C CG1 . VAL A 1 43  ? 6.756   -6.509  -9.828  1.00 10.06 ? 43  VAL A CG1 1 
ATOM   328  C CG2 . VAL A 1 43  ? 4.658   -5.913  -11.047 1.00 9.09  ? 43  VAL A CG2 1 
ATOM   329  N N   . THR A 1 44  ? 5.508   -7.304  -6.543  1.00 8.42  ? 44  THR A N   1 
ATOM   330  C CA  . THR A 1 44  ? 6.202   -7.251  -5.257  1.00 8.38  ? 44  THR A CA  1 
ATOM   331  C C   . THR A 1 44  ? 7.719   -7.155  -5.483  1.00 8.68  ? 44  THR A C   1 
ATOM   332  O O   . THR A 1 44  ? 8.197   -7.311  -6.607  1.00 8.98  ? 44  THR A O   1 
ATOM   333  C CB  . THR A 1 44  ? 5.912   -8.522  -4.419  1.00 9.35  ? 44  THR A CB  1 
ATOM   334  O OG1 . THR A 1 44  ? 6.671   -9.619  -4.943  1.00 8.81  ? 44  THR A OG1 1 
ATOM   335  C CG2 . THR A 1 44  ? 4.422   -8.876  -4.473  1.00 9.91  ? 44  THR A CG2 1 
ATOM   336  N N   . PRO A 1 45  ? 8.497   -6.898  -4.414  1.00 9.56  ? 45  PRO A N   1 
ATOM   337  C CA  . PRO A 1 45  ? 9.956   -6.798  -4.556  1.00 9.88  ? 45  PRO A CA  1 
ATOM   338  C C   . PRO A 1 45  ? 10.575  -8.107  -5.065  1.00 10.78 ? 45  PRO A C   1 
ATOM   339  O O   . PRO A 1 45  ? 11.737  -8.139  -5.465  1.00 10.01 ? 45  PRO A O   1 
ATOM   340  C CB  . PRO A 1 45  ? 10.419  -6.457  -3.142  1.00 10.28 ? 45  PRO A CB  1 
ATOM   341  C CG  . PRO A 1 45  ? 9.255   -5.689  -2.580  1.00 12.58 ? 45  PRO A CG  1 
ATOM   342  C CD  . PRO A 1 45  ? 8.078   -6.522  -3.053  1.00 10.00 ? 45  PRO A CD  1 
ATOM   343  N N   . HIS A 1 46  ? 9.797   -9.186  -5.033  1.00 10.54 ? 46  HIS A N   1 
ATOM   344  C CA  . HIS A 1 46  ? 10.271  -10.483 -5.508  1.00 12.16 ? 46  HIS A CA  1 
ATOM   345  C C   . HIS A 1 46  ? 9.976   -10.649 -6.991  1.00 13.34 ? 46  HIS A C   1 
ATOM   346  O O   . HIS A 1 46  ? 10.271  -11.694 -7.571  1.00 14.50 ? 46  HIS A O   1 
ATOM   347  C CB  . HIS A 1 46  ? 9.590   -11.631 -4.752  1.00 12.96 ? 46  HIS A CB  1 
ATOM   348  C CG  . HIS A 1 46  ? 9.986   -11.728 -3.313  1.00 14.05 ? 46  HIS A CG  1 
ATOM   349  N ND1 . HIS A 1 46  ? 9.343   -11.034 -2.312  1.00 16.62 ? 46  HIS A ND1 1 
ATOM   350  C CD2 . HIS A 1 46  ? 10.987  -12.415 -2.713  1.00 13.35 ? 46  HIS A CD2 1 
ATOM   351  C CE1 . HIS A 1 46  ? 9.929   -11.289 -1.157  1.00 16.35 ? 46  HIS A CE1 1 
ATOM   352  N NE2 . HIS A 1 46  ? 10.930  -12.124 -1.372  1.00 17.08 ? 46  HIS A NE2 1 
ATOM   353  N N   . GLY A 1 47  ? 9.385   -9.625  -7.600  1.00 13.07 ? 47  GLY A N   1 
ATOM   354  C CA  . GLY A 1 47  ? 9.056   -9.705  -9.011  1.00 12.41 ? 47  GLY A CA  1 
ATOM   355  C C   . GLY A 1 47  ? 7.859   -10.614 -9.243  1.00 13.79 ? 47  GLY A C   1 
ATOM   356  O O   . GLY A 1 47  ? 7.695   -11.162 -10.334 1.00 14.84 ? 47  GLY A O   1 
ATOM   357  N N   . VAL A 1 48  ? 7.031   -10.776 -8.210  1.00 12.39 ? 48  VAL A N   1 
ATOM   358  C CA  . VAL A 1 48  ? 5.827   -11.610 -8.276  1.00 12.18 ? 48  VAL A CA  1 
ATOM   359  C C   . VAL A 1 48  ? 4.601   -10.732 -8.507  1.00 11.79 ? 48  VAL A C   1 
ATOM   360  O O   . VAL A 1 48  ? 4.481   -9.658  -7.915  1.00 11.16 ? 48  VAL A O   1 
ATOM   361  C CB  . VAL A 1 48  ? 5.615   -12.396 -6.968  1.00 11.76 ? 48  VAL A CB  1 
ATOM   362  C CG1 . VAL A 1 48  ? 4.234   -13.045 -6.961  1.00 12.92 ? 48  VAL A CG1 1 
ATOM   363  C CG2 . VAL A 1 48  ? 6.701   -13.454 -6.818  1.00 15.14 ? 48  VAL A CG2 1 
ATOM   364  N N   . VAL A 1 49  ? 3.694   -11.193 -9.365  1.00 11.60 ? 49  VAL A N   1 
ATOM   365  C CA  . VAL A 1 49  ? 2.479   -10.447 -9.681  1.00 10.69 ? 49  VAL A CA  1 
ATOM   366  C C   . VAL A 1 49  ? 1.313   -10.936 -8.830  1.00 11.48 ? 49  VAL A C   1 
ATOM   367  O O   . VAL A 1 49  ? 1.092   -12.142 -8.701  1.00 12.83 ? 49  VAL A O   1 
ATOM   368  C CB  . VAL A 1 49  ? 2.107   -10.605 -11.172 1.00 10.26 ? 49  VAL A CB  1 
ATOM   369  C CG1 . VAL A 1 49  ? 0.847   -9.814  -11.482 1.00 11.09 ? 49  VAL A CG1 1 
ATOM   370  C CG2 . VAL A 1 49  ? 3.269   -10.139 -12.048 1.00 11.43 ? 49  VAL A CG2 1 
ATOM   371  N N   . LEU A 1 50  ? 0.578   -9.997  -8.240  1.00 10.57 ? 50  LEU A N   1 
ATOM   372  C CA  . LEU A 1 50  ? -0.570  -10.338 -7.405  1.00 11.17 ? 50  LEU A CA  1 
ATOM   373  C C   . LEU A 1 50  ? -1.772  -9.496  -7.796  1.00 12.44 ? 50  LEU A C   1 
ATOM   374  O O   . LEU A 1 50  ? -1.651  -8.276  -7.920  1.00 14.01 ? 50  LEU A O   1 
ATOM   375  C CB  . LEU A 1 50  ? -0.280  -10.052 -5.933  1.00 10.84 ? 50  LEU A CB  1 
ATOM   376  C CG  . LEU A 1 50  ? 0.907   -10.697 -5.234  1.00 10.08 ? 50  LEU A CG  1 
ATOM   377  C CD1 . LEU A 1 50  ? 1.016   -10.112 -3.828  1.00 11.38 ? 50  LEU A CD1 1 
ATOM   378  C CD2 . LEU A 1 50  ? 0.727   -12.211 -5.196  1.00 11.01 ? 50  LEU A CD2 1 
ATOM   379  N N   . ASP A 1 51  ? -2.923  -10.132 -8.006  1.00 10.30 ? 51  ASP A N   1 
ATOM   380  C CA  . ASP A 1 51  ? -4.120  -9.359  -8.313  1.00 11.27 ? 51  ASP A CA  1 
ATOM   381  C C   . ASP A 1 51  ? -4.790  -9.047  -6.975  1.00 9.94  ? 51  ASP A C   1 
ATOM   382  O O   . ASP A 1 51  ? -4.256  -9.399  -5.921  1.00 9.59  ? 51  ASP A O   1 
ATOM   383  C CB  . ASP A 1 51  ? -5.076  -10.112 -9.260  1.00 12.00 ? 51  ASP A CB  1 
ATOM   384  C CG  . ASP A 1 51  ? -5.519  -11.470 -8.728  1.00 14.60 ? 51  ASP A CG  1 
ATOM   385  O OD1 . ASP A 1 51  ? -5.359  -11.752 -7.525  1.00 13.25 ? 51  ASP A OD1 1 
ATOM   386  O OD2 . ASP A 1 51  ? -6.051  -12.258 -9.540  1.00 18.37 ? 51  ASP A OD2 1 
ATOM   387  N N   . LYS A 1 52  ? -5.940  -8.385  -6.995  1.00 9.13  ? 52  LYS A N   1 
ATOM   388  C CA  . LYS A 1 52  ? -6.602  -8.045  -5.738  1.00 8.86  ? 52  LYS A CA  1 
ATOM   389  C C   . LYS A 1 52  ? -6.890  -9.268  -4.869  1.00 9.63  ? 52  LYS A C   1 
ATOM   390  O O   . LYS A 1 52  ? -6.646  -9.254  -3.664  1.00 11.31 ? 52  LYS A O   1 
ATOM   391  C CB  . LYS A 1 52  ? -7.907  -7.285  -5.996  1.00 9.09  ? 52  LYS A CB  1 
ATOM   392  C CG  . LYS A 1 52  ? -8.617  -6.873  -4.710  1.00 8.38  ? 52  LYS A CG  1 
ATOM   393  C CD  . LYS A 1 52  ? -9.742  -5.894  -4.975  1.00 6.74  ? 52  LYS A CD  1 
ATOM   394  C CE  . LYS A 1 52  ? -10.465 -5.552  -3.677  1.00 9.74  ? 52  LYS A CE  1 
ATOM   395  N NZ  . LYS A 1 52  ? -11.552 -4.545  -3.857  1.00 8.22  ? 52  LYS A NZ  1 
ATOM   396  N N   . THR A 1 53  ? -7.405  -10.328 -5.477  1.00 10.25 ? 53  THR A N   1 
ATOM   397  C CA  . THR A 1 53  ? -7.714  -11.536 -4.725  1.00 10.79 ? 53  THR A CA  1 
ATOM   398  C C   . THR A 1 53  ? -6.477  -12.110 -4.040  1.00 10.50 ? 53  THR A C   1 
ATOM   399  O O   . THR A 1 53  ? -6.521  -12.476 -2.861  1.00 9.50  ? 53  THR A O   1 
ATOM   400  C CB  . THR A 1 53  ? -8.336  -12.609 -5.642  1.00 12.42 ? 53  THR A CB  1 
ATOM   401  O OG1 . THR A 1 53  ? -9.592  -12.131 -6.141  1.00 13.34 ? 53  THR A OG1 1 
ATOM   402  C CG2 . THR A 1 53  ? -8.569  -13.901 -4.873  1.00 13.01 ? 53  THR A CG2 1 
ATOM   403  N N   . ALA A 1 54  ? -5.375  -12.180 -4.779  1.00 9.93  ? 54  ALA A N   1 
ATOM   404  C CA  . ALA A 1 54  ? -4.129  -12.720 -4.245  1.00 10.06 ? 54  ALA A CA  1 
ATOM   405  C C   . ALA A 1 54  ? -3.567  -11.859 -3.116  1.00 10.27 ? 54  ALA A C   1 
ATOM   406  O O   . ALA A 1 54  ? -3.041  -12.386 -2.133  1.00 10.16 ? 54  ALA A O   1 
ATOM   407  C CB  . ALA A 1 54  ? -3.100  -12.863 -5.367  1.00 9.82  ? 54  ALA A CB  1 
ATOM   408  N N   . LEU A 1 55  ? -3.666  -10.536 -3.255  1.00 9.37  ? 55  LEU A N   1 
ATOM   409  C CA  . LEU A 1 55  ? -3.170  -9.637  -2.215  1.00 9.56  ? 55  LEU A CA  1 
ATOM   410  C C   . LEU A 1 55  ? -4.015  -9.818  -0.952  1.00 10.34 ? 55  LEU A C   1 
ATOM   411  O O   . LEU A 1 55  ? -3.493  -9.809  0.167   1.00 10.33 ? 55  LEU A O   1 
ATOM   412  C CB  . LEU A 1 55  ? -3.234  -8.177  -2.677  1.00 9.51  ? 55  LEU A CB  1 
ATOM   413  C CG  . LEU A 1 55  ? -2.836  -7.160  -1.599  1.00 9.89  ? 55  LEU A CG  1 
ATOM   414  C CD1 . LEU A 1 55  ? -1.414  -7.439  -1.124  1.00 10.61 ? 55  LEU A CD1 1 
ATOM   415  C CD2 . LEU A 1 55  ? -2.960  -5.746  -2.150  1.00 9.49  ? 55  LEU A CD2 1 
ATOM   416  N N   . GLY A 1 56  ? -5.324  -9.979  -1.139  1.00 9.45  ? 56  GLY A N   1 
ATOM   417  C CA  . GLY A 1 56  ? -6.213  -10.190 -0.008  1.00 10.28 ? 56  GLY A CA  1 
ATOM   418  C C   . GLY A 1 56  ? -5.866  -11.468 0.742   1.00 10.75 ? 56  GLY A C   1 
ATOM   419  O O   . GLY A 1 56  ? -5.862  -11.485 1.973   1.00 11.26 ? 56  GLY A O   1 
ATOM   420  N N   . GLU A 1 57  ? -5.581  -12.543 0.006   1.00 10.03 ? 57  GLU A N   1 
ATOM   421  C CA  . GLU A 1 57  ? -5.209  -13.819 0.620   1.00 11.86 ? 57  GLU A CA  1 
ATOM   422  C C   . GLU A 1 57  ? -3.886  -13.669 1.378   1.00 10.91 ? 57  GLU A C   1 
ATOM   423  O O   . GLU A 1 57  ? -3.717  -14.213 2.473   1.00 11.21 ? 57  GLU A O   1 
ATOM   424  C CB  . GLU A 1 57  ? -5.059  -14.912 -0.446  1.00 13.74 ? 57  GLU A CB  1 
ATOM   425  C CG  . GLU A 1 57  ? -6.296  -15.140 -1.305  1.00 18.14 ? 57  GLU A CG  1 
ATOM   426  C CD  . GLU A 1 57  ? -6.056  -16.157 -2.413  1.00 20.87 ? 57  GLU A CD  1 
ATOM   427  O OE1 . GLU A 1 57  ? -4.951  -16.137 -3.005  1.00 22.80 ? 57  GLU A OE1 1 
ATOM   428  O OE2 . GLU A 1 57  ? -6.971  -16.962 -2.706  1.00 23.13 ? 57  GLU A OE2 1 
ATOM   429  N N   . LEU A 1 58  ? -2.946  -12.938 0.785   1.00 10.49 ? 58  LEU A N   1 
ATOM   430  C CA  . LEU A 1 58  ? -1.657  -12.710 1.420   1.00 11.60 ? 58  LEU A CA  1 
ATOM   431  C C   . LEU A 1 58  ? -1.838  -11.936 2.729   1.00 11.53 ? 58  LEU A C   1 
ATOM   432  O O   . LEU A 1 58  ? -1.320  -12.336 3.772   1.00 10.98 ? 58  LEU A O   1 
ATOM   433  C CB  . LEU A 1 58  ? -0.728  -11.935 0.477   1.00 12.33 ? 58  LEU A CB  1 
ATOM   434  C CG  . LEU A 1 58  ? 0.629   -11.524 1.062   1.00 15.32 ? 58  LEU A CG  1 
ATOM   435  C CD1 . LEU A 1 58  ? 1.362   -12.758 1.588   1.00 17.09 ? 58  LEU A CD1 1 
ATOM   436  C CD2 . LEU A 1 58  ? 1.462   -10.809 -0.007  1.00 17.87 ? 58  LEU A CD2 1 
ATOM   437  N N   . PHE A 1 59  ? -2.571  -10.825 2.674   1.00 10.66 ? 59  PHE A N   1 
ATOM   438  C CA  . PHE A 1 59  ? -2.804  -10.030 3.874   1.00 10.86 ? 59  PHE A CA  1 
ATOM   439  C C   . PHE A 1 59  ? -3.542  -10.837 4.942   1.00 11.36 ? 59  PHE A C   1 
ATOM   440  O O   . PHE A 1 59  ? -3.250  -10.711 6.133   1.00 11.33 ? 59  PHE A O   1 
ATOM   441  C CB  . PHE A 1 59  ? -3.590  -8.755  3.545   1.00 10.66 ? 59  PHE A CB  1 
ATOM   442  C CG  . PHE A 1 59  ? -2.727  -7.612  3.072   1.00 12.33 ? 59  PHE A CG  1 
ATOM   443  C CD1 . PHE A 1 59  ? -1.426  -7.453  3.553   1.00 13.91 ? 59  PHE A CD1 1 
ATOM   444  C CD2 . PHE A 1 59  ? -3.226  -6.668  2.187   1.00 12.90 ? 59  PHE A CD2 1 
ATOM   445  C CE1 . PHE A 1 59  ? -0.641  -6.369  3.156   1.00 13.58 ? 59  PHE A CE1 1 
ATOM   446  C CE2 . PHE A 1 59  ? -2.448  -5.580  1.787   1.00 12.60 ? 59  PHE A CE2 1 
ATOM   447  C CZ  . PHE A 1 59  ? -1.155  -5.433  2.272   1.00 13.40 ? 59  PHE A CZ  1 
ATOM   448  N N   . ARG A 1 60  ? -4.494  -11.660 4.520   1.00 11.59 ? 60  ARG A N   1 
ATOM   449  C CA  . ARG A 1 60  ? -5.239  -12.495 5.464   1.00 13.98 ? 60  ARG A CA  1 
ATOM   450  C C   . ARG A 1 60  ? -4.266  -13.382 6.250   1.00 14.04 ? 60  ARG A C   1 
ATOM   451  O O   . ARG A 1 60  ? -4.325  -13.464 7.481   1.00 14.14 ? 60  ARG A O   1 
ATOM   452  C CB  . ARG A 1 60  ? -6.253  -13.371 4.708   1.00 14.35 ? 60  ARG A CB  1 
ATOM   453  C CG  . ARG A 1 60  ? -6.853  -14.513 5.526   1.00 19.57 ? 60  ARG A CG  1 
ATOM   454  C CD  . ARG A 1 60  ? -7.551  -14.015 6.778   1.00 24.80 ? 60  ARG A CD  1 
ATOM   455  N NE  . ARG A 1 60  ? -8.674  -13.137 6.466   1.00 30.11 ? 60  ARG A NE  1 
ATOM   456  C CZ  . ARG A 1 60  ? -9.436  -12.537 7.381   1.00 32.71 ? 60  ARG A CZ  1 
ATOM   457  N NH1 . ARG A 1 60  ? -9.199  -12.721 8.677   1.00 32.00 ? 60  ARG A NH1 1 
ATOM   458  N NH2 . ARG A 1 60  ? -10.428 -11.740 6.998   1.00 34.06 ? 60  ARG A NH2 1 
ATOM   459  N N   . SER A 1 61  ? -3.352  -14.029 5.539   1.00 12.63 ? 61  SER A N   1 
ATOM   460  C CA  . SER A 1 61  ? -2.406  -14.919 6.193   1.00 13.22 ? 61  SER A CA  1 
ATOM   461  C C   . SER A 1 61  ? -1.353  -14.198 7.043   1.00 13.75 ? 61  SER A C   1 
ATOM   462  O O   . SER A 1 61  ? -0.749  -14.802 7.935   1.00 13.49 ? 61  SER A O   1 
ATOM   463  C CB  . SER A 1 61  ? -1.723  -15.802 5.144   1.00 14.39 ? 61  SER A CB  1 
ATOM   464  O OG  . SER A 1 61  ? -0.898  -15.029 4.293   1.00 19.69 ? 61  SER A OG  1 
ATOM   465  N N   . LYS A 1 62  ? -1.152  -12.907 6.784   1.00 12.74 ? 62  LYS A N   1 
ATOM   466  C CA  . LYS A 1 62  ? -0.150  -12.131 7.508   1.00 13.77 ? 62  LYS A CA  1 
ATOM   467  C C   . LYS A 1 62  ? -0.670  -11.253 8.642   1.00 12.55 ? 62  LYS A C   1 
ATOM   468  O O   . LYS A 1 62  ? 0.099   -10.519 9.260   1.00 12.57 ? 62  LYS A O   1 
ATOM   469  C CB  . LYS A 1 62  ? 0.646   -11.271 6.518   1.00 14.54 ? 62  LYS A CB  1 
ATOM   470  C CG  . LYS A 1 62  ? 1.410   -12.094 5.486   1.00 16.52 ? 62  LYS A CG  1 
ATOM   471  C CD  . LYS A 1 62  ? 2.482   -12.940 6.152   1.00 19.22 ? 62  LYS A CD  1 
ATOM   472  C CE  . LYS A 1 62  ? 3.087   -13.945 5.189   1.00 20.63 ? 62  LYS A CE  1 
ATOM   473  N NZ  . LYS A 1 62  ? 2.135   -15.042 4.900   1.00 23.84 ? 62  LYS A NZ  1 
ATOM   474  N N   . GLY A 1 63  ? -1.964  -11.322 8.921   1.00 11.50 ? 63  GLY A N   1 
ATOM   475  C CA  . GLY A 1 63  ? -2.513  -10.513 9.993   1.00 11.62 ? 63  GLY A CA  1 
ATOM   476  C C   . GLY A 1 63  ? -1.867  -10.787 11.343  1.00 12.12 ? 63  GLY A C   1 
ATOM   477  O O   . GLY A 1 63  ? -1.801  -11.938 11.782  1.00 11.51 ? 63  GLY A O   1 
ATOM   478  N N   . GLY A 1 64  ? -1.372  -9.732  11.991  1.00 10.99 ? 64  GLY A N   1 
ATOM   479  C CA  . GLY A 1 64  ? -0.750  -9.870  13.299  1.00 11.97 ? 64  GLY A CA  1 
ATOM   480  C C   . GLY A 1 64  ? 0.598   -10.574 13.352  1.00 12.63 ? 64  GLY A C   1 
ATOM   481  O O   . GLY A 1 64  ? 1.112   -10.840 14.443  1.00 13.07 ? 64  GLY A O   1 
ATOM   482  N N   . THR A 1 65  ? 1.185   -10.861 12.192  1.00 11.20 ? 65  THR A N   1 
ATOM   483  C CA  . THR A 1 65  ? 2.471   -11.559 12.140  1.00 11.67 ? 65  THR A CA  1 
ATOM   484  C C   . THR A 1 65  ? 3.694   -10.692 12.394  1.00 12.25 ? 65  THR A C   1 
ATOM   485  O O   . THR A 1 65  ? 4.790   -11.216 12.553  1.00 13.85 ? 65  THR A O   1 
ATOM   486  C CB  . THR A 1 65  ? 2.686   -12.266 10.777  1.00 10.40 ? 65  THR A CB  1 
ATOM   487  O OG1 . THR A 1 65  ? 2.655   -11.301 9.717   1.00 11.58 ? 65  THR A OG1 1 
ATOM   488  C CG2 . THR A 1 65  ? 1.609   -13.318 10.548  1.00 11.90 ? 65  THR A CG2 1 
ATOM   489  N N   . ARG A 1 66  ? 3.523   -9.375  12.436  1.00 11.94 ? 66  ARG A N   1 
ATOM   490  C CA  . ARG A 1 66  ? 4.670   -8.501  12.653  1.00 12.50 ? 66  ARG A CA  1 
ATOM   491  C C   . ARG A 1 66  ? 4.457   -7.523  13.798  1.00 13.45 ? 66  ARG A C   1 
ATOM   492  O O   . ARG A 1 66  ? 4.279   -6.325  13.587  1.00 12.74 ? 66  ARG A O   1 
ATOM   493  C CB  . ARG A 1 66  ? 4.992   -7.755  11.359  1.00 13.26 ? 66  ARG A CB  1 
ATOM   494  C CG  . ARG A 1 66  ? 5.228   -8.710  10.195  1.00 15.63 ? 66  ARG A CG  1 
ATOM   495  C CD  . ARG A 1 66  ? 5.480   -7.990  8.883   1.00 16.35 ? 66  ARG A CD  1 
ATOM   496  N NE  . ARG A 1 66  ? 6.745   -7.266  8.884   1.00 16.40 ? 66  ARG A NE  1 
ATOM   497  C CZ  . ARG A 1 66  ? 7.169   -6.514  7.874   1.00 17.05 ? 66  ARG A CZ  1 
ATOM   498  N NH1 . ARG A 1 66  ? 6.428   -6.389  6.780   1.00 17.23 ? 66  ARG A NH1 1 
ATOM   499  N NH2 . ARG A 1 66  ? 8.331   -5.881  7.959   1.00 16.80 ? 66  ARG A NH2 1 
ATOM   500  N N   . PRO A 1 67  ? 4.485   -8.029  15.040  1.00 15.42 ? 67  PRO A N   1 
ATOM   501  C CA  . PRO A 1 67  ? 4.289   -7.175  16.216  1.00 16.55 ? 67  PRO A CA  1 
ATOM   502  C C   . PRO A 1 67  ? 5.246   -5.985  16.286  1.00 15.87 ? 67  PRO A C   1 
ATOM   503  O O   . PRO A 1 67  ? 6.441   -6.117  16.015  1.00 14.97 ? 67  PRO A O   1 
ATOM   504  C CB  . PRO A 1 67  ? 4.470   -8.148  17.387  1.00 18.16 ? 67  PRO A CB  1 
ATOM   505  C CG  . PRO A 1 67  ? 5.389   -9.188  16.832  1.00 19.77 ? 67  PRO A CG  1 
ATOM   506  C CD  . PRO A 1 67  ? 4.834   -9.402  15.442  1.00 16.62 ? 67  PRO A CD  1 
ATOM   507  N N   . GLY A 1 68  ? 4.698   -4.823  16.630  1.00 15.73 ? 68  GLY A N   1 
ATOM   508  C CA  . GLY A 1 68  ? 5.503   -3.619  16.755  1.00 16.16 ? 68  GLY A CA  1 
ATOM   509  C C   . GLY A 1 68  ? 5.965   -2.982  15.456  1.00 14.45 ? 68  GLY A C   1 
ATOM   510  O O   . GLY A 1 68  ? 6.770   -2.049  15.470  1.00 16.09 ? 68  GLY A O   1 
ATOM   511  N N   . LEU A 1 69  ? 5.454   -3.473  14.333  1.00 14.17 ? 69  LEU A N   1 
ATOM   512  C CA  . LEU A 1 69  ? 5.831   -2.949  13.026  1.00 13.11 ? 69  LEU A CA  1 
ATOM   513  C C   . LEU A 1 69  ? 5.643   -1.443  12.871  1.00 13.52 ? 69  LEU A C   1 
ATOM   514  O O   . LEU A 1 69  ? 4.629   -0.878  13.286  1.00 13.82 ? 69  LEU A O   1 
ATOM   515  C CB  . LEU A 1 69  ? 5.028   -3.659  11.930  1.00 12.77 ? 69  LEU A CB  1 
ATOM   516  C CG  . LEU A 1 69  ? 5.311   -3.175  10.504  1.00 11.66 ? 69  LEU A CG  1 
ATOM   517  C CD1 . LEU A 1 69  ? 6.765   -3.485  10.139  1.00 12.38 ? 69  LEU A CD1 1 
ATOM   518  C CD2 . LEU A 1 69  ? 4.363   -3.859  9.532   1.00 12.77 ? 69  LEU A CD2 1 
ATOM   519  N N   . ARG A 1 70  ? 6.639   -0.798  12.270  1.00 14.73 ? 70  ARG A N   1 
ATOM   520  C CA  . ARG A 1 70  ? 6.590   0.632   11.998  1.00 16.10 ? 70  ARG A CA  1 
ATOM   521  C C   . ARG A 1 70  ? 6.826   0.821   10.501  1.00 14.82 ? 70  ARG A C   1 
ATOM   522  O O   . ARG A 1 70  ? 7.715   0.195   9.926   1.00 14.11 ? 70  ARG A O   1 
ATOM   523  C CB  . ARG A 1 70  ? 7.667   1.377   12.792  1.00 19.45 ? 70  ARG A CB  1 
ATOM   524  C CG  . ARG A 1 70  ? 7.422   1.377   14.291  1.00 25.42 ? 70  ARG A CG  1 
ATOM   525  C CD  . ARG A 1 70  ? 8.438   2.228   15.046  1.00 30.92 ? 70  ARG A CD  1 
ATOM   526  N NE  . ARG A 1 70  ? 8.109   2.296   16.471  1.00 35.65 ? 70  ARG A NE  1 
ATOM   527  C CZ  . ARG A 1 70  ? 8.711   3.093   17.352  1.00 38.08 ? 70  ARG A CZ  1 
ATOM   528  N NH1 . ARG A 1 70  ? 9.689   3.905   16.966  1.00 39.22 ? 70  ARG A NH1 1 
ATOM   529  N NH2 . ARG A 1 70  ? 8.322   3.088   18.621  1.00 38.23 ? 70  ARG A NH2 1 
ATOM   530  N N   . ILE A 1 71  ? 6.009   1.659   9.871   1.00 14.01 ? 71  ILE A N   1 
ATOM   531  C CA  . ILE A 1 71  ? 6.144   1.933   8.445   1.00 12.77 ? 71  ILE A CA  1 
ATOM   532  C C   . ILE A 1 71  ? 6.257   3.437   8.223   1.00 13.72 ? 71  ILE A C   1 
ATOM   533  O O   . ILE A 1 71  ? 5.415   4.216   8.688   1.00 13.61 ? 71  ILE A O   1 
ATOM   534  C CB  . ILE A 1 71  ? 4.944   1.397   7.638   1.00 13.13 ? 71  ILE A CB  1 
ATOM   535  C CG1 . ILE A 1 71  ? 4.880   -0.131  7.742   1.00 13.79 ? 71  ILE A CG1 1 
ATOM   536  C CG2 . ILE A 1 71  ? 5.073   1.824   6.178   1.00 12.87 ? 71  ILE A CG2 1 
ATOM   537  C CD1 . ILE A 1 71  ? 3.766   -0.771  6.915   1.00 13.70 ? 71  ILE A CD1 1 
ATOM   538  N N   . GLU A 1 72  ? 7.316   3.828   7.523   1.00 12.40 ? 72  GLU A N   1 
ATOM   539  C CA  . GLU A 1 72  ? 7.609   5.218   7.209   1.00 12.51 ? 72  GLU A CA  1 
ATOM   540  C C   . GLU A 1 72  ? 7.494   5.407   5.698   1.00 12.44 ? 72  GLU A C   1 
ATOM   541  O O   . GLU A 1 72  ? 8.002   4.601   4.922   1.00 11.68 ? 72  GLU A O   1 
ATOM   542  C CB  . GLU A 1 72  ? 9.028   5.556   7.698   1.00 13.07 ? 72  GLU A CB  1 
ATOM   543  C CG  . GLU A 1 72  ? 9.828   6.586   6.879   1.00 17.02 ? 72  GLU A CG  1 
ATOM   544  C CD  . GLU A 1 72  ? 9.545   8.029   7.264   1.00 17.86 ? 72  GLU A CD  1 
ATOM   545  O OE1 . GLU A 1 72  ? 8.969   8.258   8.345   1.00 19.52 ? 72  GLU A OE1 1 
ATOM   546  O OE2 . GLU A 1 72  ? 9.912   8.938   6.490   1.00 19.16 ? 72  GLU A OE2 1 
ATOM   547  N N   . ILE A 1 73  ? 6.802   6.460   5.287   1.00 11.77 ? 73  ILE A N   1 
ATOM   548  C CA  . ILE A 1 73  ? 6.642   6.760   3.875   1.00 11.91 ? 73  ILE A CA  1 
ATOM   549  C C   . ILE A 1 73  ? 7.222   8.154   3.634   1.00 11.62 ? 73  ILE A C   1 
ATOM   550  O O   . ILE A 1 73  ? 6.910   9.097   4.365   1.00 12.30 ? 73  ILE A O   1 
ATOM   551  C CB  . ILE A 1 73  ? 5.141   6.766   3.458   1.00 11.29 ? 73  ILE A CB  1 
ATOM   552  C CG1 . ILE A 1 73  ? 4.514   5.382   3.691   1.00 12.22 ? 73  ILE A CG1 1 
ATOM   553  C CG2 . ILE A 1 73  ? 5.008   7.203   2.001   1.00 10.95 ? 73  ILE A CG2 1 
ATOM   554  C CD1 . ILE A 1 73  ? 5.085   4.259   2.829   1.00 12.54 ? 73  ILE A CD1 1 
ATOM   555  N N   . ASP A 1 74  ? 8.084   8.277   2.632   1.00 11.21 ? 74  ASP A N   1 
ATOM   556  C CA  . ASP A 1 74  ? 8.669   9.568   2.289   1.00 12.93 ? 74  ASP A CA  1 
ATOM   557  C C   . ASP A 1 74  ? 9.113   9.574   0.833   1.00 12.56 ? 74  ASP A C   1 
ATOM   558  O O   . ASP A 1 74  ? 8.859   8.616   0.101   1.00 11.72 ? 74  ASP A O   1 
ATOM   559  C CB  . ASP A 1 74  ? 9.848   9.915   3.217   1.00 14.75 ? 74  ASP A CB  1 
ATOM   560  C CG  . ASP A 1 74  ? 10.937  8.858   3.216   1.00 15.43 ? 74  ASP A CG  1 
ATOM   561  O OD1 . ASP A 1 74  ? 11.397  8.468   2.124   1.00 18.20 ? 74  ASP A OD1 1 
ATOM   562  O OD2 . ASP A 1 74  ? 11.345  8.427   4.314   1.00 16.61 ? 74  ASP A OD2 1 
ATOM   563  N N   . GLY A 1 75  ? 9.749   10.662  0.409   1.00 12.13 ? 75  GLY A N   1 
ATOM   564  C CA  . GLY A 1 75  ? 10.211  10.762  -0.964  1.00 12.78 ? 75  GLY A CA  1 
ATOM   565  C C   . GLY A 1 75  ? 9.091   10.710  -1.990  1.00 13.24 ? 75  GLY A C   1 
ATOM   566  O O   . GLY A 1 75  ? 9.299   10.267  -3.125  1.00 13.31 ? 75  GLY A O   1 
ATOM   567  N N   . GLU A 1 76  ? 7.903   11.169  -1.604  1.00 12.19 ? 76  GLU A N   1 
ATOM   568  C CA  . GLU A 1 76  ? 6.761   11.163  -2.511  1.00 13.08 ? 76  GLU A CA  1 
ATOM   569  C C   . GLU A 1 76  ? 6.973   12.132  -3.667  1.00 12.89 ? 76  GLU A C   1 
ATOM   570  O O   . GLU A 1 76  ? 7.468   13.243  -3.482  1.00 13.82 ? 76  GLU A O   1 
ATOM   571  C CB  . GLU A 1 76  ? 5.479   11.538  -1.766  1.00 14.80 ? 76  GLU A CB  1 
ATOM   572  C CG  . GLU A 1 76  ? 5.248   10.740  -0.496  1.00 16.38 ? 76  GLU A CG  1 
ATOM   573  C CD  . GLU A 1 76  ? 5.778   11.443  0.744   1.00 19.77 ? 76  GLU A CD  1 
ATOM   574  O OE1 . GLU A 1 76  ? 6.895   12.010  0.699   1.00 22.24 ? 76  GLU A OE1 1 
ATOM   575  O OE2 . GLU A 1 76  ? 5.079   11.423  1.775   1.00 20.87 ? 76  GLU A OE2 1 
ATOM   576  N N   . SER A 1 77  ? 6.602   11.698  -4.866  1.00 11.70 ? 77  SER A N   1 
ATOM   577  C CA  . SER A 1 77  ? 6.742   12.525  -6.055  1.00 11.74 ? 77  SER A CA  1 
ATOM   578  C C   . SER A 1 77  ? 5.580   12.274  -7.015  1.00 11.69 ? 77  SER A C   1 
ATOM   579  O O   . SER A 1 77  ? 5.289   11.131  -7.356  1.00 10.92 ? 77  SER A O   1 
ATOM   580  C CB  . SER A 1 77  ? 8.069   12.222  -6.751  1.00 13.88 ? 77  SER A CB  1 
ATOM   581  O OG  . SER A 1 77  ? 8.256   13.053  -7.885  1.00 18.96 ? 77  SER A OG  1 
ATOM   582  N N   . LEU A 1 78  ? 4.911   13.351  -7.422  1.00 11.48 ? 78  LEU A N   1 
ATOM   583  C CA  . LEU A 1 78  ? 3.787   13.276  -8.350  1.00 12.08 ? 78  LEU A CA  1 
ATOM   584  C C   . LEU A 1 78  ? 4.376   13.201  -9.761  1.00 12.00 ? 78  LEU A C   1 
ATOM   585  O O   . LEU A 1 78  ? 4.948   14.168  -10.254 1.00 12.94 ? 78  LEU A O   1 
ATOM   586  C CB  . LEU A 1 78  ? 2.904   14.520  -8.188  1.00 13.82 ? 78  LEU A CB  1 
ATOM   587  C CG  . LEU A 1 78  ? 1.561   14.640  -8.922  1.00 16.60 ? 78  LEU A CG  1 
ATOM   588  C CD1 . LEU A 1 78  ? 1.802   14.799  -10.404 1.00 19.50 ? 78  LEU A CD1 1 
ATOM   589  C CD2 . LEU A 1 78  ? 0.686   13.430  -8.641  1.00 17.66 ? 78  LEU A CD2 1 
ATOM   590  N N   . LEU A 1 79  ? 4.222   12.048  -10.405 1.00 9.68  ? 79  LEU A N   1 
ATOM   591  C CA  . LEU A 1 79  ? 4.777   11.811  -11.737 1.00 9.40  ? 79  LEU A CA  1 
ATOM   592  C C   . LEU A 1 79  ? 3.834   12.172  -12.879 1.00 9.88  ? 79  LEU A C   1 
ATOM   593  O O   . LEU A 1 79  ? 4.271   12.559  -13.971 1.00 11.22 ? 79  LEU A O   1 
ATOM   594  C CB  . LEU A 1 79  ? 5.175   10.341  -11.850 1.00 8.79  ? 79  LEU A CB  1 
ATOM   595  C CG  . LEU A 1 79  ? 6.012   9.807   -10.682 1.00 8.28  ? 79  LEU A CG  1 
ATOM   596  C CD1 . LEU A 1 79  ? 6.138   8.293   -10.782 1.00 9.20  ? 79  LEU A CD1 1 
ATOM   597  C CD2 . LEU A 1 79  ? 7.387   10.457  -10.696 1.00 9.91  ? 79  LEU A CD2 1 
ATOM   598  N N   . ALA A 1 80  ? 2.541   12.029  -12.622 1.00 8.58  ? 80  ALA A N   1 
ATOM   599  C CA  . ALA A 1 80  ? 1.515   12.339  -13.599 1.00 8.79  ? 80  ALA A CA  1 
ATOM   600  C C   . ALA A 1 80  ? 0.195   12.483  -12.855 1.00 10.41 ? 80  ALA A C   1 
ATOM   601  O O   . ALA A 1 80  ? -0.016  11.851  -11.816 1.00 10.13 ? 80  ALA A O   1 
ATOM   602  C CB  . ALA A 1 80  ? 1.421   11.220  -14.638 1.00 10.50 ? 80  ALA A CB  1 
ATOM   603  N N   . SER A 1 81  ? -0.689  13.330  -13.366 1.00 10.48 ? 81  SER A N   1 
ATOM   604  C CA  . SER A 1 81  ? -1.988  13.509  -12.736 1.00 12.13 ? 81  SER A CA  1 
ATOM   605  C C   . SER A 1 81  ? -2.975  14.054  -13.755 1.00 11.82 ? 81  SER A C   1 
ATOM   606  O O   . SER A 1 81  ? -2.603  14.806  -14.658 1.00 12.44 ? 81  SER A O   1 
ATOM   607  C CB  . SER A 1 81  ? -1.894  14.455  -11.535 1.00 14.10 ? 81  SER A CB  1 
ATOM   608  O OG  . SER A 1 81  ? -1.626  15.781  -11.947 1.00 19.68 ? 81  SER A OG  1 
ATOM   609  N N   . GLY A 1 82  ? -4.233  13.664  -13.602 1.00 11.27 ? 82  GLY A N   1 
ATOM   610  C CA  . GLY A 1 82  ? -5.263  14.111  -14.519 1.00 10.79 ? 82  GLY A CA  1 
ATOM   611  C C   . GLY A 1 82  ? -6.635  13.892  -13.916 1.00 10.38 ? 82  GLY A C   1 
ATOM   612  O O   . GLY A 1 82  ? -6.755  13.554  -12.737 1.00 11.05 ? 82  GLY A O   1 
ATOM   613  N N   . VAL A 1 83  ? -7.665  14.066  -14.735 1.00 10.60 ? 83  VAL A N   1 
ATOM   614  C CA  . VAL A 1 83  ? -9.045  13.917  -14.293 1.00 10.68 ? 83  VAL A CA  1 
ATOM   615  C C   . VAL A 1 83  ? -9.385  12.527  -13.738 1.00 11.42 ? 83  VAL A C   1 
ATOM   616  O O   . VAL A 1 83  ? -10.320 12.382  -12.947 1.00 11.53 ? 83  VAL A O   1 
ATOM   617  C CB  . VAL A 1 83  ? -10.019 14.264  -15.447 1.00 11.29 ? 83  VAL A CB  1 
ATOM   618  C CG1 . VAL A 1 83  ? -10.009 13.156  -16.501 1.00 12.01 ? 83  VAL A CG1 1 
ATOM   619  C CG2 . VAL A 1 83  ? -11.406 14.498  -14.902 1.00 14.13 ? 83  VAL A CG2 1 
ATOM   620  N N   . ASP A 1 84  ? -8.619  11.515  -14.140 1.00 11.47 ? 84  ASP A N   1 
ATOM   621  C CA  . ASP A 1 84  ? -8.860  10.147  -13.688 1.00 11.22 ? 84  ASP A CA  1 
ATOM   622  C C   . ASP A 1 84  ? -7.941  9.637   -12.583 1.00 10.50 ? 84  ASP A C   1 
ATOM   623  O O   . ASP A 1 84  ? -8.086  8.499   -12.138 1.00 9.78  ? 84  ASP A O   1 
ATOM   624  C CB  . ASP A 1 84  ? -8.795  9.180   -14.876 1.00 13.69 ? 84  ASP A CB  1 
ATOM   625  C CG  . ASP A 1 84  ? -9.954  9.365   -15.840 1.00 16.85 ? 84  ASP A CG  1 
ATOM   626  O OD1 . ASP A 1 84  ? -11.119 9.348   -15.384 1.00 17.86 ? 84  ASP A OD1 1 
ATOM   627  O OD2 . ASP A 1 84  ? -9.705  9.526   -17.049 1.00 18.23 ? 84  ASP A OD2 1 
ATOM   628  N N   . GLY A 1 85  ? -6.997  10.461  -12.140 1.00 9.00  ? 85  GLY A N   1 
ATOM   629  C CA  . GLY A 1 85  ? -6.109  10.022  -11.076 1.00 8.43  ? 85  GLY A CA  1 
ATOM   630  C C   . GLY A 1 85  ? -4.682  10.500  -11.225 1.00 9.06  ? 85  GLY A C   1 
ATOM   631  O O   . GLY A 1 85  ? -4.420  11.500  -11.890 1.00 10.03 ? 85  GLY A O   1 
ATOM   632  N N   . ALA A 1 86  ? -3.751  9.777   -10.609 1.00 9.12  ? 86  ALA A N   1 
ATOM   633  C CA  . ALA A 1 86  ? -2.344  10.150  -10.668 1.00 8.58  ? 86  ALA A CA  1 
ATOM   634  C C   . ALA A 1 86  ? -1.416  8.960   -10.496 1.00 9.26  ? 86  ALA A C   1 
ATOM   635  O O   . ALA A 1 86  ? -1.820  7.896   -10.025 1.00 9.40  ? 86  ALA A O   1 
ATOM   636  C CB  . ALA A 1 86  ? -2.041  11.186  -9.593  1.00 8.79  ? 86  ALA A CB  1 
ATOM   637  N N   . THR A 1 87  ? -0.168  9.147   -10.902 1.00 7.61  ? 87  THR A N   1 
ATOM   638  C CA  . THR A 1 87  ? 0.856   8.122   -10.749 1.00 7.92  ? 87  THR A CA  1 
ATOM   639  C C   . THR A 1 87  ? 1.927   8.801   -9.907  1.00 8.67  ? 87  THR A C   1 
ATOM   640  O O   . THR A 1 87  ? 2.364   9.911   -10.224 1.00 8.87  ? 87  THR A O   1 
ATOM   641  C CB  . THR A 1 87  ? 1.474   7.702   -12.092 1.00 7.30  ? 87  THR A CB  1 
ATOM   642  O OG1 . THR A 1 87  ? 0.451   7.179   -12.945 1.00 8.47  ? 87  THR A OG1 1 
ATOM   643  C CG2 . THR A 1 87  ? 2.543   6.635   -11.874 1.00 6.41  ? 87  THR A CG2 1 
ATOM   644  N N   . LEU A 1 88  ? 2.335   8.145   -8.829  1.00 7.53  ? 88  LEU A N   1 
ATOM   645  C CA  . LEU A 1 88  ? 3.333   8.717   -7.942  1.00 8.59  ? 88  LEU A CA  1 
ATOM   646  C C   . LEU A 1 88  ? 4.418   7.718   -7.583  1.00 7.96  ? 88  LEU A C   1 
ATOM   647  O O   . LEU A 1 88  ? 4.253   6.509   -7.752  1.00 8.22  ? 88  LEU A O   1 
ATOM   648  C CB  . LEU A 1 88  ? 2.666   9.204   -6.646  1.00 10.51 ? 88  LEU A CB  1 
ATOM   649  C CG  . LEU A 1 88  ? 1.524   10.219  -6.768  1.00 11.18 ? 88  LEU A CG  1 
ATOM   650  C CD1 . LEU A 1 88  ? 0.177   9.505   -6.716  1.00 11.95 ? 88  LEU A CD1 1 
ATOM   651  C CD2 . LEU A 1 88  ? 1.621   11.213  -5.624  1.00 13.74 ? 88  LEU A CD2 1 
ATOM   652  N N   . ALA A 1 89  ? 5.530   8.247   -7.088  1.00 7.24  ? 89  ALA A N   1 
ATOM   653  C CA  . ALA A 1 89  ? 6.649   7.431   -6.637  1.00 7.18  ? 89  ALA A CA  1 
ATOM   654  C C   . ALA A 1 89  ? 6.864   7.768   -5.157  1.00 8.33  ? 89  ALA A C   1 
ATOM   655  O O   . ALA A 1 89  ? 6.581   8.884   -4.719  1.00 7.79  ? 89  ALA A O   1 
ATOM   656  C CB  . ALA A 1 89  ? 7.913   7.767   -7.428  1.00 8.23  ? 89  ALA A CB  1 
ATOM   657  N N   . TYR A 1 90  ? 7.345   6.801   -4.387  1.00 7.60  ? 90  TYR A N   1 
ATOM   658  C CA  . TYR A 1 90  ? 7.625   7.034   -2.977  1.00 8.41  ? 90  TYR A CA  1 
ATOM   659  C C   . TYR A 1 90  ? 8.553   5.957   -2.437  1.00 9.40  ? 90  TYR A C   1 
ATOM   660  O O   . TYR A 1 90  ? 8.816   4.952   -3.103  1.00 9.77  ? 90  TYR A O   1 
ATOM   661  C CB  . TYR A 1 90  ? 6.328   7.093   -2.157  1.00 9.57  ? 90  TYR A CB  1 
ATOM   662  C CG  . TYR A 1 90  ? 5.527   5.811   -2.115  1.00 9.26  ? 90  TYR A CG  1 
ATOM   663  C CD1 . TYR A 1 90  ? 5.730   4.868   -1.101  1.00 8.44  ? 90  TYR A CD1 1 
ATOM   664  C CD2 . TYR A 1 90  ? 4.545   5.547   -3.077  1.00 8.70  ? 90  TYR A CD2 1 
ATOM   665  C CE1 . TYR A 1 90  ? 4.975   3.695   -1.042  1.00 7.96  ? 90  TYR A CE1 1 
ATOM   666  C CE2 . TYR A 1 90  ? 3.787   4.381   -3.029  1.00 6.69  ? 90  TYR A CE2 1 
ATOM   667  C CZ  . TYR A 1 90  ? 4.002   3.459   -2.010  1.00 7.86  ? 90  TYR A CZ  1 
ATOM   668  O OH  . TYR A 1 90  ? 3.234   2.309   -1.952  1.00 9.42  ? 90  TYR A OH  1 
ATOM   669  N N   . ARG A 1 91  ? 9.059   6.193   -1.233  1.00 9.96  ? 91  ARG A N   1 
ATOM   670  C CA  . ARG A 1 91  ? 9.960   5.265   -0.575  1.00 10.55 ? 91  ARG A CA  1 
ATOM   671  C C   . ARG A 1 91  ? 9.264   4.746   0.680   1.00 10.48 ? 91  ARG A C   1 
ATOM   672  O O   . ARG A 1 91  ? 8.586   5.506   1.382   1.00 10.17 ? 91  ARG A O   1 
ATOM   673  C CB  . ARG A 1 91  ? 11.271  5.982   -0.208  1.00 12.74 ? 91  ARG A CB  1 
ATOM   674  C CG  . ARG A 1 91  ? 12.364  5.052   0.295   1.00 17.55 ? 91  ARG A CG  1 
ATOM   675  C CD  . ARG A 1 91  ? 13.606  5.807   0.757   1.00 19.86 ? 91  ARG A CD  1 
ATOM   676  N NE  . ARG A 1 91  ? 13.366  6.591   1.968   1.00 22.97 ? 91  ARG A NE  1 
ATOM   677  C CZ  . ARG A 1 91  ? 14.298  6.871   2.877   1.00 23.96 ? 91  ARG A CZ  1 
ATOM   678  N NH1 . ARG A 1 91  ? 15.542  6.427   2.717   1.00 22.93 ? 91  ARG A NH1 1 
ATOM   679  N NH2 . ARG A 1 91  ? 13.988  7.592   3.948   1.00 23.78 ? 91  ARG A NH2 1 
ATOM   680  N N   . GLU A 1 92  ? 9.408   3.451   0.945   1.00 9.88  ? 92  GLU A N   1 
ATOM   681  C CA  . GLU A 1 92  ? 8.794   2.846   2.119   1.00 10.74 ? 92  GLU A CA  1 
ATOM   682  C C   . GLU A 1 92  ? 9.833   2.134   2.976   1.00 11.32 ? 92  GLU A C   1 
ATOM   683  O O   . GLU A 1 92  ? 10.599  1.310   2.484   1.00 10.19 ? 92  GLU A O   1 
ATOM   684  C CB  . GLU A 1 92  ? 7.709   1.842   1.719   1.00 10.24 ? 92  GLU A CB  1 
ATOM   685  C CG  . GLU A 1 92  ? 7.034   1.189   2.919   1.00 12.28 ? 92  GLU A CG  1 
ATOM   686  C CD  . GLU A 1 92  ? 5.994   0.156   2.534   1.00 15.19 ? 92  GLU A CD  1 
ATOM   687  O OE1 . GLU A 1 92  ? 5.502   0.188   1.389   1.00 16.59 ? 92  GLU A OE1 1 
ATOM   688  O OE2 . GLU A 1 92  ? 5.650   -0.683  3.389   1.00 16.66 ? 92  GLU A OE2 1 
ATOM   689  N N   . ILE A 1 93  ? 9.844   2.463   4.262   1.00 10.66 ? 93  ILE A N   1 
ATOM   690  C CA  . ILE A 1 93  ? 10.767  1.855   5.213   1.00 11.44 ? 93  ILE A CA  1 
ATOM   691  C C   . ILE A 1 93  ? 9.942   1.071   6.223   1.00 11.36 ? 93  ILE A C   1 
ATOM   692  O O   . ILE A 1 93  ? 9.018   1.622   6.828   1.00 11.66 ? 93  ILE A O   1 
ATOM   693  C CB  . ILE A 1 93  ? 11.557  2.917   6.003   1.00 13.46 ? 93  ILE A CB  1 
ATOM   694  C CG1 . ILE A 1 93  ? 12.273  3.871   5.045   1.00 16.22 ? 93  ILE A CG1 1 
ATOM   695  C CG2 . ILE A 1 93  ? 12.534  2.232   6.947   1.00 13.23 ? 93  ILE A CG2 1 
ATOM   696  C CD1 . ILE A 1 93  ? 13.359  3.233   4.237   1.00 17.35 ? 93  ILE A CD1 1 
ATOM   697  N N   . GLN A 1 94  ? 10.270  -0.205  6.402   1.00 11.22 ? 94  GLN A N   1 
ATOM   698  C CA  . GLN A 1 94  ? 9.568   -1.049  7.367   1.00 12.40 ? 94  GLN A CA  1 
ATOM   699  C C   . GLN A 1 94  ? 10.559  -1.517  8.425   1.00 13.35 ? 94  GLN A C   1 
ATOM   700  O O   . GLN A 1 94  ? 11.682  -1.909  8.101   1.00 12.82 ? 94  GLN A O   1 
ATOM   701  C CB  . GLN A 1 94  ? 8.969   -2.284  6.692   1.00 12.79 ? 94  GLN A CB  1 
ATOM   702  C CG  . GLN A 1 94  ? 8.094   -2.000  5.483   1.00 13.44 ? 94  GLN A CG  1 
ATOM   703  C CD  . GLN A 1 94  ? 7.386   -3.246  5.000   1.00 14.25 ? 94  GLN A CD  1 
ATOM   704  O OE1 . GLN A 1 94  ? 7.851   -4.362  5.226   1.00 15.60 ? 94  GLN A OE1 1 
ATOM   705  N NE2 . GLN A 1 94  ? 6.263   -3.066  4.320   1.00 17.69 ? 94  GLN A NE2 1 
ATOM   706  N N   . SER A 1 95  ? 10.148  -1.484  9.687   1.00 13.88 ? 95  SER A N   1 
ATOM   707  C CA  . SER A 1 95  ? 11.026  -1.930  10.760  1.00 14.41 ? 95  SER A CA  1 
ATOM   708  C C   . SER A 1 95  ? 10.264  -2.616  11.891  1.00 14.71 ? 95  SER A C   1 
ATOM   709  O O   . SER A 1 95  ? 9.217   -2.140  12.331  1.00 12.85 ? 95  SER A O   1 
ATOM   710  C CB  . SER A 1 95  ? 11.817  -0.747  11.318  1.00 15.83 ? 95  SER A CB  1 
ATOM   711  O OG  . SER A 1 95  ? 10.948  0.217   11.880  1.00 19.55 ? 95  SER A OG  1 
ATOM   712  N N   . ASP A 1 96  ? 10.796  -3.750  12.339  1.00 14.70 ? 96  ASP A N   1 
ATOM   713  C CA  . ASP A 1 96  ? 10.218  -4.516  13.437  1.00 15.73 ? 96  ASP A CA  1 
ATOM   714  C C   . ASP A 1 96  ? 11.353  -5.263  14.132  1.00 16.93 ? 96  ASP A C   1 
ATOM   715  O O   . ASP A 1 96  ? 12.524  -4.968  13.894  1.00 15.07 ? 96  ASP A O   1 
ATOM   716  C CB  . ASP A 1 96  ? 9.140   -5.498  12.942  1.00 17.97 ? 96  ASP A CB  1 
ATOM   717  C CG  . ASP A 1 96  ? 9.635   -6.423  11.839  1.00 21.67 ? 96  ASP A CG  1 
ATOM   718  O OD1 . ASP A 1 96  ? 10.865  -6.572  11.670  1.00 21.62 ? 96  ASP A OD1 1 
ATOM   719  O OD2 . ASP A 1 96  ? 8.779   -7.015  11.142  1.00 25.52 ? 96  ASP A OD2 1 
ATOM   720  N N   . ALA A 1 97  ? 11.017  -6.216  14.993  1.00 18.51 ? 97  ALA A N   1 
ATOM   721  C CA  . ALA A 1 97  ? 12.040  -6.974  15.713  1.00 22.16 ? 97  ALA A CA  1 
ATOM   722  C C   . ALA A 1 97  ? 12.952  -7.750  14.763  1.00 24.02 ? 97  ALA A C   1 
ATOM   723  O O   . ALA A 1 97  ? 14.153  -7.877  15.010  1.00 24.50 ? 97  ALA A O   1 
ATOM   724  C CB  . ALA A 1 97  ? 11.379  -7.933  16.706  1.00 21.12 ? 97  ALA A CB  1 
ATOM   725  N N   . ALA A 1 98  ? 12.375  -8.263  13.677  1.00 25.45 ? 98  ALA A N   1 
ATOM   726  C CA  . ALA A 1 98  ? 13.123  -9.039  12.690  1.00 26.82 ? 98  ALA A CA  1 
ATOM   727  C C   . ALA A 1 98  ? 14.091  -8.191  11.867  1.00 26.71 ? 98  ALA A C   1 
ATOM   728  O O   . ALA A 1 98  ? 14.971  -8.724  11.193  1.00 28.32 ? 98  ALA A O   1 
ATOM   729  C CB  . ALA A 1 98  ? 12.157  -9.772  11.764  1.00 27.22 ? 98  ALA A CB  1 
ATOM   730  N N   . GLY A 1 99  ? 13.931  -6.875  11.911  1.00 26.33 ? 99  GLY A N   1 
ATOM   731  C CA  . GLY A 1 99  ? 14.833  -6.018  11.163  1.00 25.47 ? 99  GLY A CA  1 
ATOM   732  C C   . GLY A 1 99  ? 14.177  -4.855  10.441  1.00 25.40 ? 99  GLY A C   1 
ATOM   733  O O   . GLY A 1 99  ? 13.031  -4.503  10.707  1.00 24.38 ? 99  GLY A O   1 
ATOM   734  N N   . ARG A 1 100 ? 14.926  -4.264  9.516   1.00 25.34 ? 100 ARG A N   1 
ATOM   735  C CA  . ARG A 1 100 ? 14.463  -3.129  8.732   1.00 24.60 ? 100 ARG A CA  1 
ATOM   736  C C   . ARG A 1 100 ? 14.614  -3.412  7.231   1.00 23.97 ? 100 ARG A C   1 
ATOM   737  O O   . ARG A 1 100 ? 15.519  -4.137  6.812   1.00 24.63 ? 100 ARG A O   1 
ATOM   738  C CB  . ARG A 1 100 ? 15.277  -1.899  9.123   1.00 26.02 ? 100 ARG A CB  1 
ATOM   739  C CG  . ARG A 1 100 ? 15.095  -0.673  8.258   1.00 28.13 ? 100 ARG A CG  1 
ATOM   740  C CD  . ARG A 1 100 ? 16.020  0.431   8.763   1.00 31.80 ? 100 ARG A CD  1 
ATOM   741  N NE  . ARG A 1 100 ? 16.014  1.624   7.920   1.00 34.89 ? 100 ARG A NE  1 
ATOM   742  C CZ  . ARG A 1 100 ? 16.446  1.658   6.663   1.00 36.71 ? 100 ARG A CZ  1 
ATOM   743  N NH1 . ARG A 1 100 ? 16.924  0.560   6.089   1.00 37.58 ? 100 ARG A NH1 1 
ATOM   744  N NH2 . ARG A 1 100 ? 16.405  2.794   5.978   1.00 38.49 ? 100 ARG A NH2 1 
ATOM   745  N N   . SER A 1 101 ? 13.714  -2.856  6.428   1.00 20.53 ? 101 SER A N   1 
ATOM   746  C CA  . SER A 1 101 ? 13.778  -3.034  4.986   1.00 18.13 ? 101 SER A CA  1 
ATOM   747  C C   . SER A 1 101 ? 13.392  -1.720  4.327   1.00 16.69 ? 101 SER A C   1 
ATOM   748  O O   . SER A 1 101 ? 12.615  -0.941  4.875   1.00 15.86 ? 101 SER A O   1 
ATOM   749  C CB  . SER A 1 101 ? 12.834  -4.142  4.528   1.00 18.95 ? 101 SER A CB  1 
ATOM   750  O OG  . SER A 1 101 ? 11.485  -3.723  4.597   1.00 19.56 ? 101 SER A OG  1 
ATOM   751  N N   . GLU A 1 102 ? 13.950  -1.472  3.153   1.00 15.82 ? 102 GLU A N   1 
ATOM   752  C CA  . GLU A 1 102 ? 13.678  -0.255  2.413   1.00 15.91 ? 102 GLU A CA  1 
ATOM   753  C C   . GLU A 1 102 ? 13.336  -0.623  0.977   1.00 14.07 ? 102 GLU A C   1 
ATOM   754  O O   . GLU A 1 102 ? 13.975  -1.492  0.388   1.00 14.16 ? 102 GLU A O   1 
ATOM   755  C CB  . GLU A 1 102 ? 14.910  0.648   2.445   1.00 18.45 ? 102 GLU A CB  1 
ATOM   756  C CG  . GLU A 1 102 ? 14.736  1.956   1.701   1.00 24.90 ? 102 GLU A CG  1 
ATOM   757  C CD  . GLU A 1 102 ? 15.918  2.876   1.887   1.00 28.79 ? 102 GLU A CD  1 
ATOM   758  O OE1 . GLU A 1 102 ? 16.443  2.936   3.021   1.00 32.65 ? 102 GLU A OE1 1 
ATOM   759  O OE2 . GLU A 1 102 ? 16.317  3.546   0.910   1.00 31.06 ? 102 GLU A OE2 1 
ATOM   760  N N   . ARG A 1 103 ? 12.323  0.026   0.415   1.00 11.69 ? 103 ARG A N   1 
ATOM   761  C CA  . ARG A 1 103 ? 11.925  -0.251  -0.958  1.00 10.28 ? 103 ARG A CA  1 
ATOM   762  C C   . ARG A 1 103 ? 11.434  1.028   -1.619  1.00 10.25 ? 103 ARG A C   1 
ATOM   763  O O   . ARG A 1 103 ? 10.993  1.964   -0.939  1.00 10.35 ? 103 ARG A O   1 
ATOM   764  C CB  . ARG A 1 103 ? 10.802  -1.291  -0.994  1.00 10.34 ? 103 ARG A CB  1 
ATOM   765  C CG  . ARG A 1 103 ? 9.434   -0.754  -0.584  1.00 11.19 ? 103 ARG A CG  1 
ATOM   766  C CD  . ARG A 1 103 ? 8.475   -1.897  -0.312  1.00 14.92 ? 103 ARG A CD  1 
ATOM   767  N NE  . ARG A 1 103 ? 8.900   -2.656  0.860   1.00 15.25 ? 103 ARG A NE  1 
ATOM   768  C CZ  . ARG A 1 103 ? 8.434   -3.855  1.190   1.00 17.97 ? 103 ARG A CZ  1 
ATOM   769  N NH1 . ARG A 1 103 ? 7.519   -4.452  0.436   1.00 19.03 ? 103 ARG A NH1 1 
ATOM   770  N NH2 . ARG A 1 103 ? 8.882   -4.463  2.281   1.00 19.02 ? 103 ARG A NH2 1 
ATOM   771  N N   . LEU A 1 104 ? 11.527  1.060   -2.943  1.00 7.70  ? 104 LEU A N   1 
ATOM   772  C CA  . LEU A 1 104 ? 11.064  2.200   -3.726  1.00 8.11  ? 104 LEU A CA  1 
ATOM   773  C C   . LEU A 1 104 ? 9.820   1.713   -4.448  1.00 8.11  ? 104 LEU A C   1 
ATOM   774  O O   . LEU A 1 104 ? 9.765   0.561   -4.892  1.00 7.35  ? 104 LEU A O   1 
ATOM   775  C CB  . LEU A 1 104 ? 12.146  2.647   -4.713  1.00 9.85  ? 104 LEU A CB  1 
ATOM   776  C CG  . LEU A 1 104 ? 13.365  3.292   -4.030  1.00 10.83 ? 104 LEU A CG  1 
ATOM   777  C CD1 . LEU A 1 104 ? 14.445  3.559   -5.059  1.00 13.61 ? 104 LEU A CD1 1 
ATOM   778  C CD2 . LEU A 1 104 ? 12.963  4.593   -3.338  1.00 14.42 ? 104 LEU A CD2 1 
ATOM   779  N N   . SER A 1 105 ? 8.821   2.582   -4.558  1.00 7.40  ? 105 SER A N   1 
ATOM   780  C CA  . SER A 1 105 ? 7.568   2.183   -5.175  1.00 6.68  ? 105 SER A CA  1 
ATOM   781  C C   . SER A 1 105 ? 7.004   3.175   -6.177  1.00 7.15  ? 105 SER A C   1 
ATOM   782  O O   . SER A 1 105 ? 7.343   4.356   -6.162  1.00 6.64  ? 105 SER A O   1 
ATOM   783  C CB  . SER A 1 105 ? 6.511   1.955   -4.090  1.00 8.31  ? 105 SER A CB  1 
ATOM   784  O OG  . SER A 1 105 ? 6.999   1.148   -3.036  1.00 8.25  ? 105 SER A OG  1 
ATOM   785  N N   . THR A 1 106 ? 6.140   2.658   -7.046  1.00 7.42  ? 106 THR A N   1 
ATOM   786  C CA  . THR A 1 106 ? 5.431   3.454   -8.045  1.00 7.28  ? 106 THR A CA  1 
ATOM   787  C C   . THR A 1 106 ? 3.981   3.003   -7.931  1.00 7.84  ? 106 THR A C   1 
ATOM   788  O O   . THR A 1 106 ? 3.681   1.805   -8.033  1.00 7.41  ? 106 THR A O   1 
ATOM   789  C CB  . THR A 1 106 ? 5.912   3.175   -9.478  1.00 7.25  ? 106 THR A CB  1 
ATOM   790  O OG1 . THR A 1 106 ? 7.288   3.548   -9.601  1.00 7.97  ? 106 THR A OG1 1 
ATOM   791  C CG2 . THR A 1 106 ? 5.084   3.975   -10.478 1.00 6.91  ? 106 THR A CG2 1 
ATOM   792  N N   . VAL A 1 107 ? 3.086   3.959   -7.710  1.00 6.93  ? 107 VAL A N   1 
ATOM   793  C CA  . VAL A 1 107 ? 1.674   3.652   -7.558  1.00 7.57  ? 107 VAL A CA  1 
ATOM   794  C C   . VAL A 1 107 ? 0.799   4.431   -8.531  1.00 7.78  ? 107 VAL A C   1 
ATOM   795  O O   . VAL A 1 107 ? 1.076   5.589   -8.836  1.00 7.50  ? 107 VAL A O   1 
ATOM   796  C CB  . VAL A 1 107 ? 1.198   3.974   -6.114  1.00 7.18  ? 107 VAL A CB  1 
ATOM   797  C CG1 . VAL A 1 107 ? 1.437   5.450   -5.814  1.00 8.54  ? 107 VAL A CG1 1 
ATOM   798  C CG2 . VAL A 1 107 ? -0.277  3.625   -5.950  1.00 7.71  ? 107 VAL A CG2 1 
ATOM   799  N N   . VAL A 1 108 ? -0.241  3.771   -9.030  1.00 7.00  ? 108 VAL A N   1 
ATOM   800  C CA  . VAL A 1 108 ? -1.207  4.407   -9.914  1.00 7.41  ? 108 VAL A CA  1 
ATOM   801  C C   . VAL A 1 108 ? -2.513  4.434   -9.113  1.00 8.76  ? 108 VAL A C   1 
ATOM   802  O O   . VAL A 1 108 ? -3.046  3.379   -8.750  1.00 7.47  ? 108 VAL A O   1 
ATOM   803  C CB  . VAL A 1 108 ? -1.439  3.595   -11.213 1.00 8.96  ? 108 VAL A CB  1 
ATOM   804  C CG1 . VAL A 1 108 ? -2.602  4.202   -11.993 1.00 7.86  ? 108 VAL A CG1 1 
ATOM   805  C CG2 . VAL A 1 108 ? -0.159  3.577   -12.063 1.00 7.60  ? 108 VAL A CG2 1 
ATOM   806  N N   . LEU A 1 109 ? -3.011  5.633   -8.822  1.00 8.91  ? 109 LEU A N   1 
ATOM   807  C CA  . LEU A 1 109 ? -4.249  5.788   -8.065  1.00 8.76  ? 109 LEU A CA  1 
ATOM   808  C C   . LEU A 1 109 ? -5.369  6.295   -8.972  1.00 9.93  ? 109 LEU A C   1 
ATOM   809  O O   . LEU A 1 109 ? -5.178  7.236   -9.746  1.00 9.11  ? 109 LEU A O   1 
ATOM   810  C CB  . LEU A 1 109 ? -4.049  6.777   -6.907  1.00 8.82  ? 109 LEU A CB  1 
ATOM   811  C CG  . LEU A 1 109 ? -3.085  6.400   -5.773  1.00 9.28  ? 109 LEU A CG  1 
ATOM   812  C CD1 . LEU A 1 109 ? -2.974  7.552   -4.774  1.00 9.75  ? 109 LEU A CD1 1 
ATOM   813  C CD2 . LEU A 1 109 ? -3.583  5.129   -5.073  1.00 10.18 ? 109 LEU A CD2 1 
ATOM   814  N N   . HIS A 1 110 ? -6.531  5.660   -8.892  1.00 10.23 ? 110 HIS A N   1 
ATOM   815  C CA  . HIS A 1 110 ? -7.662  6.102   -9.691  1.00 11.56 ? 110 HIS A CA  1 
ATOM   816  C C   . HIS A 1 110 ? -8.575  6.937   -8.797  1.00 12.75 ? 110 HIS A C   1 
ATOM   817  O O   . HIS A 1 110 ? -8.790  6.597   -7.630  1.00 12.40 ? 110 HIS A O   1 
ATOM   818  C CB  . HIS A 1 110 ? -8.430  4.906   -10.255 1.00 14.28 ? 110 HIS A CB  1 
ATOM   819  C CG  . HIS A 1 110 ? -9.610  5.297   -11.090 1.00 18.44 ? 110 HIS A CG  1 
ATOM   820  N ND1 . HIS A 1 110 ? -10.908 5.241   -10.623 1.00 20.71 ? 110 HIS A ND1 1 
ATOM   821  C CD2 . HIS A 1 110 ? -9.684  5.808   -12.343 1.00 18.55 ? 110 HIS A CD2 1 
ATOM   822  C CE1 . HIS A 1 110 ? -11.728 5.702   -11.551 1.00 19.19 ? 110 HIS A CE1 1 
ATOM   823  N NE2 . HIS A 1 110 ? -11.010 6.053   -12.604 1.00 21.16 ? 110 HIS A NE2 1 
ATOM   824  N N   . ARG A 1 111 ? -9.095  8.036   -9.336  1.00 13.74 ? 111 ARG A N   1 
ATOM   825  C CA  . ARG A 1 111 ? -9.987  8.896   -8.569  1.00 16.35 ? 111 ARG A CA  1 
ATOM   826  C C   . ARG A 1 111 ? -11.333 8.997   -9.259  1.00 17.26 ? 111 ARG A C   1 
ATOM   827  O O   . ARG A 1 111 ? -11.403 9.007   -10.485 1.00 16.97 ? 111 ARG A O   1 
ATOM   828  C CB  . ARG A 1 111 ? -9.415  10.313  -8.442  1.00 18.08 ? 111 ARG A CB  1 
ATOM   829  C CG  . ARG A 1 111 ? -9.502  11.133  -9.730  1.00 21.26 ? 111 ARG A CG  1 
ATOM   830  C CD  . ARG A 1 111 ? -8.994  12.563  -9.542  1.00 23.17 ? 111 ARG A CD  1 
ATOM   831  N NE  . ARG A 1 111 ? -9.939  13.440  -8.849  1.00 23.91 ? 111 ARG A NE  1 
ATOM   832  C CZ  . ARG A 1 111 ? -11.031 13.967  -9.402  1.00 27.16 ? 111 ARG A CZ  1 
ATOM   833  N NH1 . ARG A 1 111 ? -11.337 13.710  -10.673 1.00 26.83 ? 111 ARG A NH1 1 
ATOM   834  N NH2 . ARG A 1 111 ? -11.819 14.764  -8.684  1.00 27.51 ? 111 ARG A NH2 1 
ATOM   835  N N   . ASP A 1 112 ? -12.405 9.046   -8.477  1.00 18.02 ? 112 ASP A N   1 
ATOM   836  C CA  . ASP A 1 112 ? -13.721 9.227   -9.071  1.00 19.85 ? 112 ASP A CA  1 
ATOM   837  C C   . ASP A 1 112 ? -14.029 10.704  -8.850  1.00 21.91 ? 112 ASP A C   1 
ATOM   838  O O   . ASP A 1 112 ? -13.231 11.418  -8.230  1.00 22.35 ? 112 ASP A O   1 
ATOM   839  C CB  . ASP A 1 112 ? -14.790 8.327   -8.428  1.00 19.01 ? 112 ASP A CB  1 
ATOM   840  C CG  . ASP A 1 112 ? -14.922 8.525   -6.938  1.00 19.45 ? 112 ASP A CG  1 
ATOM   841  O OD1 . ASP A 1 112 ? -14.708 9.657   -6.456  1.00 18.34 ? 112 ASP A OD1 1 
ATOM   842  O OD2 . ASP A 1 112 ? -15.265 7.541   -6.248  1.00 19.65 ? 112 ASP A OD2 1 
ATOM   843  N N   . ASP A 1 113 ? -15.170 11.170  -9.344  1.00 22.94 ? 113 ASP A N   1 
ATOM   844  C CA  . ASP A 1 113 ? -15.518 12.580  -9.214  1.00 25.04 ? 113 ASP A CA  1 
ATOM   845  C C   . ASP A 1 113 ? -15.792 13.096  -7.805  1.00 24.64 ? 113 ASP A C   1 
ATOM   846  O O   . ASP A 1 113 ? -15.863 14.304  -7.590  1.00 24.99 ? 113 ASP A O   1 
ATOM   847  C CB  . ASP A 1 113 ? -16.693 12.893  -10.137 1.00 28.36 ? 113 ASP A CB  1 
ATOM   848  C CG  . ASP A 1 113 ? -16.349 12.655  -11.593 1.00 31.88 ? 113 ASP A CG  1 
ATOM   849  O OD1 . ASP A 1 113 ? -15.305 13.182  -12.037 1.00 33.37 ? 113 ASP A OD1 1 
ATOM   850  O OD2 . ASP A 1 113 ? -17.110 11.949  -12.290 1.00 34.15 ? 113 ASP A OD2 1 
ATOM   851  N N   . GLU A 1 114 ? -15.937 12.190  -6.845  1.00 23.98 ? 114 GLU A N   1 
ATOM   852  C CA  . GLU A 1 114 ? -16.175 12.600  -5.466  1.00 24.32 ? 114 GLU A CA  1 
ATOM   853  C C   . GLU A 1 114 ? -14.848 12.698  -4.726  1.00 24.41 ? 114 GLU A C   1 
ATOM   854  O O   . GLU A 1 114 ? -14.813 12.942  -3.518  1.00 24.04 ? 114 GLU A O   1 
ATOM   855  C CB  . GLU A 1 114 ? -17.105 11.611  -4.760  1.00 25.55 ? 114 GLU A CB  1 
ATOM   856  C CG  . GLU A 1 114 ? -18.542 11.681  -5.254  1.00 27.86 ? 114 GLU A CG  1 
ATOM   857  C CD  . GLU A 1 114 ? -18.649 11.416  -6.740  1.00 29.68 ? 114 GLU A CD  1 
ATOM   858  O OE1 . GLU A 1 114 ? -18.370 10.269  -7.155  1.00 30.63 ? 114 GLU A OE1 1 
ATOM   859  O OE2 . GLU A 1 114 ? -19.000 12.351  -7.496  1.00 30.71 ? 114 GLU A OE2 1 
ATOM   860  N N   . GLY A 1 115 ? -13.756 12.507  -5.465  1.00 23.89 ? 115 GLY A N   1 
ATOM   861  C CA  . GLY A 1 115 ? -12.434 12.590  -4.874  1.00 22.60 ? 115 GLY A CA  1 
ATOM   862  C C   . GLY A 1 115 ? -11.950 11.302  -4.243  1.00 22.59 ? 115 GLY A C   1 
ATOM   863  O O   . GLY A 1 115 ? -10.821 11.244  -3.753  1.00 23.71 ? 115 GLY A O   1 
ATOM   864  N N   . ARG A 1 116 ? -12.792 10.270  -4.242  1.00 20.15 ? 116 ARG A N   1 
ATOM   865  C CA  . ARG A 1 116 ? -12.418 8.979   -3.667  1.00 18.48 ? 116 ARG A CA  1 
ATOM   866  C C   . ARG A 1 116 ? -11.304 8.330   -4.491  1.00 16.34 ? 116 ARG A C   1 
ATOM   867  O O   . ARG A 1 116 ? -11.350 8.333   -5.719  1.00 14.87 ? 116 ARG A O   1 
ATOM   868  C CB  . ARG A 1 116 ? -13.640 8.061   -3.600  1.00 19.51 ? 116 ARG A CB  1 
ATOM   869  C CG  . ARG A 1 116 ? -14.642 8.488   -2.537  1.00 22.94 ? 116 ARG A CG  1 
ATOM   870  C CD  . ARG A 1 116 ? -15.951 7.712   -2.619  1.00 26.74 ? 116 ARG A CD  1 
ATOM   871  N NE  . ARG A 1 116 ? -16.670 8.015   -3.853  1.00 30.08 ? 116 ARG A NE  1 
ATOM   872  C CZ  . ARG A 1 116 ? -17.980 8.231   -3.929  1.00 31.61 ? 116 ARG A CZ  1 
ATOM   873  N NH1 . ARG A 1 116 ? -18.734 8.179   -2.837  1.00 32.37 ? 116 ARG A NH1 1 
ATOM   874  N NH2 . ARG A 1 116 ? -18.535 8.510   -5.102  1.00 31.89 ? 116 ARG A NH2 1 
ATOM   875  N N   . LEU A 1 117 ? -10.310 7.772   -3.801  1.00 14.77 ? 117 LEU A N   1 
ATOM   876  C CA  . LEU A 1 117 ? -9.168  7.146   -4.461  1.00 13.74 ? 117 LEU A CA  1 
ATOM   877  C C   . LEU A 1 117 ? -9.136  5.625   -4.326  1.00 13.53 ? 117 LEU A C   1 
ATOM   878  O O   . LEU A 1 117 ? -9.520  5.064   -3.293  1.00 14.16 ? 117 LEU A O   1 
ATOM   879  C CB  . LEU A 1 117 ? -7.865  7.744   -3.911  1.00 14.04 ? 117 LEU A CB  1 
ATOM   880  C CG  . LEU A 1 117 ? -7.721  9.266   -4.080  1.00 16.35 ? 117 LEU A CG  1 
ATOM   881  C CD1 . LEU A 1 117 ? -6.484  9.768   -3.346  1.00 15.07 ? 117 LEU A CD1 1 
ATOM   882  C CD2 . LEU A 1 117 ? -7.645  9.608   -5.562  1.00 16.01 ? 117 LEU A CD2 1 
ATOM   883  N N   . TYR A 1 118 ? -8.674  4.965   -5.386  1.00 11.34 ? 118 TYR A N   1 
ATOM   884  C CA  . TYR A 1 118 ? -8.568  3.509   -5.418  1.00 11.59 ? 118 TYR A CA  1 
ATOM   885  C C   . TYR A 1 118 ? -7.217  3.126   -6.013  1.00 11.30 ? 118 TYR A C   1 
ATOM   886  O O   . TYR A 1 118 ? -6.757  3.735   -6.981  1.00 11.54 ? 118 TYR A O   1 
ATOM   887  C CB  . TYR A 1 118 ? -9.682  2.914   -6.277  1.00 13.41 ? 118 TYR A CB  1 
ATOM   888  C CG  . TYR A 1 118 ? -11.063 3.341   -5.855  1.00 17.36 ? 118 TYR A CG  1 
ATOM   889  C CD1 . TYR A 1 118 ? -11.755 2.656   -4.854  1.00 21.40 ? 118 TYR A CD1 1 
ATOM   890  C CD2 . TYR A 1 118 ? -11.680 4.439   -6.453  1.00 19.87 ? 118 TYR A CD2 1 
ATOM   891  C CE1 . TYR A 1 118 ? -13.039 3.054   -4.463  1.00 24.05 ? 118 TYR A CE1 1 
ATOM   892  C CE2 . TYR A 1 118 ? -12.956 4.848   -6.070  1.00 23.42 ? 118 TYR A CE2 1 
ATOM   893  C CZ  . TYR A 1 118 ? -13.630 4.151   -5.077  1.00 24.66 ? 118 TYR A CZ  1 
ATOM   894  O OH  . TYR A 1 118 ? -14.897 4.551   -4.716  1.00 27.83 ? 118 TYR A OH  1 
ATOM   895  N N   . TRP A 1 119 ? -6.584  2.118   -5.431  1.00 9.17  ? 119 TRP A N   1 
ATOM   896  C CA  . TRP A 1 119 ? -5.290  1.668   -5.917  1.00 8.18  ? 119 TRP A CA  1 
ATOM   897  C C   . TRP A 1 119 ? -5.493  0.807   -7.159  1.00 8.14  ? 119 TRP A C   1 
ATOM   898  O O   . TRP A 1 119 ? -6.210  -0.197  -7.122  1.00 8.03  ? 119 TRP A O   1 
ATOM   899  C CB  . TRP A 1 119 ? -4.572  0.878   -4.816  1.00 8.12  ? 119 TRP A CB  1 
ATOM   900  C CG  . TRP A 1 119 ? -4.179  1.745   -3.646  1.00 10.14 ? 119 TRP A CG  1 
ATOM   901  C CD1 . TRP A 1 119 ? -5.015  2.493   -2.857  1.00 9.50  ? 119 TRP A CD1 1 
ATOM   902  C CD2 . TRP A 1 119 ? -2.846  2.005   -3.177  1.00 10.08 ? 119 TRP A CD2 1 
ATOM   903  N NE1 . TRP A 1 119 ? -4.281  3.208   -1.931  1.00 11.27 ? 119 TRP A NE1 1 
ATOM   904  C CE2 . TRP A 1 119 ? -2.950  2.927   -2.106  1.00 9.66  ? 119 TRP A CE2 1 
ATOM   905  C CE3 . TRP A 1 119 ? -1.572  1.550   -3.560  1.00 9.54  ? 119 TRP A CE3 1 
ATOM   906  C CZ2 . TRP A 1 119 ? -1.826  3.407   -1.415  1.00 10.57 ? 119 TRP A CZ2 1 
ATOM   907  C CZ3 . TRP A 1 119 ? -0.452  2.031   -2.871  1.00 10.28 ? 119 TRP A CZ3 1 
ATOM   908  C CH2 . TRP A 1 119 ? -0.591  2.951   -1.810  1.00 9.32  ? 119 TRP A CH2 1 
ATOM   909  N N   . ARG A 1 120 ? -4.870  1.213   -8.262  1.00 7.04  ? 120 ARG A N   1 
ATOM   910  C CA  . ARG A 1 120 ? -4.969  0.486   -9.523  1.00 6.94  ? 120 ARG A CA  1 
ATOM   911  C C   . ARG A 1 120 ? -3.723  -0.362  -9.791  1.00 7.24  ? 120 ARG A C   1 
ATOM   912  O O   . ARG A 1 120 ? -3.809  -1.468  -10.327 1.00 7.31  ? 120 ARG A O   1 
ATOM   913  C CB  . ARG A 1 120 ? -5.171  1.473   -10.684 1.00 7.95  ? 120 ARG A CB  1 
ATOM   914  C CG  . ARG A 1 120 ? -4.997  0.864   -12.084 1.00 10.16 ? 120 ARG A CG  1 
ATOM   915  C CD  . ARG A 1 120 ? -6.019  -0.230  -12.370 1.00 12.39 ? 120 ARG A CD  1 
ATOM   916  N NE  . ARG A 1 120 ? -5.785  -0.889  -13.654 1.00 13.85 ? 120 ARG A NE  1 
ATOM   917  C CZ  . ARG A 1 120 ? -4.827  -1.783  -13.882 1.00 14.47 ? 120 ARG A CZ  1 
ATOM   918  N NH1 . ARG A 1 120 ? -3.996  -2.140  -12.914 1.00 15.99 ? 120 ARG A NH1 1 
ATOM   919  N NH2 . ARG A 1 120 ? -4.703  -2.332  -15.082 1.00 16.76 ? 120 ARG A NH2 1 
ATOM   920  N N   . HIS A 1 121 ? -2.560  0.163   -9.421  1.00 7.39  ? 121 HIS A N   1 
ATOM   921  C CA  . HIS A 1 121 ? -1.319  -0.555  -9.658  1.00 8.04  ? 121 HIS A CA  1 
ATOM   922  C C   . HIS A 1 121 ? -0.257  -0.149  -8.658  1.00 7.26  ? 121 HIS A C   1 
ATOM   923  O O   . HIS A 1 121 ? -0.235  0.991   -8.188  1.00 8.27  ? 121 HIS A O   1 
ATOM   924  C CB  . HIS A 1 121 ? -0.828  -0.264  -11.080 1.00 8.39  ? 121 HIS A CB  1 
ATOM   925  C CG  . HIS A 1 121 ? 0.371   -1.063  -11.487 1.00 10.77 ? 121 HIS A CG  1 
ATOM   926  N ND1 . HIS A 1 121 ? 1.638   -0.526  -11.550 1.00 12.93 ? 121 HIS A ND1 1 
ATOM   927  C CD2 . HIS A 1 121 ? 0.492   -2.357  -11.861 1.00 10.54 ? 121 HIS A CD2 1 
ATOM   928  C CE1 . HIS A 1 121 ? 2.488   -1.455  -11.949 1.00 10.40 ? 121 HIS A CE1 1 
ATOM   929  N NE2 . HIS A 1 121 ? 1.819   -2.576  -12.144 1.00 13.40 ? 121 HIS A NE2 1 
ATOM   930  N N   . LEU A 1 122 ? 0.621   -1.093  -8.338  1.00 7.60  ? 122 LEU A N   1 
ATOM   931  C CA  . LEU A 1 122 ? 1.716   -0.846  -7.412  1.00 7.66  ? 122 LEU A CA  1 
ATOM   932  C C   . LEU A 1 122 ? 2.897   -1.734  -7.754  1.00 8.47  ? 122 LEU A C   1 
ATOM   933  O O   . LEU A 1 122 ? 2.735   -2.933  -7.958  1.00 8.60  ? 122 LEU A O   1 
ATOM   934  C CB  . LEU A 1 122 ? 1.288   -1.140  -5.965  1.00 8.90  ? 122 LEU A CB  1 
ATOM   935  C CG  . LEU A 1 122 ? 2.413   -1.113  -4.916  1.00 9.96  ? 122 LEU A CG  1 
ATOM   936  C CD1 . LEU A 1 122 ? 3.028   0.282   -4.851  1.00 9.84  ? 122 LEU A CD1 1 
ATOM   937  C CD2 . LEU A 1 122 ? 1.870   -1.518  -3.549  1.00 9.29  ? 122 LEU A CD2 1 
ATOM   938  N N   . GLN A 1 123 ? 4.080   -1.135  -7.830  1.00 7.66  ? 123 GLN A N   1 
ATOM   939  C CA  . GLN A 1 123 ? 5.305   -1.889  -8.084  1.00 8.26  ? 123 GLN A CA  1 
ATOM   940  C C   . GLN A 1 123 ? 6.339   -1.462  -7.044  1.00 7.58  ? 123 GLN A C   1 
ATOM   941  O O   . GLN A 1 123 ? 6.501   -0.265  -6.772  1.00 7.68  ? 123 GLN A O   1 
ATOM   942  C CB  . GLN A 1 123 ? 5.873   -1.639  -9.487  1.00 8.34  ? 123 GLN A CB  1 
ATOM   943  C CG  . GLN A 1 123 ? 7.159   -2.443  -9.706  1.00 8.32  ? 123 GLN A CG  1 
ATOM   944  C CD  . GLN A 1 123 ? 7.581   -2.552  -11.153 1.00 8.26  ? 123 GLN A CD  1 
ATOM   945  O OE1 . GLN A 1 123 ? 6.782   -2.341  -12.067 1.00 10.96 ? 123 GLN A OE1 1 
ATOM   946  N NE2 . GLN A 1 123 ? 8.841   -2.910  -11.372 1.00 8.79  ? 123 GLN A NE2 1 
ATOM   947  N N   . GLU A 1 124 ? 7.027   -2.442  -6.468  1.00 5.97  ? 124 GLU A N   1 
ATOM   948  C CA  . GLU A 1 124 ? 8.035   -2.181  -5.448  1.00 6.74  ? 124 GLU A CA  1 
ATOM   949  C C   . GLU A 1 124 ? 9.364   -2.836  -5.825  1.00 8.03  ? 124 GLU A C   1 
ATOM   950  O O   . GLU A 1 124 ? 9.392   -3.890  -6.471  1.00 7.56  ? 124 GLU A O   1 
ATOM   951  C CB  . GLU A 1 124 ? 7.567   -2.734  -4.092  1.00 8.95  ? 124 GLU A CB  1 
ATOM   952  C CG  . GLU A 1 124 ? 6.185   -2.249  -3.642  1.00 9.69  ? 124 GLU A CG  1 
ATOM   953  C CD  . GLU A 1 124 ? 5.732   -2.879  -2.323  1.00 12.80 ? 124 GLU A CD  1 
ATOM   954  O OE1 . GLU A 1 124 ? 6.183   -4.001  -2.007  1.00 14.04 ? 124 GLU A OE1 1 
ATOM   955  O OE2 . GLU A 1 124 ? 4.912   -2.261  -1.608  1.00 13.39 ? 124 GLU A OE2 1 
ATOM   956  N N   . THR A 1 125 ? 10.459  -2.201  -5.416  1.00 7.64  ? 125 THR A N   1 
ATOM   957  C CA  . THR A 1 125 ? 11.802  -2.711  -5.673  1.00 8.22  ? 125 THR A CA  1 
ATOM   958  C C   . THR A 1 125 ? 12.623  -2.557  -4.390  1.00 8.50  ? 125 THR A C   1 
ATOM   959  O O   . THR A 1 125 ? 12.714  -1.469  -3.827  1.00 8.57  ? 125 THR A O   1 
ATOM   960  C CB  . THR A 1 125 ? 12.503  -1.925  -6.805  1.00 8.08  ? 125 THR A CB  1 
ATOM   961  O OG1 . THR A 1 125 ? 11.701  -1.966  -7.992  1.00 7.91  ? 125 THR A OG1 1 
ATOM   962  C CG2 . THR A 1 125 ? 13.870  -2.528  -7.100  1.00 8.50  ? 125 THR A CG2 1 
ATOM   963  N N   . PHE A 1 126 ? 13.204  -3.663  -3.940  1.00 10.02 ? 126 PHE A N   1 
ATOM   964  C CA  . PHE A 1 126 ? 14.021  -3.729  -2.725  1.00 11.98 ? 126 PHE A CA  1 
ATOM   965  C C   . PHE A 1 126 ? 15.307  -2.889  -2.844  1.00 12.54 ? 126 PHE A C   1 
ATOM   966  O O   . PHE A 1 126 ? 15.899  -2.801  -3.918  1.00 11.64 ? 126 PHE A O   1 
ATOM   967  C CB  . PHE A 1 126 ? 14.366  -5.203  -2.480  1.00 13.73 ? 126 PHE A CB  1 
ATOM   968  C CG  . PHE A 1 126 ? 15.167  -5.466  -1.239  1.00 17.28 ? 126 PHE A CG  1 
ATOM   969  C CD1 . PHE A 1 126 ? 14.537  -5.616  -0.007  1.00 18.75 ? 126 PHE A CD1 1 
ATOM   970  C CD2 . PHE A 1 126 ? 16.552  -5.613  -1.311  1.00 18.49 ? 126 PHE A CD2 1 
ATOM   971  C CE1 . PHE A 1 126 ? 15.275  -5.914  1.141   1.00 19.97 ? 126 PHE A CE1 1 
ATOM   972  C CE2 . PHE A 1 126 ? 17.305  -5.910  -0.174  1.00 18.83 ? 126 PHE A CE2 1 
ATOM   973  C CZ  . PHE A 1 126 ? 16.665  -6.063  1.057   1.00 21.98 ? 126 PHE A CZ  1 
ATOM   974  N N   . CYS A 1 127 ? 15.727  -2.264  -1.748  1.00 12.33 ? 127 CYS A N   1 
ATOM   975  C CA  . CYS A 1 127 ? 16.954  -1.466  -1.754  1.00 14.83 ? 127 CYS A CA  1 
ATOM   976  C C   . CYS A 1 127 ? 17.979  -2.109  -0.824  1.00 15.98 ? 127 CYS A C   1 
ATOM   977  O O   . CYS A 1 127 ? 17.615  -2.848  0.089   1.00 17.06 ? 127 CYS A O   1 
ATOM   978  C CB  . CYS A 1 127 ? 16.692  -0.042  -1.249  1.00 15.92 ? 127 CYS A CB  1 
ATOM   979  S SG  . CYS A 1 127 ? 15.525  0.931   -2.212  1.00 20.43 ? 127 CYS A SG  1 
ATOM   980  N N   . GLY A 1 128 ? 19.257  -1.828  -1.066  1.00 17.81 ? 128 GLY A N   1 
ATOM   981  C CA  . GLY A 1 128 ? 20.315  -2.339  -0.206  1.00 19.16 ? 128 GLY A CA  1 
ATOM   982  C C   . GLY A 1 128 ? 20.927  -3.695  -0.504  1.00 20.53 ? 128 GLY A C   1 
ATOM   983  O O   . GLY A 1 128 ? 21.754  -4.140  0.319   1.00 21.98 ? 128 GLY A O   1 
ATOM   984  O OXT . GLY A 1 128 ? 20.605  -4.311  -1.545  1.00 21.64 ? 128 GLY A OXT 1 
HETATM 985  O O   . HOH B 2 .   ? 4.923   0.439   -1.184  1.00 9.60  ? 525 HOH A O   1 
HETATM 986  O O   . HOH B 2 .   ? -1.345  -15.882 10.288  1.00 11.75 ? 526 HOH A O   1 
HETATM 987  O O   . HOH B 2 .   ? -8.459  0.883   5.536   1.00 10.67 ? 527 HOH A O   1 
HETATM 988  O O   . HOH B 2 .   ? 13.345  -5.933  -5.676  1.00 10.25 ? 528 HOH A O   1 
HETATM 989  O O   . HOH B 2 .   ? -7.131  -17.819 -5.296  1.00 13.18 ? 529 HOH A O   1 
HETATM 990  O O   . HOH B 2 .   ? 0.335   14.625  -16.009 1.00 14.40 ? 530 HOH A O   1 
HETATM 991  O O   . HOH B 2 .   ? 10.171  -1.499  3.081   1.00 15.32 ? 531 HOH A O   1 
HETATM 992  O O   . HOH B 2 .   ? -5.688  -14.536 -6.982  1.00 13.64 ? 532 HOH A O   1 
HETATM 993  O O   . HOH B 2 .   ? -5.974  -1.919  9.380   1.00 12.55 ? 533 HOH A O   1 
HETATM 994  O O   . HOH B 2 .   ? -7.540  10.749  -17.879 1.00 13.71 ? 534 HOH A O   1 
HETATM 995  O O   . HOH B 2 .   ? -7.255  -7.506  -9.405  1.00 13.86 ? 535 HOH A O   1 
HETATM 996  O O   . HOH B 2 .   ? -4.505  7.123   -12.737 1.00 12.41 ? 536 HOH A O   1 
HETATM 997  O O   . HOH B 2 .   ? -8.299  2.163   -13.125 1.00 37.21 ? 537 HOH A O   1 
HETATM 998  O O   . HOH B 2 .   ? -1.965  8.292   -13.565 1.00 14.99 ? 538 HOH A O   1 
HETATM 999  O O   . HOH B 2 .   ? -13.505 -4.616  -1.776  1.00 10.56 ? 539 HOH A O   1 
HETATM 1000 O O   . HOH B 2 .   ? -8.121  -1.389  7.592   1.00 15.12 ? 540 HOH A O   1 
HETATM 1001 O O   . HOH B 2 .   ? -8.550  -10.247 -8.053  1.00 14.04 ? 541 HOH A O   1 
HETATM 1002 O O   . HOH B 2 .   ? 6.241   -11.860 -3.465  1.00 14.76 ? 542 HOH A O   1 
HETATM 1003 O O   . HOH B 2 .   ? -0.683  -13.555 13.821  1.00 22.73 ? 543 HOH A O   1 
HETATM 1004 O O   . HOH B 2 .   ? 0.276   -0.493  14.746  1.00 20.65 ? 544 HOH A O   1 
HETATM 1005 O O   . HOH B 2 .   ? -7.182  -14.579 -9.390  1.00 23.35 ? 545 HOH A O   1 
HETATM 1006 O O   . HOH B 2 .   ? -4.992  -13.132 9.935   1.00 17.38 ? 546 HOH A O   1 
HETATM 1007 O O   . HOH B 2 .   ? 16.177  -3.160  2.400   1.00 18.12 ? 547 HOH A O   1 
HETATM 1008 O O   . HOH B 2 .   ? 1.760   -5.239  17.541  1.00 22.07 ? 548 HOH A O   1 
HETATM 1009 O O   . HOH B 2 .   ? -5.934  11.057  -15.420 1.00 18.23 ? 549 HOH A O   1 
HETATM 1010 O O   . HOH B 2 .   ? -11.779 10.217  -18.425 1.00 16.87 ? 550 HOH A O   1 
HETATM 1011 O O   . HOH B 2 .   ? -8.759  -12.182 -1.438  1.00 22.71 ? 551 HOH A O   1 
HETATM 1012 O O   . HOH B 2 .   ? 16.977  -4.725  -5.472  1.00 24.11 ? 552 HOH A O   1 
HETATM 1013 O O   . HOH B 2 .   ? 4.602   -8.336  5.211   1.00 24.66 ? 553 HOH A O   1 
HETATM 1014 O O   . HOH B 2 .   ? 4.856   -3.777  -13.576 1.00 16.62 ? 554 HOH A O   1 
HETATM 1015 O O   . HOH B 2 .   ? -6.904  5.559   -13.624 1.00 34.18 ? 555 HOH A O   1 
HETATM 1016 O O   . HOH B 2 .   ? -6.802  11.403  0.296   1.00 19.15 ? 556 HOH A O   1 
HETATM 1017 O O   . HOH B 2 .   ? -0.136  16.854  -15.272 1.00 29.90 ? 557 HOH A O   1 
HETATM 1018 O O   . HOH B 2 .   ? -5.661  14.543  -10.402 1.00 18.57 ? 558 HOH A O   1 
HETATM 1019 O O   . HOH B 2 .   ? 19.080  -4.061  -3.853  1.00 23.79 ? 559 HOH A O   1 
HETATM 1020 O O   . HOH B 2 .   ? -6.616  14.958  -17.380 1.00 20.26 ? 560 HOH A O   1 
HETATM 1021 O O   . HOH B 2 .   ? 23.108  -4.636  -2.304  1.00 21.50 ? 561 HOH A O   1 
HETATM 1022 O O   . HOH B 2 .   ? 6.663   11.918  4.178   1.00 22.90 ? 562 HOH A O   1 
HETATM 1023 O O   . HOH B 2 .   ? -5.543  4.593   8.130   1.00 19.69 ? 563 HOH A O   1 
HETATM 1024 O O   . HOH B 2 .   ? -12.582 8.858   -13.025 1.00 19.18 ? 564 HOH A O   1 
HETATM 1025 O O   . HOH B 2 .   ? -12.582 -7.895  7.499   1.00 24.99 ? 565 HOH A O   1 
HETATM 1026 O O   . HOH B 2 .   ? -10.632 -8.009  9.684   1.00 33.21 ? 566 HOH A O   1 
HETATM 1027 O O   . HOH B 2 .   ? 4.738   -6.061  -0.731  1.00 30.15 ? 567 HOH A O   1 
HETATM 1028 O O   . HOH B 2 .   ? 20.035  -0.296  -3.363  1.00 22.02 ? 568 HOH A O   1 
HETATM 1029 O O   . HOH B 2 .   ? 10.101  2.153   9.834   1.00 22.66 ? 569 HOH A O   1 
HETATM 1030 O O   . HOH B 2 .   ? -13.166 -5.679  -5.867  1.00 21.21 ? 570 HOH A O   1 
HETATM 1031 O O   . HOH B 2 .   ? -10.629 -8.499  -8.461  1.00 25.73 ? 571 HOH A O   1 
HETATM 1032 O O   . HOH B 2 .   ? -8.031  -18.864 -1.412  1.00 26.86 ? 572 HOH A O   1 
HETATM 1033 O O   . HOH B 2 .   ? 6.750   -12.890 -12.265 1.00 31.11 ? 573 HOH A O   1 
HETATM 1034 O O   . HOH B 2 .   ? -11.768 1.546   2.893   1.00 30.33 ? 574 HOH A O   1 
HETATM 1035 O O   . HOH B 2 .   ? -6.831  -0.785  11.735  1.00 28.98 ? 575 HOH A O   1 
HETATM 1036 O O   . HOH B 2 .   ? 15.791  7.341   6.154   1.00 19.59 ? 576 HOH A O   1 
HETATM 1037 O O   . HOH B 2 .   ? -6.986  9.106   1.661   1.00 27.70 ? 577 HOH A O   1 
HETATM 1038 O O   . HOH B 2 .   ? 7.494   14.794  -0.944  1.00 35.10 ? 578 HOH A O   1 
HETATM 1039 O O   . HOH B 2 .   ? -8.011  7.492   4.295   1.00 32.02 ? 579 HOH A O   1 
HETATM 1040 O O   . HOH B 2 .   ? -12.962 -1.205  -8.695  1.00 21.77 ? 580 HOH A O   1 
HETATM 1041 O O   . HOH B 2 .   ? -4.404  -7.783  12.565  1.00 24.01 ? 581 HOH A O   1 
HETATM 1042 O O   . HOH B 2 .   ? -5.168  -5.931  -13.535 1.00 31.33 ? 582 HOH A O   1 
HETATM 1043 O O   . HOH B 2 .   ? 2.616   -0.769  15.163  1.00 29.55 ? 583 HOH A O   1 
HETATM 1044 O O   . HOH B 2 .   ? -0.195  5.962   13.081  1.00 38.53 ? 584 HOH A O   1 
HETATM 1045 O O   . HOH B 2 .   ? -11.531 16.086  -6.121  1.00 38.75 ? 585 HOH A O   1 
HETATM 1046 O O   . HOH B 2 .   ? 3.975   -2.403  0.978   1.00 30.11 ? 586 HOH A O   1 
HETATM 1047 O O   . HOH B 2 .   ? 8.539   -4.605  16.620  1.00 34.10 ? 587 HOH A O   1 
HETATM 1048 O O   . HOH B 2 .   ? 3.279   -1.609  3.230   1.00 32.25 ? 588 HOH A O   1 
HETATM 1049 O O   . HOH B 2 .   ? -6.184  16.907  0.734   1.00 34.91 ? 589 HOH A O   1 
HETATM 1050 O O   . HOH B 2 .   ? 11.270  12.175  -4.923  1.00 34.75 ? 590 HOH A O   1 
HETATM 1051 O O   . HOH B 2 .   ? 1.873   -15.250 -8.550  1.00 36.19 ? 591 HOH A O   1 
HETATM 1052 O O   . HOH B 2 .   ? 2.290   3.905   9.621   1.00 47.96 ? 592 HOH A O   1 
HETATM 1053 O O   . HOH B 2 .   ? -3.407  12.399  7.698   1.00 33.23 ? 593 HOH A O   1 
HETATM 1054 O O   . HOH B 2 .   ? 10.149  13.026  2.065   1.00 31.58 ? 594 HOH A O   1 
HETATM 1055 O O   . HOH B 2 .   ? 16.434  -6.112  4.459   1.00 48.95 ? 595 HOH A O   1 
HETATM 1056 O O   . HOH B 2 .   ? 10.925  -7.523  9.273   1.00 35.40 ? 596 HOH A O   1 
HETATM 1057 O O   . HOH B 2 .   ? -4.416  -16.486 -5.535  1.00 40.01 ? 597 HOH A O   1 
HETATM 1058 O O   . HOH B 2 .   ? 11.273  8.202   -4.034  1.00 29.94 ? 598 HOH A O   1 
HETATM 1059 O O   . HOH B 2 .   ? 0.158   -9.619  16.758  1.00 39.00 ? 599 HOH A O   1 
HETATM 1060 O O   . HOH B 2 .   ? -5.998  2.721   10.450  1.00 35.98 ? 600 HOH A O   1 
HETATM 1061 O O   . HOH B 2 .   ? 10.776  -5.726  6.148   1.00 41.18 ? 601 HOH A O   1 
HETATM 1062 O O   . HOH B 2 .   ? -14.768 16.351  -8.954  1.00 33.34 ? 602 HOH A O   1 
HETATM 1063 O O   . HOH B 2 .   ? 13.785  -2.551  14.229  1.00 30.98 ? 603 HOH A O   1 
HETATM 1064 O O   . HOH B 2 .   ? 8.108   -7.861  15.231  1.00 29.68 ? 604 HOH A O   1 
HETATM 1065 O O   . HOH B 2 .   ? 5.970   15.850  -6.426  1.00 27.25 ? 605 HOH A O   1 
HETATM 1066 O O   . HOH B 2 .   ? -3.916  3.299   13.998  1.00 36.24 ? 606 HOH A O   1 
HETATM 1067 O O   . HOH B 2 .   ? -17.534 9.316   -9.656  1.00 36.55 ? 607 HOH A O   1 
HETATM 1068 O O   . HOH B 2 .   ? -0.894  16.884  -4.835  1.00 38.52 ? 608 HOH A O   1 
HETATM 1069 O O   . HOH B 2 .   ? -8.795  -3.314  -16.306 1.00 49.36 ? 609 HOH A O   1 
HETATM 1070 O O   . HOH B 2 .   ? 2.214   -13.133 15.788  1.00 32.26 ? 610 HOH A O   1 
HETATM 1071 O O   . HOH B 2 .   ? -0.628  14.666  3.067   1.00 39.16 ? 611 HOH A O   1 
HETATM 1072 O O   . HOH B 2 .   ? 10.451  11.925  -9.477  1.00 23.41 ? 612 HOH A O   1 
HETATM 1073 O O   . HOH B 2 .   ? -7.504  -14.160 10.323  1.00 36.86 ? 613 HOH A O   1 
HETATM 1074 O O   . HOH B 2 .   ? -10.088 0.805   -11.824 1.00 37.03 ? 614 HOH A O   1 
HETATM 1075 O O   . HOH B 2 .   ? -10.529 4.651   -15.019 1.00 36.91 ? 615 HOH A O   1 
HETATM 1076 O O   . HOH B 2 .   ? -17.503 14.434  -14.106 1.00 34.77 ? 616 HOH A O   1 
HETATM 1077 O O   . HOH B 2 .   ? 1.820   8.191   7.982   1.00 28.72 ? 617 HOH A O   1 
HETATM 1078 O O   . HOH B 2 .   ? 1.303   -9.929  19.162  1.00 23.74 ? 618 HOH A O   1 
HETATM 1079 O O   . HOH B 2 .   ? -4.996  7.121   8.670   1.00 24.17 ? 619 HOH A O   1 
HETATM 1080 O O   . HOH B 2 .   ? -3.317  17.002  2.183   1.00 28.20 ? 620 HOH A O   1 
HETATM 1081 O O   . HOH B 2 .   ? -1.018  8.039   11.691  1.00 25.05 ? 621 HOH A O   1 
HETATM 1082 O O   . HOH B 2 .   ? 7.389   -14.317 -3.275  1.00 30.51 ? 622 HOH A O   1 
HETATM 1083 O O   . HOH B 2 .   ? 1.609   16.411  -13.459 1.00 32.48 ? 623 HOH A O   1 
HETATM 1084 O O   . HOH B 2 .   ? -5.273  8.714   -14.701 1.00 30.47 ? 624 HOH A O   1 
HETATM 1085 O O   . HOH B 2 .   ? -1.004  17.732  3.186   1.00 33.78 ? 625 HOH A O   1 
HETATM 1086 O O   . HOH B 2 .   ? -8.125  4.528   7.298   1.00 36.50 ? 626 HOH A O   1 
HETATM 1087 O O   . HOH B 2 .   ? 11.677  7.247   -6.872  1.00 39.09 ? 627 HOH A O   1 
HETATM 1088 O O   . HOH B 2 .   ? -1.659  -14.736 -2.201  1.00 36.92 ? 628 HOH A O   1 
HETATM 1089 O O   . HOH B 2 .   ? -8.720  4.376   -0.712  1.00 33.42 ? 629 HOH A O   1 
HETATM 1090 O O   . HOH B 2 .   ? 1.785   5.560   15.240  1.00 34.65 ? 630 HOH A O   1 
HETATM 1091 O O   . HOH B 2 .   ? 0.174   -16.140 12.486  1.00 33.20 ? 631 HOH A O   1 
HETATM 1092 O O   . HOH B 2 .   ? 17.583  -1.956  5.495   1.00 42.22 ? 632 HOH A O   1 
HETATM 1093 O O   . HOH B 2 .   ? -16.722 5.684   -7.610  1.00 41.06 ? 633 HOH A O   1 
HETATM 1094 O O   . HOH B 2 .   ? -10.832 2.608   5.078   1.00 41.48 ? 634 HOH A O   1 
HETATM 1095 O O   . HOH B 2 .   ? -10.276 7.715   -0.583  1.00 35.30 ? 635 HOH A O   1 
HETATM 1096 O O   . HOH B 2 .   ? -4.272  15.980  -4.092  1.00 39.47 ? 636 HOH A O   1 
HETATM 1097 O O   . HOH B 2 .   ? 8.539   -4.385  19.337  1.00 44.93 ? 637 HOH A O   1 
HETATM 1098 O O   . HOH B 2 .   ? -8.038  18.471  1.683   1.00 44.54 ? 638 HOH A O   1 
HETATM 1099 O O   . HOH B 2 .   ? 6.099   -13.054 -14.863 1.00 41.04 ? 639 HOH A O   1 
HETATM 1100 O O   . HOH B 2 .   ? 4.203   -10.247 3.328   1.00 48.40 ? 640 HOH A O   1 
HETATM 1101 O O   . HOH B 2 .   ? 15.792  4.883   7.768   1.00 37.90 ? 641 HOH A O   1 
HETATM 1102 O O   . HOH B 2 .   ? 2.704   -1.294  17.822  1.00 49.70 ? 642 HOH A O   1 
HETATM 1103 O O   . HOH B 2 .   ? 9.929   4.526   11.188  1.00 37.87 ? 643 HOH A O   1 
HETATM 1104 O O   . HOH B 2 .   ? -0.784  12.789  5.018   1.00 36.72 ? 644 HOH A O   1 
HETATM 1105 O O   . HOH B 2 .   ? 11.140  -4.926  8.791   1.00 43.20 ? 645 HOH A O   1 
HETATM 1106 O O   . HOH B 2 .   ? -0.185  18.145  -11.883 1.00 39.01 ? 646 HOH A O   1 
HETATM 1107 O O   . HOH B 2 .   ? -3.641  1.453   15.997  1.00 40.56 ? 647 HOH A O   1 
HETATM 1108 O O   . HOH B 2 .   ? -12.589 -8.268  -5.495  1.00 39.73 ? 648 HOH A O   1 
HETATM 1109 O O   . HOH B 2 .   ? -9.796  -13.116 3.532   1.00 45.70 ? 649 HOH A O   1 
HETATM 1110 O O   . HOH B 2 .   ? -5.765  18.274  -1.684  1.00 36.75 ? 650 HOH A O   1 
HETATM 1111 O O   . HOH B 2 .   ? -9.113  12.539  2.957   1.00 38.73 ? 651 HOH A O   1 
HETATM 1112 O O   . HOH B 2 .   ? -0.859  11.337  7.215   1.00 47.50 ? 652 HOH A O   1 
HETATM 1113 O O   . HOH B 2 .   ? -17.430 16.443  -10.717 1.00 46.84 ? 653 HOH A O   1 
HETATM 1114 O O   . HOH B 2 .   ? 3.616   -4.535  2.924   1.00 41.47 ? 654 HOH A O   1 
HETATM 1115 O O   . HOH B 2 .   ? -8.911  13.295  -4.376  1.00 50.39 ? 655 HOH A O   1 
HETATM 1116 O O   . HOH B 2 .   ? 15.346  -0.505  12.556  1.00 49.92 ? 656 HOH A O   1 
HETATM 1117 O O   . HOH B 2 .   ? 5.064   15.045  0.710   1.00 43.22 ? 657 HOH A O   1 
HETATM 1118 O O   . HOH B 2 .   ? -15.143 11.864  -0.695  1.00 47.00 ? 658 HOH A O   1 
HETATM 1119 O O   . HOH B 2 .   ? 1.417   -2.692  -0.098  1.00 39.09 ? 659 HOH A O   1 
HETATM 1120 O O   . HOH B 2 .   ? 13.420  10.565  1.218   1.00 39.61 ? 660 HOH A O   1 
HETATM 1121 O O   . HOH B 2 .   ? -7.005  1.402   -15.482 1.00 40.12 ? 661 HOH A O   1 
HETATM 1122 O O   . HOH B 2 .   ? -12.835 -10.537 7.339   1.00 43.03 ? 662 HOH A O   1 
HETATM 1123 O O   . HOH B 2 .   ? -11.548 1.973   -9.598  1.00 49.99 ? 663 HOH A O   1 
HETATM 1124 O O   . HOH B 2 .   ? -12.599 2.443   0.329   1.00 41.45 ? 664 HOH A O   1 
HETATM 1125 O O   . HOH B 2 .   ? 7.244   15.943  -9.395  1.00 44.72 ? 665 HOH A O   1 
HETATM 1126 O O   . HOH B 2 .   ? -15.064 -2.317  -10.113 1.00 43.84 ? 666 HOH A O   1 
HETATM 1127 O O   . HOH B 2 .   ? -11.277 -7.584  12.273  1.00 48.08 ? 667 HOH A O   1 
# 
